data_1J1G
# 
_entry.id   1J1G 
# 
_audit_conform.dict_name       mmcif_pdbx.dic 
_audit_conform.dict_version    5.398 
_audit_conform.dict_location   http://mmcif.pdb.org/dictionaries/ascii/mmcif_pdbx.dic 
# 
loop_
_database_2.database_id 
_database_2.database_code 
_database_2.pdbx_database_accession 
_database_2.pdbx_DOI 
PDB   1J1G         pdb_00001j1g 10.2210/pdb1j1g/pdb 
RCSB  RCSB005510   ?            ?                   
WWPDB D_1000005510 ?            ?                   
# 
loop_
_pdbx_audit_revision_history.ordinal 
_pdbx_audit_revision_history.data_content_type 
_pdbx_audit_revision_history.major_revision 
_pdbx_audit_revision_history.minor_revision 
_pdbx_audit_revision_history.revision_date 
1 'Structure model' 1 0 2003-05-20 
2 'Structure model' 1 1 2008-04-27 
3 'Structure model' 1 2 2011-07-13 
4 'Structure model' 1 3 2017-10-04 
5 'Structure model' 1 4 2021-11-10 
6 'Structure model' 1 5 2023-10-25 
7 'Structure model' 1 6 2024-11-13 
# 
_pdbx_audit_revision_details.ordinal             1 
_pdbx_audit_revision_details.revision_ordinal    1 
_pdbx_audit_revision_details.data_content_type   'Structure model' 
_pdbx_audit_revision_details.provider            repository 
_pdbx_audit_revision_details.type                'Initial release' 
_pdbx_audit_revision_details.description         ? 
_pdbx_audit_revision_details.details             ? 
# 
loop_
_pdbx_audit_revision_group.ordinal 
_pdbx_audit_revision_group.revision_ordinal 
_pdbx_audit_revision_group.data_content_type 
_pdbx_audit_revision_group.group 
1 2 'Structure model' 'Version format compliance' 
2 3 'Structure model' 'Version format compliance' 
3 4 'Structure model' 'Refinement description'    
4 5 'Structure model' 'Database references'       
5 5 'Structure model' 'Derived calculations'      
6 6 'Structure model' 'Data collection'           
7 6 'Structure model' 'Refinement description'    
8 7 'Structure model' 'Structure summary'         
# 
loop_
_pdbx_audit_revision_category.ordinal 
_pdbx_audit_revision_category.revision_ordinal 
_pdbx_audit_revision_category.data_content_type 
_pdbx_audit_revision_category.category 
1 4 'Structure model' software                      
2 5 'Structure model' database_2                    
3 5 'Structure model' struct_ref_seq_dif            
4 5 'Structure model' struct_site                   
5 6 'Structure model' chem_comp_atom                
6 6 'Structure model' chem_comp_bond                
7 6 'Structure model' pdbx_initial_refinement_model 
8 7 'Structure model' pdbx_entry_details            
9 7 'Structure model' pdbx_modification_feature     
# 
loop_
_pdbx_audit_revision_item.ordinal 
_pdbx_audit_revision_item.revision_ordinal 
_pdbx_audit_revision_item.data_content_type 
_pdbx_audit_revision_item.item 
1 4 'Structure model' '_software.name'                      
2 5 'Structure model' '_database_2.pdbx_DOI'                
3 5 'Structure model' '_database_2.pdbx_database_accession' 
4 5 'Structure model' '_struct_ref_seq_dif.details'         
5 5 'Structure model' '_struct_site.pdbx_auth_asym_id'      
6 5 'Structure model' '_struct_site.pdbx_auth_comp_id'      
7 5 'Structure model' '_struct_site.pdbx_auth_seq_id'       
# 
_pdbx_database_status.status_code                     REL 
_pdbx_database_status.entry_id                        1J1G 
_pdbx_database_status.recvd_initial_deposition_date   2002-12-04 
_pdbx_database_status.deposit_site                    PDBJ 
_pdbx_database_status.process_site                    PDBJ 
_pdbx_database_status.status_code_sf                  REL 
_pdbx_database_status.SG_entry                        . 
_pdbx_database_status.pdb_format_compatible           Y 
_pdbx_database_status.status_code_mr                  ? 
_pdbx_database_status.status_code_cs                  ? 
_pdbx_database_status.methods_development_category    ? 
_pdbx_database_status.status_code_nmr_data            ? 
# 
loop_
_pdbx_database_related.db_name 
_pdbx_database_related.db_id 
_pdbx_database_related.details 
_pdbx_database_related.content_type 
PDB 1BK7 'RIBONUCLEASE MC1 FROM THE SEEDS OF BITTER GOURD'  unspecified 
PDB 1J1F 
;the RNase MC1 mutant N71T in complex with 5'-GMP
;
unspecified 
# 
loop_
_audit_author.name 
_audit_author.pdbx_ordinal 
'Numata, T.'  1 
'Suzuki, A.'  2 
'Kakuta, Y.'  3 
'Kimura, K.'  4 
'Yao, M.'     5 
'Tanaka, I.'  6 
'Yoshida, Y.' 7 
'Ueda, T.'    8 
'Kimura, M.'  9 
# 
loop_
_citation.id 
_citation.title 
_citation.journal_abbrev 
_citation.journal_volume 
_citation.page_first 
_citation.page_last 
_citation.year 
_citation.journal_id_ASTM 
_citation.country 
_citation.journal_id_ISSN 
_citation.journal_id_CSD 
_citation.book_publisher 
_citation.pdbx_database_id_PubMed 
_citation.pdbx_database_id_DOI 
primary 
;Crystal Structures of the Ribonuclease MC1 Mutants N71T and N71S in Complex with 5'-GMP: Structural Basis for Alterations in Substrate Specificity
;
Biochemistry                42   5270 5278 2003 BICHAW US 0006-2960 0033 ? 12731868 10.1021/bi034103g               
1       'Crystal structure of a ribonuclease from the seeds of bitter gourd (Momordica charantia) at 1.75 A resolution' 
BIOCHIM.BIOPHYS.ACTA        1433 253  260  1999 BBACAQ NE 0006-3002 0113 ? ?        '10.1016/S0167-4838(99)00126-0' 
2       
;Crystal structures of the ribonuclease MC1 from bitter gourd seeds, complexed with 2'-UMP or 3'-UMP, reveal structural basis for uridine specificity
;
Biochem.Biophys.Res.Commun. 275  572  576  2000 BBRCA9 US 0006-291X 0146 ? ?        10.1006/bbrc.2000.3318          
3       'Amino acid residues in ribonuclease MC1 from bitter gourd seeds which are essential for uridine specificity' BIOCHEMISTRY 
40   524  530  2001 BICHAW US 0006-2960 0033 ? ?        10.1021/bi002096f               
# 
loop_
_citation_author.citation_id 
_citation_author.name 
_citation_author.ordinal 
_citation_author.identifier_ORCID 
primary 'Numata, T.'    1  ? 
primary 'Suzuki, A.'    2  ? 
primary 'Kakuta, Y.'    3  ? 
primary 'Kimura, K.'    4  ? 
primary 'Yao, M.'       5  ? 
primary 'Tanaka, I.'    6  ? 
primary 'Yoshida, Y.'   7  ? 
primary 'Ueda, T.'      8  ? 
primary 'Kimura, M.'    9  ? 
1       'Nakagawa, A.'  10 ? 
1       'Tanaka, I.'    11 ? 
1       'Sakai, R.'     12 ? 
1       'Nakashima, T.' 13 ? 
1       'Funatsu, G.'   14 ? 
1       'Kimura, M.'    15 ? 
2       'Suzuki, A.'    16 ? 
2       'Yao, M.'       17 ? 
2       'Tanaka, I.'    18 ? 
2       'Numata, T.'    19 ? 
2       'Kikukawa, S.'  20 ? 
2       'Yamasaki, N.'  21 ? 
2       'Kimura, M.'    22 ? 
3       'Numata, T.'    23 ? 
3       'Suzuki, A.'    24 ? 
3       'Yao, M.'       25 ? 
3       'Tanaka, I.'    26 ? 
3       'Kimura, M.'    27 ? 
# 
loop_
_entity.id 
_entity.type 
_entity.src_method 
_entity.pdbx_description 
_entity.formula_weight 
_entity.pdbx_number_of_molecules 
_entity.pdbx_ec 
_entity.pdbx_mutation 
_entity.pdbx_fragment 
_entity.details 
1 polymer     man 'Ribonuclease MC1'           21184.992 1   3.1.27.1 N71S ? ? 
2 non-polymer syn "GUANOSINE-5'-MONOPHOSPHATE" 363.221   2   ?        ?    ? ? 
3 water       nat water                        18.015    186 ?        ?    ? ? 
# 
_entity_name_com.entity_id   1 
_entity_name_com.name        'RIBONUCLEASE MC1, RNase MC' 
# 
_entity_poly.entity_id                      1 
_entity_poly.type                           'polypeptide(L)' 
_entity_poly.nstd_linkage                   no 
_entity_poly.nstd_monomer                   no 
_entity_poly.pdbx_seq_one_letter_code       
;MDSFWFVQQWPPAVCSFQKSGSCPGSGLRTFTIHGLWPQQSGTSLTNCPGSPFDITKISHLQSQLNTLWPSVLRANNQQF
WSHEWTKHGTCSESTFNQAAYFKLAVDMRNNYDIIGALRPHAAGPNGRTKSRQAIKGFLKAKFGKFPGLRCRTDPQTKVS
YLVEVVACFAQDGSTLIDCTRDTCGANFIF
;
_entity_poly.pdbx_seq_one_letter_code_can   
;MDSFWFVQQWPPAVCSFQKSGSCPGSGLRTFTIHGLWPQQSGTSLTNCPGSPFDITKISHLQSQLNTLWPSVLRANNQQF
WSHEWTKHGTCSESTFNQAAYFKLAVDMRNNYDIIGALRPHAAGPNGRTKSRQAIKGFLKAKFGKFPGLRCRTDPQTKVS
YLVEVVACFAQDGSTLIDCTRDTCGANFIF
;
_entity_poly.pdbx_strand_id                 A 
_entity_poly.pdbx_target_identifier         ? 
# 
loop_
_pdbx_entity_nonpoly.entity_id 
_pdbx_entity_nonpoly.name 
_pdbx_entity_nonpoly.comp_id 
2 "GUANOSINE-5'-MONOPHOSPHATE" 5GP 
3 water                        HOH 
# 
loop_
_entity_poly_seq.entity_id 
_entity_poly_seq.num 
_entity_poly_seq.mon_id 
_entity_poly_seq.hetero 
1 1   MET n 
1 2   ASP n 
1 3   SER n 
1 4   PHE n 
1 5   TRP n 
1 6   PHE n 
1 7   VAL n 
1 8   GLN n 
1 9   GLN n 
1 10  TRP n 
1 11  PRO n 
1 12  PRO n 
1 13  ALA n 
1 14  VAL n 
1 15  CYS n 
1 16  SER n 
1 17  PHE n 
1 18  GLN n 
1 19  LYS n 
1 20  SER n 
1 21  GLY n 
1 22  SER n 
1 23  CYS n 
1 24  PRO n 
1 25  GLY n 
1 26  SER n 
1 27  GLY n 
1 28  LEU n 
1 29  ARG n 
1 30  THR n 
1 31  PHE n 
1 32  THR n 
1 33  ILE n 
1 34  HIS n 
1 35  GLY n 
1 36  LEU n 
1 37  TRP n 
1 38  PRO n 
1 39  GLN n 
1 40  GLN n 
1 41  SER n 
1 42  GLY n 
1 43  THR n 
1 44  SER n 
1 45  LEU n 
1 46  THR n 
1 47  ASN n 
1 48  CYS n 
1 49  PRO n 
1 50  GLY n 
1 51  SER n 
1 52  PRO n 
1 53  PHE n 
1 54  ASP n 
1 55  ILE n 
1 56  THR n 
1 57  LYS n 
1 58  ILE n 
1 59  SER n 
1 60  HIS n 
1 61  LEU n 
1 62  GLN n 
1 63  SER n 
1 64  GLN n 
1 65  LEU n 
1 66  ASN n 
1 67  THR n 
1 68  LEU n 
1 69  TRP n 
1 70  PRO n 
1 71  SER n 
1 72  VAL n 
1 73  LEU n 
1 74  ARG n 
1 75  ALA n 
1 76  ASN n 
1 77  ASN n 
1 78  GLN n 
1 79  GLN n 
1 80  PHE n 
1 81  TRP n 
1 82  SER n 
1 83  HIS n 
1 84  GLU n 
1 85  TRP n 
1 86  THR n 
1 87  LYS n 
1 88  HIS n 
1 89  GLY n 
1 90  THR n 
1 91  CYS n 
1 92  SER n 
1 93  GLU n 
1 94  SER n 
1 95  THR n 
1 96  PHE n 
1 97  ASN n 
1 98  GLN n 
1 99  ALA n 
1 100 ALA n 
1 101 TYR n 
1 102 PHE n 
1 103 LYS n 
1 104 LEU n 
1 105 ALA n 
1 106 VAL n 
1 107 ASP n 
1 108 MET n 
1 109 ARG n 
1 110 ASN n 
1 111 ASN n 
1 112 TYR n 
1 113 ASP n 
1 114 ILE n 
1 115 ILE n 
1 116 GLY n 
1 117 ALA n 
1 118 LEU n 
1 119 ARG n 
1 120 PRO n 
1 121 HIS n 
1 122 ALA n 
1 123 ALA n 
1 124 GLY n 
1 125 PRO n 
1 126 ASN n 
1 127 GLY n 
1 128 ARG n 
1 129 THR n 
1 130 LYS n 
1 131 SER n 
1 132 ARG n 
1 133 GLN n 
1 134 ALA n 
1 135 ILE n 
1 136 LYS n 
1 137 GLY n 
1 138 PHE n 
1 139 LEU n 
1 140 LYS n 
1 141 ALA n 
1 142 LYS n 
1 143 PHE n 
1 144 GLY n 
1 145 LYS n 
1 146 PHE n 
1 147 PRO n 
1 148 GLY n 
1 149 LEU n 
1 150 ARG n 
1 151 CYS n 
1 152 ARG n 
1 153 THR n 
1 154 ASP n 
1 155 PRO n 
1 156 GLN n 
1 157 THR n 
1 158 LYS n 
1 159 VAL n 
1 160 SER n 
1 161 TYR n 
1 162 LEU n 
1 163 VAL n 
1 164 GLU n 
1 165 VAL n 
1 166 VAL n 
1 167 ALA n 
1 168 CYS n 
1 169 PHE n 
1 170 ALA n 
1 171 GLN n 
1 172 ASP n 
1 173 GLY n 
1 174 SER n 
1 175 THR n 
1 176 LEU n 
1 177 ILE n 
1 178 ASP n 
1 179 CYS n 
1 180 THR n 
1 181 ARG n 
1 182 ASP n 
1 183 THR n 
1 184 CYS n 
1 185 GLY n 
1 186 ALA n 
1 187 ASN n 
1 188 PHE n 
1 189 ILE n 
1 190 PHE n 
# 
_entity_src_gen.entity_id                          1 
_entity_src_gen.pdbx_src_id                        1 
_entity_src_gen.pdbx_alt_source_flag               sample 
_entity_src_gen.pdbx_seq_type                      ? 
_entity_src_gen.pdbx_beg_seq_num                   ? 
_entity_src_gen.pdbx_end_seq_num                   ? 
_entity_src_gen.gene_src_common_name               'balsam pear' 
_entity_src_gen.gene_src_genus                     Momordica 
_entity_src_gen.pdbx_gene_src_gene                 ? 
_entity_src_gen.gene_src_species                   ? 
_entity_src_gen.gene_src_strain                    ? 
_entity_src_gen.gene_src_tissue                    ? 
_entity_src_gen.gene_src_tissue_fraction           ? 
_entity_src_gen.gene_src_details                   ? 
_entity_src_gen.pdbx_gene_src_fragment             ? 
_entity_src_gen.pdbx_gene_src_scientific_name      'Momordica charantia' 
_entity_src_gen.pdbx_gene_src_ncbi_taxonomy_id     3673 
_entity_src_gen.pdbx_gene_src_variant              ? 
_entity_src_gen.pdbx_gene_src_cell_line            ? 
_entity_src_gen.pdbx_gene_src_atcc                 ? 
_entity_src_gen.pdbx_gene_src_organ                ? 
_entity_src_gen.pdbx_gene_src_organelle            ? 
_entity_src_gen.pdbx_gene_src_cell                 ? 
_entity_src_gen.pdbx_gene_src_cellular_location    ? 
_entity_src_gen.host_org_common_name               ? 
_entity_src_gen.pdbx_host_org_scientific_name      'Escherichia coli' 
_entity_src_gen.pdbx_host_org_ncbi_taxonomy_id     562 
_entity_src_gen.host_org_genus                     Escherichia 
_entity_src_gen.pdbx_host_org_gene                 ? 
_entity_src_gen.pdbx_host_org_organ                ? 
_entity_src_gen.host_org_species                   ? 
_entity_src_gen.pdbx_host_org_tissue               ? 
_entity_src_gen.pdbx_host_org_tissue_fraction      ? 
_entity_src_gen.pdbx_host_org_strain               'BL21(DE3)pLysS' 
_entity_src_gen.pdbx_host_org_variant              ? 
_entity_src_gen.pdbx_host_org_cell_line            ? 
_entity_src_gen.pdbx_host_org_atcc                 ? 
_entity_src_gen.pdbx_host_org_culture_collection   ? 
_entity_src_gen.pdbx_host_org_cell                 ? 
_entity_src_gen.pdbx_host_org_organelle            ? 
_entity_src_gen.pdbx_host_org_cellular_location    ? 
_entity_src_gen.pdbx_host_org_vector_type          plasmid 
_entity_src_gen.pdbx_host_org_vector               ? 
_entity_src_gen.host_org_details                   ? 
_entity_src_gen.expression_system_id               ? 
_entity_src_gen.plasmid_name                       pET-22b 
_entity_src_gen.plasmid_details                    ? 
_entity_src_gen.pdbx_description                   ? 
# 
loop_
_chem_comp.id 
_chem_comp.type 
_chem_comp.mon_nstd_flag 
_chem_comp.name 
_chem_comp.pdbx_synonyms 
_chem_comp.formula 
_chem_comp.formula_weight 
5GP non-polymer         . "GUANOSINE-5'-MONOPHOSPHATE" ? 'C10 H14 N5 O8 P' 363.221 
ALA 'L-peptide linking' y ALANINE                      ? 'C3 H7 N O2'      89.093  
ARG 'L-peptide linking' y ARGININE                     ? 'C6 H15 N4 O2 1'  175.209 
ASN 'L-peptide linking' y ASPARAGINE                   ? 'C4 H8 N2 O3'     132.118 
ASP 'L-peptide linking' y 'ASPARTIC ACID'              ? 'C4 H7 N O4'      133.103 
CYS 'L-peptide linking' y CYSTEINE                     ? 'C3 H7 N O2 S'    121.158 
GLN 'L-peptide linking' y GLUTAMINE                    ? 'C5 H10 N2 O3'    146.144 
GLU 'L-peptide linking' y 'GLUTAMIC ACID'              ? 'C5 H9 N O4'      147.129 
GLY 'peptide linking'   y GLYCINE                      ? 'C2 H5 N O2'      75.067  
HIS 'L-peptide linking' y HISTIDINE                    ? 'C6 H10 N3 O2 1'  156.162 
HOH non-polymer         . WATER                        ? 'H2 O'            18.015  
ILE 'L-peptide linking' y ISOLEUCINE                   ? 'C6 H13 N O2'     131.173 
LEU 'L-peptide linking' y LEUCINE                      ? 'C6 H13 N O2'     131.173 
LYS 'L-peptide linking' y LYSINE                       ? 'C6 H15 N2 O2 1'  147.195 
MET 'L-peptide linking' y METHIONINE                   ? 'C5 H11 N O2 S'   149.211 
PHE 'L-peptide linking' y PHENYLALANINE                ? 'C9 H11 N O2'     165.189 
PRO 'L-peptide linking' y PROLINE                      ? 'C5 H9 N O2'      115.130 
SER 'L-peptide linking' y SERINE                       ? 'C3 H7 N O3'      105.093 
THR 'L-peptide linking' y THREONINE                    ? 'C4 H9 N O3'      119.119 
TRP 'L-peptide linking' y TRYPTOPHAN                   ? 'C11 H12 N2 O2'   204.225 
TYR 'L-peptide linking' y TYROSINE                     ? 'C9 H11 N O3'     181.189 
VAL 'L-peptide linking' y VALINE                       ? 'C5 H11 N O2'     117.146 
# 
loop_
_pdbx_poly_seq_scheme.asym_id 
_pdbx_poly_seq_scheme.entity_id 
_pdbx_poly_seq_scheme.seq_id 
_pdbx_poly_seq_scheme.mon_id 
_pdbx_poly_seq_scheme.ndb_seq_num 
_pdbx_poly_seq_scheme.pdb_seq_num 
_pdbx_poly_seq_scheme.auth_seq_num 
_pdbx_poly_seq_scheme.pdb_mon_id 
_pdbx_poly_seq_scheme.auth_mon_id 
_pdbx_poly_seq_scheme.pdb_strand_id 
_pdbx_poly_seq_scheme.pdb_ins_code 
_pdbx_poly_seq_scheme.hetero 
A 1 1   MET 1   1   1   MET MET A . n 
A 1 2   ASP 2   2   2   ASP ASP A . n 
A 1 3   SER 3   3   3   SER SER A . n 
A 1 4   PHE 4   4   4   PHE PHE A . n 
A 1 5   TRP 5   5   5   TRP TRP A . n 
A 1 6   PHE 6   6   6   PHE PHE A . n 
A 1 7   VAL 7   7   7   VAL VAL A . n 
A 1 8   GLN 8   8   8   GLN GLN A . n 
A 1 9   GLN 9   9   9   GLN GLN A . n 
A 1 10  TRP 10  10  10  TRP TRP A . n 
A 1 11  PRO 11  11  11  PRO PRO A . n 
A 1 12  PRO 12  12  12  PRO PRO A . n 
A 1 13  ALA 13  13  13  ALA ALA A . n 
A 1 14  VAL 14  14  14  VAL VAL A . n 
A 1 15  CYS 15  15  15  CYS CYS A . n 
A 1 16  SER 16  16  16  SER SER A . n 
A 1 17  PHE 17  17  17  PHE PHE A . n 
A 1 18  GLN 18  18  18  GLN GLN A . n 
A 1 19  LYS 19  19  19  LYS LYS A . n 
A 1 20  SER 20  20  20  SER SER A . n 
A 1 21  GLY 21  21  21  GLY GLY A . n 
A 1 22  SER 22  22  22  SER SER A . n 
A 1 23  CYS 23  23  23  CYS CYS A . n 
A 1 24  PRO 24  24  24  PRO PRO A . n 
A 1 25  GLY 25  25  25  GLY GLY A . n 
A 1 26  SER 26  26  26  SER SER A . n 
A 1 27  GLY 27  27  27  GLY GLY A . n 
A 1 28  LEU 28  28  28  LEU LEU A . n 
A 1 29  ARG 29  29  29  ARG ARG A . n 
A 1 30  THR 30  30  30  THR THR A . n 
A 1 31  PHE 31  31  31  PHE PHE A . n 
A 1 32  THR 32  32  32  THR THR A . n 
A 1 33  ILE 33  33  33  ILE ILE A . n 
A 1 34  HIS 34  34  34  HIS HIS A . n 
A 1 35  GLY 35  35  35  GLY GLY A . n 
A 1 36  LEU 36  36  36  LEU LEU A . n 
A 1 37  TRP 37  37  37  TRP TRP A . n 
A 1 38  PRO 38  38  38  PRO PRO A . n 
A 1 39  GLN 39  39  39  GLN GLN A . n 
A 1 40  GLN 40  40  40  GLN GLN A . n 
A 1 41  SER 41  41  41  SER SER A . n 
A 1 42  GLY 42  42  42  GLY GLY A . n 
A 1 43  THR 43  43  43  THR THR A . n 
A 1 44  SER 44  44  44  SER SER A . n 
A 1 45  LEU 45  45  45  LEU LEU A . n 
A 1 46  THR 46  46  46  THR THR A . n 
A 1 47  ASN 47  47  47  ASN ASN A . n 
A 1 48  CYS 48  48  48  CYS CYS A . n 
A 1 49  PRO 49  49  49  PRO PRO A . n 
A 1 50  GLY 50  50  50  GLY GLY A . n 
A 1 51  SER 51  51  51  SER SER A . n 
A 1 52  PRO 52  52  52  PRO PRO A . n 
A 1 53  PHE 53  53  53  PHE PHE A . n 
A 1 54  ASP 54  54  54  ASP ASP A . n 
A 1 55  ILE 55  55  55  ILE ILE A . n 
A 1 56  THR 56  56  56  THR THR A . n 
A 1 57  LYS 57  57  57  LYS LYS A . n 
A 1 58  ILE 58  58  58  ILE ILE A . n 
A 1 59  SER 59  59  59  SER SER A . n 
A 1 60  HIS 60  60  60  HIS HIS A . n 
A 1 61  LEU 61  61  61  LEU LEU A . n 
A 1 62  GLN 62  62  62  GLN GLN A . n 
A 1 63  SER 63  63  63  SER SER A . n 
A 1 64  GLN 64  64  64  GLN GLN A . n 
A 1 65  LEU 65  65  65  LEU LEU A . n 
A 1 66  ASN 66  66  66  ASN ASN A . n 
A 1 67  THR 67  67  67  THR THR A . n 
A 1 68  LEU 68  68  68  LEU LEU A . n 
A 1 69  TRP 69  69  69  TRP TRP A . n 
A 1 70  PRO 70  70  70  PRO PRO A . n 
A 1 71  SER 71  71  71  SER SER A . n 
A 1 72  VAL 72  72  72  VAL VAL A . n 
A 1 73  LEU 73  73  73  LEU LEU A . n 
A 1 74  ARG 74  74  74  ARG ARG A . n 
A 1 75  ALA 75  75  75  ALA ALA A . n 
A 1 76  ASN 76  76  76  ASN ASN A . n 
A 1 77  ASN 77  77  77  ASN ASN A . n 
A 1 78  GLN 78  78  78  GLN GLN A . n 
A 1 79  GLN 79  79  79  GLN GLN A . n 
A 1 80  PHE 80  80  80  PHE PHE A . n 
A 1 81  TRP 81  81  81  TRP TRP A . n 
A 1 82  SER 82  82  82  SER SER A . n 
A 1 83  HIS 83  83  83  HIS HIS A . n 
A 1 84  GLU 84  84  84  GLU GLU A . n 
A 1 85  TRP 85  85  85  TRP TRP A . n 
A 1 86  THR 86  86  86  THR THR A . n 
A 1 87  LYS 87  87  87  LYS LYS A . n 
A 1 88  HIS 88  88  88  HIS HIS A . n 
A 1 89  GLY 89  89  89  GLY GLY A . n 
A 1 90  THR 90  90  90  THR THR A . n 
A 1 91  CYS 91  91  91  CYS CYS A . n 
A 1 92  SER 92  92  92  SER SER A . n 
A 1 93  GLU 93  93  93  GLU GLU A . n 
A 1 94  SER 94  94  94  SER SER A . n 
A 1 95  THR 95  95  95  THR THR A . n 
A 1 96  PHE 96  96  96  PHE PHE A . n 
A 1 97  ASN 97  97  97  ASN ASN A . n 
A 1 98  GLN 98  98  98  GLN GLN A . n 
A 1 99  ALA 99  99  99  ALA ALA A . n 
A 1 100 ALA 100 100 100 ALA ALA A . n 
A 1 101 TYR 101 101 101 TYR TYR A . n 
A 1 102 PHE 102 102 102 PHE PHE A . n 
A 1 103 LYS 103 103 103 LYS LYS A . n 
A 1 104 LEU 104 104 104 LEU LEU A . n 
A 1 105 ALA 105 105 105 ALA ALA A . n 
A 1 106 VAL 106 106 106 VAL VAL A . n 
A 1 107 ASP 107 107 107 ASP ASP A . n 
A 1 108 MET 108 108 108 MET MET A . n 
A 1 109 ARG 109 109 109 ARG ARG A . n 
A 1 110 ASN 110 110 110 ASN ASN A . n 
A 1 111 ASN 111 111 111 ASN ASN A . n 
A 1 112 TYR 112 112 112 TYR TYR A . n 
A 1 113 ASP 113 113 113 ASP ASP A . n 
A 1 114 ILE 114 114 114 ILE ILE A . n 
A 1 115 ILE 115 115 115 ILE ILE A . n 
A 1 116 GLY 116 116 116 GLY GLY A . n 
A 1 117 ALA 117 117 117 ALA ALA A . n 
A 1 118 LEU 118 118 118 LEU LEU A . n 
A 1 119 ARG 119 119 119 ARG ARG A . n 
A 1 120 PRO 120 120 120 PRO PRO A . n 
A 1 121 HIS 121 121 121 HIS HIS A . n 
A 1 122 ALA 122 122 122 ALA ALA A . n 
A 1 123 ALA 123 123 123 ALA ALA A . n 
A 1 124 GLY 124 124 124 GLY GLY A . n 
A 1 125 PRO 125 125 125 PRO PRO A . n 
A 1 126 ASN 126 126 126 ASN ASN A . n 
A 1 127 GLY 127 127 127 GLY GLY A . n 
A 1 128 ARG 128 128 128 ARG ARG A . n 
A 1 129 THR 129 129 129 THR THR A . n 
A 1 130 LYS 130 130 130 LYS LYS A . n 
A 1 131 SER 131 131 131 SER SER A . n 
A 1 132 ARG 132 132 132 ARG ARG A . n 
A 1 133 GLN 133 133 133 GLN GLN A . n 
A 1 134 ALA 134 134 134 ALA ALA A . n 
A 1 135 ILE 135 135 135 ILE ILE A . n 
A 1 136 LYS 136 136 136 LYS LYS A . n 
A 1 137 GLY 137 137 137 GLY GLY A . n 
A 1 138 PHE 138 138 138 PHE PHE A . n 
A 1 139 LEU 139 139 139 LEU LEU A . n 
A 1 140 LYS 140 140 140 LYS LYS A . n 
A 1 141 ALA 141 141 141 ALA ALA A . n 
A 1 142 LYS 142 142 142 LYS LYS A . n 
A 1 143 PHE 143 143 143 PHE PHE A . n 
A 1 144 GLY 144 144 144 GLY GLY A . n 
A 1 145 LYS 145 145 145 LYS LYS A . n 
A 1 146 PHE 146 146 146 PHE PHE A . n 
A 1 147 PRO 147 147 147 PRO PRO A . n 
A 1 148 GLY 148 148 148 GLY GLY A . n 
A 1 149 LEU 149 149 149 LEU LEU A . n 
A 1 150 ARG 150 150 150 ARG ARG A . n 
A 1 151 CYS 151 151 151 CYS CYS A . n 
A 1 152 ARG 152 152 152 ARG ARG A . n 
A 1 153 THR 153 153 153 THR THR A . n 
A 1 154 ASP 154 154 154 ASP ASP A . n 
A 1 155 PRO 155 155 155 PRO PRO A . n 
A 1 156 GLN 156 156 156 GLN GLN A . n 
A 1 157 THR 157 157 157 THR THR A . n 
A 1 158 LYS 158 158 158 LYS LYS A . n 
A 1 159 VAL 159 159 159 VAL VAL A . n 
A 1 160 SER 160 160 160 SER SER A . n 
A 1 161 TYR 161 161 161 TYR TYR A . n 
A 1 162 LEU 162 162 162 LEU LEU A . n 
A 1 163 VAL 163 163 163 VAL VAL A . n 
A 1 164 GLU 164 164 164 GLU GLU A . n 
A 1 165 VAL 165 165 165 VAL VAL A . n 
A 1 166 VAL 166 166 166 VAL VAL A . n 
A 1 167 ALA 167 167 167 ALA ALA A . n 
A 1 168 CYS 168 168 168 CYS CYS A . n 
A 1 169 PHE 169 169 169 PHE PHE A . n 
A 1 170 ALA 170 170 170 ALA ALA A . n 
A 1 171 GLN 171 171 171 GLN GLN A . n 
A 1 172 ASP 172 172 172 ASP ASP A . n 
A 1 173 GLY 173 173 173 GLY GLY A . n 
A 1 174 SER 174 174 174 SER SER A . n 
A 1 175 THR 175 175 175 THR THR A . n 
A 1 176 LEU 176 176 176 LEU LEU A . n 
A 1 177 ILE 177 177 177 ILE ILE A . n 
A 1 178 ASP 178 178 178 ASP ASP A . n 
A 1 179 CYS 179 179 179 CYS CYS A . n 
A 1 180 THR 180 180 180 THR THR A . n 
A 1 181 ARG 181 181 181 ARG ARG A . n 
A 1 182 ASP 182 182 182 ASP ASP A . n 
A 1 183 THR 183 183 183 THR THR A . n 
A 1 184 CYS 184 184 184 CYS CYS A . n 
A 1 185 GLY 185 185 185 GLY GLY A . n 
A 1 186 ALA 186 186 186 ALA ALA A . n 
A 1 187 ASN 187 187 187 ASN ASN A . n 
A 1 188 PHE 188 188 188 PHE PHE A . n 
A 1 189 ILE 189 189 189 ILE ILE A . n 
A 1 190 PHE 190 190 190 PHE PHE A . n 
# 
loop_
_pdbx_nonpoly_scheme.asym_id 
_pdbx_nonpoly_scheme.entity_id 
_pdbx_nonpoly_scheme.mon_id 
_pdbx_nonpoly_scheme.ndb_seq_num 
_pdbx_nonpoly_scheme.pdb_seq_num 
_pdbx_nonpoly_scheme.auth_seq_num 
_pdbx_nonpoly_scheme.pdb_mon_id 
_pdbx_nonpoly_scheme.auth_mon_id 
_pdbx_nonpoly_scheme.pdb_strand_id 
_pdbx_nonpoly_scheme.pdb_ins_code 
B 2 5GP 1   295 295 5GP 5GP A . 
C 2 5GP 1   296 296 5GP 5GP A . 
D 3 HOH 1   297 1   HOH TIP A . 
D 3 HOH 2   298 2   HOH TIP A . 
D 3 HOH 3   299 3   HOH TIP A . 
D 3 HOH 4   300 4   HOH TIP A . 
D 3 HOH 5   301 5   HOH TIP A . 
D 3 HOH 6   302 6   HOH TIP A . 
D 3 HOH 7   303 7   HOH TIP A . 
D 3 HOH 8   304 8   HOH TIP A . 
D 3 HOH 9   305 9   HOH TIP A . 
D 3 HOH 10  306 10  HOH TIP A . 
D 3 HOH 11  307 11  HOH TIP A . 
D 3 HOH 12  308 12  HOH TIP A . 
D 3 HOH 13  309 13  HOH TIP A . 
D 3 HOH 14  310 14  HOH TIP A . 
D 3 HOH 15  311 15  HOH TIP A . 
D 3 HOH 16  312 16  HOH TIP A . 
D 3 HOH 17  313 17  HOH TIP A . 
D 3 HOH 18  314 18  HOH TIP A . 
D 3 HOH 19  315 19  HOH TIP A . 
D 3 HOH 20  316 20  HOH TIP A . 
D 3 HOH 21  317 21  HOH TIP A . 
D 3 HOH 22  318 22  HOH TIP A . 
D 3 HOH 23  319 23  HOH TIP A . 
D 3 HOH 24  320 24  HOH TIP A . 
D 3 HOH 25  321 25  HOH TIP A . 
D 3 HOH 26  322 26  HOH TIP A . 
D 3 HOH 27  323 27  HOH TIP A . 
D 3 HOH 28  324 28  HOH TIP A . 
D 3 HOH 29  325 29  HOH TIP A . 
D 3 HOH 30  326 30  HOH TIP A . 
D 3 HOH 31  327 31  HOH TIP A . 
D 3 HOH 32  328 32  HOH TIP A . 
D 3 HOH 33  329 33  HOH TIP A . 
D 3 HOH 34  330 34  HOH TIP A . 
D 3 HOH 35  331 35  HOH TIP A . 
D 3 HOH 36  332 36  HOH TIP A . 
D 3 HOH 37  333 37  HOH TIP A . 
D 3 HOH 38  334 38  HOH TIP A . 
D 3 HOH 39  335 39  HOH TIP A . 
D 3 HOH 40  336 40  HOH TIP A . 
D 3 HOH 41  337 41  HOH TIP A . 
D 3 HOH 42  338 42  HOH TIP A . 
D 3 HOH 43  339 43  HOH TIP A . 
D 3 HOH 44  340 44  HOH TIP A . 
D 3 HOH 45  341 45  HOH TIP A . 
D 3 HOH 46  342 46  HOH TIP A . 
D 3 HOH 47  343 47  HOH TIP A . 
D 3 HOH 48  344 48  HOH TIP A . 
D 3 HOH 49  345 49  HOH TIP A . 
D 3 HOH 50  346 50  HOH TIP A . 
D 3 HOH 51  347 51  HOH TIP A . 
D 3 HOH 52  348 52  HOH TIP A . 
D 3 HOH 53  349 54  HOH TIP A . 
D 3 HOH 54  350 55  HOH TIP A . 
D 3 HOH 55  351 56  HOH TIP A . 
D 3 HOH 56  352 57  HOH TIP A . 
D 3 HOH 57  353 58  HOH TIP A . 
D 3 HOH 58  354 59  HOH TIP A . 
D 3 HOH 59  355 60  HOH TIP A . 
D 3 HOH 60  356 61  HOH TIP A . 
D 3 HOH 61  357 62  HOH TIP A . 
D 3 HOH 62  358 63  HOH TIP A . 
D 3 HOH 63  359 64  HOH TIP A . 
D 3 HOH 64  360 65  HOH TIP A . 
D 3 HOH 65  361 66  HOH TIP A . 
D 3 HOH 66  362 67  HOH TIP A . 
D 3 HOH 67  363 68  HOH TIP A . 
D 3 HOH 68  364 70  HOH TIP A . 
D 3 HOH 69  365 71  HOH TIP A . 
D 3 HOH 70  366 72  HOH TIP A . 
D 3 HOH 71  367 73  HOH TIP A . 
D 3 HOH 72  368 74  HOH TIP A . 
D 3 HOH 73  369 75  HOH TIP A . 
D 3 HOH 74  370 76  HOH TIP A . 
D 3 HOH 75  371 77  HOH TIP A . 
D 3 HOH 76  372 78  HOH TIP A . 
D 3 HOH 77  373 79  HOH TIP A . 
D 3 HOH 78  374 80  HOH TIP A . 
D 3 HOH 79  375 81  HOH TIP A . 
D 3 HOH 80  376 82  HOH TIP A . 
D 3 HOH 81  377 83  HOH TIP A . 
D 3 HOH 82  378 84  HOH TIP A . 
D 3 HOH 83  379 85  HOH TIP A . 
D 3 HOH 84  380 86  HOH TIP A . 
D 3 HOH 85  381 87  HOH TIP A . 
D 3 HOH 86  382 88  HOH TIP A . 
D 3 HOH 87  383 89  HOH TIP A . 
D 3 HOH 88  384 90  HOH TIP A . 
D 3 HOH 89  385 91  HOH TIP A . 
D 3 HOH 90  386 92  HOH TIP A . 
D 3 HOH 91  387 93  HOH TIP A . 
D 3 HOH 92  388 94  HOH TIP A . 
D 3 HOH 93  389 95  HOH TIP A . 
D 3 HOH 94  390 96  HOH TIP A . 
D 3 HOH 95  391 97  HOH TIP A . 
D 3 HOH 96  392 99  HOH TIP A . 
D 3 HOH 97  393 100 HOH TIP A . 
D 3 HOH 98  394 101 HOH TIP A . 
D 3 HOH 99  395 102 HOH TIP A . 
D 3 HOH 100 396 103 HOH TIP A . 
D 3 HOH 101 397 104 HOH TIP A . 
D 3 HOH 102 398 105 HOH TIP A . 
D 3 HOH 103 399 106 HOH TIP A . 
D 3 HOH 104 400 107 HOH TIP A . 
D 3 HOH 105 401 108 HOH TIP A . 
D 3 HOH 106 402 109 HOH TIP A . 
D 3 HOH 107 403 110 HOH TIP A . 
D 3 HOH 108 404 112 HOH TIP A . 
D 3 HOH 109 405 114 HOH TIP A . 
D 3 HOH 110 406 115 HOH TIP A . 
D 3 HOH 111 407 116 HOH TIP A . 
D 3 HOH 112 408 117 HOH TIP A . 
D 3 HOH 113 409 118 HOH TIP A . 
D 3 HOH 114 410 119 HOH TIP A . 
D 3 HOH 115 411 121 HOH TIP A . 
D 3 HOH 116 412 122 HOH TIP A . 
D 3 HOH 117 413 123 HOH TIP A . 
D 3 HOH 118 414 124 HOH TIP A . 
D 3 HOH 119 415 125 HOH TIP A . 
D 3 HOH 120 416 126 HOH TIP A . 
D 3 HOH 121 417 127 HOH TIP A . 
D 3 HOH 122 418 128 HOH TIP A . 
D 3 HOH 123 419 129 HOH TIP A . 
D 3 HOH 124 420 130 HOH TIP A . 
D 3 HOH 125 421 131 HOH TIP A . 
D 3 HOH 126 422 132 HOH TIP A . 
D 3 HOH 127 423 133 HOH TIP A . 
D 3 HOH 128 424 134 HOH TIP A . 
D 3 HOH 129 425 135 HOH TIP A . 
D 3 HOH 130 426 136 HOH TIP A . 
D 3 HOH 131 427 137 HOH TIP A . 
D 3 HOH 132 428 138 HOH TIP A . 
D 3 HOH 133 429 139 HOH TIP A . 
D 3 HOH 134 430 140 HOH TIP A . 
D 3 HOH 135 431 141 HOH TIP A . 
D 3 HOH 136 432 142 HOH TIP A . 
D 3 HOH 137 433 143 HOH TIP A . 
D 3 HOH 138 434 144 HOH TIP A . 
D 3 HOH 139 435 145 HOH TIP A . 
D 3 HOH 140 436 146 HOH TIP A . 
D 3 HOH 141 437 147 HOH TIP A . 
D 3 HOH 142 438 148 HOH TIP A . 
D 3 HOH 143 439 149 HOH TIP A . 
D 3 HOH 144 440 150 HOH TIP A . 
D 3 HOH 145 441 151 HOH TIP A . 
D 3 HOH 146 442 153 HOH TIP A . 
D 3 HOH 147 443 154 HOH TIP A . 
D 3 HOH 148 444 155 HOH TIP A . 
D 3 HOH 149 445 156 HOH TIP A . 
D 3 HOH 150 446 158 HOH TIP A . 
D 3 HOH 151 447 159 HOH TIP A . 
D 3 HOH 152 448 160 HOH TIP A . 
D 3 HOH 153 449 161 HOH TIP A . 
D 3 HOH 154 450 163 HOH TIP A . 
D 3 HOH 155 451 164 HOH TIP A . 
D 3 HOH 156 452 165 HOH TIP A . 
D 3 HOH 157 453 166 HOH TIP A . 
D 3 HOH 158 454 167 HOH TIP A . 
D 3 HOH 159 455 168 HOH TIP A . 
D 3 HOH 160 456 169 HOH TIP A . 
D 3 HOH 161 457 170 HOH TIP A . 
D 3 HOH 162 458 171 HOH TIP A . 
D 3 HOH 163 459 173 HOH TIP A . 
D 3 HOH 164 460 174 HOH TIP A . 
D 3 HOH 165 461 175 HOH TIP A . 
D 3 HOH 166 462 178 HOH TIP A . 
D 3 HOH 167 463 179 HOH TIP A . 
D 3 HOH 168 464 180 HOH TIP A . 
D 3 HOH 169 465 181 HOH TIP A . 
D 3 HOH 170 466 183 HOH TIP A . 
D 3 HOH 171 467 184 HOH TIP A . 
D 3 HOH 172 468 185 HOH TIP A . 
D 3 HOH 173 469 186 HOH TIP A . 
D 3 HOH 174 470 187 HOH TIP A . 
D 3 HOH 175 471 188 HOH TIP A . 
D 3 HOH 176 472 189 HOH TIP A . 
D 3 HOH 177 473 190 HOH TIP A . 
D 3 HOH 178 474 191 HOH TIP A . 
D 3 HOH 179 475 192 HOH TIP A . 
D 3 HOH 180 476 193 HOH TIP A . 
D 3 HOH 181 477 194 HOH TIP A . 
D 3 HOH 182 478 195 HOH TIP A . 
D 3 HOH 183 479 196 HOH TIP A . 
D 3 HOH 184 480 197 HOH TIP A . 
D 3 HOH 185 481 198 HOH TIP A . 
D 3 HOH 186 482 199 HOH TIP A . 
# 
loop_
_software.name 
_software.classification 
_software.version 
_software.citation_id 
_software.pdbx_ordinal 
OXFORD 'data collection' . ? 1 
d*TREK 'data reduction'  . ? 2 
CNS    refinement        . ? 3 
OXFORD 'data reduction'  . ? 4 
d*TREK 'data scaling'    . ? 5 
CNS    phasing           . ? 6 
# 
_cell.entry_id           1J1G 
_cell.length_a           38.542 
_cell.length_b           66.209 
_cell.length_c           75.537 
_cell.angle_alpha        90.00 
_cell.angle_beta         90.00 
_cell.angle_gamma        90.00 
_cell.Z_PDB              4 
_cell.pdbx_unique_axis   ? 
# 
_symmetry.entry_id                         1J1G 
_symmetry.space_group_name_H-M             'P 21 21 21' 
_symmetry.pdbx_full_space_group_name_H-M   ? 
_symmetry.cell_setting                     ? 
_symmetry.Int_Tables_number                19 
# 
_exptl.entry_id          1J1G 
_exptl.method            'X-RAY DIFFRACTION' 
_exptl.crystals_number   1 
# 
_exptl_crystal.id                    1 
_exptl_crystal.density_meas          ? 
_exptl_crystal.density_Matthews      2.00 
_exptl_crystal.density_percent_sol   37.88 
_exptl_crystal.description           ? 
# 
_exptl_crystal_grow.crystal_id      1 
_exptl_crystal_grow.method          'VAPOR DIFFUSION, HANGING DROP' 
_exptl_crystal_grow.temp            293 
_exptl_crystal_grow.temp_details    ? 
_exptl_crystal_grow.pH              6.5 
_exptl_crystal_grow.pdbx_details    
'0.2M sodium acetate, 0.1M sodium cacodylate, 24% PEG8000, pH 6.5, VAPOR DIFFUSION, HANGING DROP, temperature 293K' 
_exptl_crystal_grow.pdbx_pH_range   ? 
# 
_diffrn.id                     1 
_diffrn.ambient_temp           100 
_diffrn.ambient_temp_details   ? 
_diffrn.crystal_id             1 
# 
_diffrn_detector.diffrn_id              1 
_diffrn_detector.detector               CCD 
_diffrn_detector.type                   OXFORD 
_diffrn_detector.pdbx_collection_date   2002-02-01 
_diffrn_detector.details                mirrors 
# 
_diffrn_radiation.diffrn_id                        1 
_diffrn_radiation.wavelength_id                    1 
_diffrn_radiation.pdbx_monochromatic_or_laue_m_l   M 
_diffrn_radiation.monochromator                    'Si 111 CHANNEL' 
_diffrn_radiation.pdbx_diffrn_protocol             'SINGLE WAVELENGTH' 
_diffrn_radiation.pdbx_scattering_type             x-ray 
# 
_diffrn_radiation_wavelength.id           1 
_diffrn_radiation_wavelength.wavelength   0.9 
_diffrn_radiation_wavelength.wt           1.0 
# 
_diffrn_source.diffrn_id                   1 
_diffrn_source.source                      SYNCHROTRON 
_diffrn_source.type                        'SPRING-8 BEAMLINE BL44XU' 
_diffrn_source.pdbx_synchrotron_site       SPring-8 
_diffrn_source.pdbx_synchrotron_beamline   BL44XU 
_diffrn_source.pdbx_wavelength             ? 
_diffrn_source.pdbx_wavelength_list        0.9 
# 
_reflns.entry_id                     1J1G 
_reflns.observed_criterion_sigma_I   0 
_reflns.observed_criterion_sigma_F   0 
_reflns.d_resolution_low             32.81 
_reflns.d_resolution_high            1.6 
_reflns.number_obs                   25113 
_reflns.number_all                   25113 
_reflns.percent_possible_obs         95.6 
_reflns.pdbx_Rmerge_I_obs            0.157 
_reflns.pdbx_Rsym_value              ? 
_reflns.pdbx_netI_over_sigmaI        8.6 
_reflns.B_iso_Wilson_estimate        15.1 
_reflns.pdbx_redundancy              5.3 
_reflns.R_free_details               ? 
_reflns.limit_h_max                  ? 
_reflns.limit_h_min                  ? 
_reflns.limit_k_max                  ? 
_reflns.limit_k_min                  ? 
_reflns.limit_l_max                  ? 
_reflns.limit_l_min                  ? 
_reflns.observed_criterion_F_max     ? 
_reflns.observed_criterion_F_min     ? 
_reflns.pdbx_diffrn_id               1 
_reflns.pdbx_ordinal                 1 
# 
_reflns_shell.d_res_high             1.6 
_reflns_shell.d_res_low              1.66 
_reflns_shell.percent_possible_all   72.9 
_reflns_shell.Rmerge_I_obs           0.233 
_reflns_shell.pdbx_Rsym_value        ? 
_reflns_shell.meanI_over_sigI_obs    1.4 
_reflns_shell.pdbx_redundancy        2.3 
_reflns_shell.percent_possible_obs   ? 
_reflns_shell.number_unique_all      1872 
_reflns_shell.pdbx_diffrn_id         ? 
_reflns_shell.pdbx_ordinal           1 
# 
_refine.entry_id                                 1J1G 
_refine.ls_number_reflns_obs                     24732 
_refine.ls_number_reflns_all                     24732 
_refine.pdbx_ls_sigma_I                          0 
_refine.pdbx_ls_sigma_F                          0 
_refine.pdbx_data_cutoff_high_absF               ? 
_refine.pdbx_data_cutoff_low_absF                ? 
_refine.ls_d_res_low                             32.81 
_refine.ls_d_res_high                            1.60 
_refine.ls_percent_reflns_obs                    94.2 
_refine.ls_R_factor_obs                          0.217 
_refine.ls_R_factor_all                          0.217 
_refine.ls_R_factor_R_work                       0.217 
_refine.ls_R_factor_R_free                       0.242 
_refine.ls_R_factor_R_free_error                 0.007 
_refine.ls_R_factor_R_free_error_details         ? 
_refine.ls_percent_reflns_R_free                 4.9 
_refine.ls_number_reflns_R_free                  1201 
_refine.ls_number_parameters                     ? 
_refine.ls_number_restraints                     ? 
_refine.occupancy_min                            ? 
_refine.occupancy_max                            ? 
_refine.correlation_coeff_Fo_to_Fc               ? 
_refine.correlation_coeff_Fo_to_Fc_free          ? 
_refine.B_iso_mean                               16.4 
_refine.aniso_B[1][1]                            -3.78 
_refine.aniso_B[2][2]                            5.81 
_refine.aniso_B[3][3]                            -2.03 
_refine.aniso_B[1][2]                            0.00 
_refine.aniso_B[1][3]                            0.00 
_refine.aniso_B[2][3]                            0.00 
_refine.solvent_model_details                    'FLAT MODEL' 
_refine.solvent_model_param_ksol                 0.368404 
_refine.solvent_model_param_bsol                 40.8682 
_refine.pdbx_solvent_vdw_probe_radii             ? 
_refine.pdbx_solvent_ion_probe_radii             ? 
_refine.pdbx_solvent_shrinkage_radii             ? 
_refine.pdbx_ls_cross_valid_method               THROUGHOUT 
_refine.details                                  ? 
_refine.pdbx_starting_model                      'PDB ENTRY 1BK7' 
_refine.pdbx_method_to_determine_struct          'MOLECULAR REPLACEMENT' 
_refine.pdbx_isotropic_thermal_model             RESTRAINED 
_refine.pdbx_stereochemistry_target_values       'Engh & Huber' 
_refine.pdbx_stereochem_target_val_spec_case     ? 
_refine.pdbx_R_Free_selection_details            RANDOM 
_refine.pdbx_overall_ESU_R_Free                  ? 
_refine.overall_SU_B                             ? 
_refine.ls_redundancy_reflns_obs                 ? 
_refine.B_iso_min                                ? 
_refine.B_iso_max                                ? 
_refine.overall_SU_R_Cruickshank_DPI             ? 
_refine.overall_SU_R_free                        ? 
_refine.overall_SU_ML                            ? 
_refine.pdbx_overall_ESU_R                       ? 
_refine.pdbx_data_cutoff_high_rms_absF           ? 
_refine.pdbx_refine_id                           'X-RAY DIFFRACTION' 
_refine.pdbx_diffrn_id                           1 
_refine.pdbx_TLS_residual_ADP_flag               ? 
_refine.pdbx_overall_phase_error                 ? 
_refine.pdbx_overall_SU_R_free_Cruickshank_DPI   ? 
_refine.pdbx_overall_SU_R_Blow_DPI               ? 
_refine.pdbx_overall_SU_R_free_Blow_DPI          ? 
# 
_refine_analyze.entry_id                        1J1G 
_refine_analyze.Luzzati_coordinate_error_obs    0.20 
_refine_analyze.Luzzati_sigma_a_obs             0.15 
_refine_analyze.Luzzati_d_res_low_obs           5.00 
_refine_analyze.Luzzati_coordinate_error_free   0.23 
_refine_analyze.Luzzati_sigma_a_free            0.15 
_refine_analyze.Luzzati_d_res_low_free          ? 
_refine_analyze.number_disordered_residues      ? 
_refine_analyze.occupancy_sum_hydrogen          ? 
_refine_analyze.occupancy_sum_non_hydrogen      ? 
_refine_analyze.pdbx_Luzzati_d_res_high_obs     ? 
_refine_analyze.pdbx_refine_id                  'X-RAY DIFFRACTION' 
# 
_refine_hist.pdbx_refine_id                   'X-RAY DIFFRACTION' 
_refine_hist.cycle_id                         LAST 
_refine_hist.pdbx_number_atoms_protein        1491 
_refine_hist.pdbx_number_atoms_nucleic_acid   0 
_refine_hist.pdbx_number_atoms_ligand         48 
_refine_hist.number_atoms_solvent             186 
_refine_hist.number_atoms_total               1725 
_refine_hist.d_res_high                       1.60 
_refine_hist.d_res_low                        32.81 
# 
loop_
_refine_ls_restr.type 
_refine_ls_restr.dev_ideal 
_refine_ls_restr.dev_ideal_target 
_refine_ls_restr.weight 
_refine_ls_restr.number 
_refine_ls_restr.pdbx_refine_id 
_refine_ls_restr.pdbx_restraint_function 
c_bond_d                0.005 ? ? ? 'X-RAY DIFFRACTION' ? 
c_bond_d_na             ?     ? ? ? 'X-RAY DIFFRACTION' ? 
c_bond_d_prot           ?     ? ? ? 'X-RAY DIFFRACTION' ? 
c_angle_d               ?     ? ? ? 'X-RAY DIFFRACTION' ? 
c_angle_d_na            ?     ? ? ? 'X-RAY DIFFRACTION' ? 
c_angle_d_prot          ?     ? ? ? 'X-RAY DIFFRACTION' ? 
c_angle_deg             1.3   ? ? ? 'X-RAY DIFFRACTION' ? 
c_angle_deg_na          ?     ? ? ? 'X-RAY DIFFRACTION' ? 
c_angle_deg_prot        ?     ? ? ? 'X-RAY DIFFRACTION' ? 
c_dihedral_angle_d      22.5  ? ? ? 'X-RAY DIFFRACTION' ? 
c_dihedral_angle_d_na   ?     ? ? ? 'X-RAY DIFFRACTION' ? 
c_dihedral_angle_d_prot ?     ? ? ? 'X-RAY DIFFRACTION' ? 
c_improper_angle_d      0.80  ? ? ? 'X-RAY DIFFRACTION' ? 
c_improper_angle_d_na   ?     ? ? ? 'X-RAY DIFFRACTION' ? 
c_improper_angle_d_prot ?     ? ? ? 'X-RAY DIFFRACTION' ? 
c_mcbond_it             ?     ? ? ? 'X-RAY DIFFRACTION' ? 
c_mcangle_it            ?     ? ? ? 'X-RAY DIFFRACTION' ? 
c_scbond_it             ?     ? ? ? 'X-RAY DIFFRACTION' ? 
c_scangle_it            ?     ? ? ? 'X-RAY DIFFRACTION' ? 
# 
_refine_ls_shell.pdbx_total_number_of_bins_used   6 
_refine_ls_shell.d_res_high                       1.60 
_refine_ls_shell.d_res_low                        1.70 
_refine_ls_shell.number_reflns_R_work             3144 
_refine_ls_shell.R_factor_R_work                  0.278 
_refine_ls_shell.percent_reflns_obs               77.4 
_refine_ls_shell.R_factor_R_free                  0.299 
_refine_ls_shell.R_factor_R_free_error            0.023 
_refine_ls_shell.percent_reflns_R_free            5.1 
_refine_ls_shell.number_reflns_R_free             170 
_refine_ls_shell.number_reflns_obs                3144 
_refine_ls_shell.redundancy_reflns_obs            ? 
_refine_ls_shell.number_reflns_all                ? 
_refine_ls_shell.pdbx_refine_id                   'X-RAY DIFFRACTION' 
_refine_ls_shell.R_factor_all                     ? 
# 
loop_
_pdbx_xplor_file.serial_no 
_pdbx_xplor_file.param_file 
_pdbx_xplor_file.topol_file 
_pdbx_xplor_file.pdbx_refine_id 
1 PROTEIN_REP.PARAM PROTEIN.TOP    'X-RAY DIFFRACTION' 
2 WATER.PARAM       WATER.TOP      'X-RAY DIFFRACTION' 
3 5GMP_XPLOR.PARAM  5GMP_XPLOR.TOP 'X-RAY DIFFRACTION' 
# 
_struct.entry_id                  1J1G 
_struct.title                     
;Crystal structure of the RNase MC1 mutant N71S in complex with 5'-GMP
;
_struct.pdbx_model_details        ? 
_struct.pdbx_CASP_flag            ? 
_struct.pdbx_model_type_details   ? 
# 
_struct_keywords.entry_id        1J1G 
_struct_keywords.pdbx_keywords   HYDROLASE 
_struct_keywords.text            'Hydrolase, Nucleic acid, RNA' 
# 
loop_
_struct_asym.id 
_struct_asym.pdbx_blank_PDB_chainid_flag 
_struct_asym.pdbx_modified 
_struct_asym.entity_id 
_struct_asym.details 
A N N 1 ? 
B N N 2 ? 
C N N 2 ? 
D N N 3 ? 
# 
_struct_ref.id                         1 
_struct_ref.db_name                    UNP 
_struct_ref.db_code                    RNMC_MOMCH 
_struct_ref.entity_id                  1 
_struct_ref.pdbx_seq_one_letter_code   
;FDSFWFVQQWPPAVCSFQKSGSCPGSGLRTFTIHGLWPQGSGTSLTNCPQGSPFDITKISHLQSQLNTLWPNVLRANNQQ
FWSHEWTKHGTCSESTFNQAAYFKLAVDMRNNYDIIGALRPHAAGPNGRTKSRQAIKGFLKAKFGKFPGLRCRTDPQTKV
SYLVQVVACFAQDGSTLIDCTRDTCGANFIF
;
_struct_ref.pdbx_align_begin           1 
_struct_ref.pdbx_db_accession          P23540 
_struct_ref.pdbx_db_isoform            ? 
# 
_struct_ref_seq.align_id                      1 
_struct_ref_seq.ref_id                        1 
_struct_ref_seq.pdbx_PDB_id_code              1J1G 
_struct_ref_seq.pdbx_strand_id                A 
_struct_ref_seq.seq_align_beg                 2 
_struct_ref_seq.pdbx_seq_align_beg_ins_code   ? 
_struct_ref_seq.seq_align_end                 190 
_struct_ref_seq.pdbx_seq_align_end_ins_code   ? 
_struct_ref_seq.pdbx_db_accession             P23540 
_struct_ref_seq.db_align_beg                  2 
_struct_ref_seq.pdbx_db_align_beg_ins_code    ? 
_struct_ref_seq.db_align_end                  191 
_struct_ref_seq.pdbx_db_align_end_ins_code    ? 
_struct_ref_seq.pdbx_auth_seq_align_beg       2 
_struct_ref_seq.pdbx_auth_seq_align_end       190 
# 
loop_
_struct_ref_seq_dif.align_id 
_struct_ref_seq_dif.pdbx_pdb_id_code 
_struct_ref_seq_dif.mon_id 
_struct_ref_seq_dif.pdbx_pdb_strand_id 
_struct_ref_seq_dif.seq_num 
_struct_ref_seq_dif.pdbx_pdb_ins_code 
_struct_ref_seq_dif.pdbx_seq_db_name 
_struct_ref_seq_dif.pdbx_seq_db_accession_code 
_struct_ref_seq_dif.db_mon_id 
_struct_ref_seq_dif.pdbx_seq_db_seq_num 
_struct_ref_seq_dif.details 
_struct_ref_seq_dif.pdbx_auth_seq_num 
_struct_ref_seq_dif.pdbx_ordinal 
1 1J1G MET A 1   ? UNP P23540 ?   ?   'cloning artifact'    1   1 
1 1J1G GLN A 40  ? UNP P23540 GLY 40  'SEE REMARK 999'      40  2 
1 1J1G ?   A ?   ? UNP P23540 GLN 50  'SEE REMARK 999'      ?   3 
1 1J1G SER A 71  ? UNP P23540 ASN 72  'engineered mutation' 71  4 
1 1J1G GLU A 164 ? UNP P23540 GLN 165 'SEE REMARK 999'      164 5 
# 
_pdbx_struct_assembly.id                   1 
_pdbx_struct_assembly.details              author_defined_assembly 
_pdbx_struct_assembly.method_details       ? 
_pdbx_struct_assembly.oligomeric_details   monomeric 
_pdbx_struct_assembly.oligomeric_count     1 
# 
_pdbx_struct_assembly_gen.assembly_id       1 
_pdbx_struct_assembly_gen.oper_expression   1 
_pdbx_struct_assembly_gen.asym_id_list      A,B,C,D 
# 
_pdbx_struct_oper_list.id                   1 
_pdbx_struct_oper_list.type                 'identity operation' 
_pdbx_struct_oper_list.name                 1_555 
_pdbx_struct_oper_list.symmetry_operation   x,y,z 
_pdbx_struct_oper_list.matrix[1][1]         1.0000000000 
_pdbx_struct_oper_list.matrix[1][2]         0.0000000000 
_pdbx_struct_oper_list.matrix[1][3]         0.0000000000 
_pdbx_struct_oper_list.vector[1]            0.0000000000 
_pdbx_struct_oper_list.matrix[2][1]         0.0000000000 
_pdbx_struct_oper_list.matrix[2][2]         1.0000000000 
_pdbx_struct_oper_list.matrix[2][3]         0.0000000000 
_pdbx_struct_oper_list.vector[2]            0.0000000000 
_pdbx_struct_oper_list.matrix[3][1]         0.0000000000 
_pdbx_struct_oper_list.matrix[3][2]         0.0000000000 
_pdbx_struct_oper_list.matrix[3][3]         1.0000000000 
_pdbx_struct_oper_list.vector[3]            0.0000000000 
# 
loop_
_struct_conf.conf_type_id 
_struct_conf.id 
_struct_conf.pdbx_PDB_helix_id 
_struct_conf.beg_label_comp_id 
_struct_conf.beg_label_asym_id 
_struct_conf.beg_label_seq_id 
_struct_conf.pdbx_beg_PDB_ins_code 
_struct_conf.end_label_comp_id 
_struct_conf.end_label_asym_id 
_struct_conf.end_label_seq_id 
_struct_conf.pdbx_end_PDB_ins_code 
_struct_conf.beg_auth_comp_id 
_struct_conf.beg_auth_asym_id 
_struct_conf.beg_auth_seq_id 
_struct_conf.end_auth_comp_id 
_struct_conf.end_auth_asym_id 
_struct_conf.end_auth_seq_id 
_struct_conf.pdbx_PDB_helix_class 
_struct_conf.details 
_struct_conf.pdbx_PDB_helix_length 
HELX_P HELX_P1  1  TRP A 10  ? PHE A 17  ? TRP A 10  PHE A 17  1 ? 8  
HELX_P HELX_P2  2  CYS A 23  ? LEU A 28  ? CYS A 23  LEU A 28  5 ? 6  
HELX_P HELX_P3  3  ASP A 54  ? HIS A 60  ? ASP A 54  HIS A 60  5 ? 7  
HELX_P HELX_P4  4  LEU A 61  ? TRP A 69  ? LEU A 61  TRP A 69  1 ? 9  
HELX_P HELX_P5  5  ASN A 76  ? HIS A 88  ? ASN A 76  HIS A 88  1 ? 13 
HELX_P HELX_P6  6  GLY A 89  ? GLU A 93  ? GLY A 89  GLU A 93  5 ? 5  
HELX_P HELX_P7  7  ASN A 97  ? ASN A 111 ? ASN A 97  ASN A 111 1 ? 15 
HELX_P HELX_P8  8  ASP A 113 ? ARG A 119 ? ASP A 113 ARG A 119 1 ? 7  
HELX_P HELX_P9  9  PRO A 120 ? ALA A 122 ? PRO A 120 ALA A 122 5 ? 3  
HELX_P HELX_P10 10 ARG A 132 ? GLY A 144 ? ARG A 132 GLY A 144 1 ? 13 
# 
_struct_conf_type.id          HELX_P 
_struct_conf_type.criteria    ? 
_struct_conf_type.reference   ? 
# 
loop_
_struct_conn.id 
_struct_conn.conn_type_id 
_struct_conn.pdbx_leaving_atom_flag 
_struct_conn.pdbx_PDB_id 
_struct_conn.ptnr1_label_asym_id 
_struct_conn.ptnr1_label_comp_id 
_struct_conn.ptnr1_label_seq_id 
_struct_conn.ptnr1_label_atom_id 
_struct_conn.pdbx_ptnr1_label_alt_id 
_struct_conn.pdbx_ptnr1_PDB_ins_code 
_struct_conn.pdbx_ptnr1_standard_comp_id 
_struct_conn.ptnr1_symmetry 
_struct_conn.ptnr2_label_asym_id 
_struct_conn.ptnr2_label_comp_id 
_struct_conn.ptnr2_label_seq_id 
_struct_conn.ptnr2_label_atom_id 
_struct_conn.pdbx_ptnr2_label_alt_id 
_struct_conn.pdbx_ptnr2_PDB_ins_code 
_struct_conn.ptnr1_auth_asym_id 
_struct_conn.ptnr1_auth_comp_id 
_struct_conn.ptnr1_auth_seq_id 
_struct_conn.ptnr2_auth_asym_id 
_struct_conn.ptnr2_auth_comp_id 
_struct_conn.ptnr2_auth_seq_id 
_struct_conn.ptnr2_symmetry 
_struct_conn.pdbx_ptnr3_label_atom_id 
_struct_conn.pdbx_ptnr3_label_seq_id 
_struct_conn.pdbx_ptnr3_label_comp_id 
_struct_conn.pdbx_ptnr3_label_asym_id 
_struct_conn.pdbx_ptnr3_label_alt_id 
_struct_conn.pdbx_ptnr3_PDB_ins_code 
_struct_conn.details 
_struct_conn.pdbx_dist_value 
_struct_conn.pdbx_value_order 
_struct_conn.pdbx_role 
disulf1 disulf ? ? A CYS 15  SG ? ? ? 1_555 A CYS 23  SG ? ? A CYS 15  A CYS 23  1_555 ? ? ? ? ? ? ? 2.027 ? ? 
disulf2 disulf ? ? A CYS 48  SG ? ? ? 1_555 A CYS 91  SG ? ? A CYS 48  A CYS 91  1_555 ? ? ? ? ? ? ? 2.035 ? ? 
disulf3 disulf ? ? A CYS 151 SG ? ? ? 1_555 A CYS 184 SG ? ? A CYS 151 A CYS 184 1_555 ? ? ? ? ? ? ? 2.037 ? ? 
disulf4 disulf ? ? A CYS 168 SG ? ? ? 1_555 A CYS 179 SG ? ? A CYS 168 A CYS 179 1_555 ? ? ? ? ? ? ? 2.039 ? ? 
# 
_struct_conn_type.id          disulf 
_struct_conn_type.criteria    ? 
_struct_conn_type.reference   ? 
# 
loop_
_pdbx_modification_feature.ordinal 
_pdbx_modification_feature.label_comp_id 
_pdbx_modification_feature.label_asym_id 
_pdbx_modification_feature.label_seq_id 
_pdbx_modification_feature.label_alt_id 
_pdbx_modification_feature.modified_residue_label_comp_id 
_pdbx_modification_feature.modified_residue_label_asym_id 
_pdbx_modification_feature.modified_residue_label_seq_id 
_pdbx_modification_feature.modified_residue_label_alt_id 
_pdbx_modification_feature.auth_comp_id 
_pdbx_modification_feature.auth_asym_id 
_pdbx_modification_feature.auth_seq_id 
_pdbx_modification_feature.PDB_ins_code 
_pdbx_modification_feature.symmetry 
_pdbx_modification_feature.modified_residue_auth_comp_id 
_pdbx_modification_feature.modified_residue_auth_asym_id 
_pdbx_modification_feature.modified_residue_auth_seq_id 
_pdbx_modification_feature.modified_residue_PDB_ins_code 
_pdbx_modification_feature.modified_residue_symmetry 
_pdbx_modification_feature.comp_id_linking_atom 
_pdbx_modification_feature.modified_residue_id_linking_atom 
_pdbx_modification_feature.modified_residue_id 
_pdbx_modification_feature.ref_pcm_id 
_pdbx_modification_feature.ref_comp_id 
_pdbx_modification_feature.type 
_pdbx_modification_feature.category 
1 CYS A 15  ? CYS A 23  ? CYS A 15  ? 1_555 CYS A 23  ? 1_555 SG SG . . . None 'Disulfide bridge' 
2 CYS A 48  ? CYS A 91  ? CYS A 48  ? 1_555 CYS A 91  ? 1_555 SG SG . . . None 'Disulfide bridge' 
3 CYS A 151 ? CYS A 184 ? CYS A 151 ? 1_555 CYS A 184 ? 1_555 SG SG . . . None 'Disulfide bridge' 
4 CYS A 168 ? CYS A 179 ? CYS A 168 ? 1_555 CYS A 179 ? 1_555 SG SG . . . None 'Disulfide bridge' 
# 
loop_
_struct_sheet.id 
_struct_sheet.type 
_struct_sheet.number_strands 
_struct_sheet.details 
A ? 5 ? 
B ? 5 ? 
C ? 2 ? 
# 
loop_
_struct_sheet_order.sheet_id 
_struct_sheet_order.range_id_1 
_struct_sheet_order.range_id_2 
_struct_sheet_order.offset 
_struct_sheet_order.sense 
A 1 2 ? anti-parallel 
A 2 3 ? anti-parallel 
A 3 4 ? anti-parallel 
A 4 5 ? anti-parallel 
B 1 2 ? anti-parallel 
B 2 3 ? anti-parallel 
B 3 4 ? anti-parallel 
B 4 5 ? anti-parallel 
C 1 2 ? anti-parallel 
# 
loop_
_struct_sheet_range.sheet_id 
_struct_sheet_range.id 
_struct_sheet_range.beg_label_comp_id 
_struct_sheet_range.beg_label_asym_id 
_struct_sheet_range.beg_label_seq_id 
_struct_sheet_range.pdbx_beg_PDB_ins_code 
_struct_sheet_range.end_label_comp_id 
_struct_sheet_range.end_label_asym_id 
_struct_sheet_range.end_label_seq_id 
_struct_sheet_range.pdbx_end_PDB_ins_code 
_struct_sheet_range.beg_auth_comp_id 
_struct_sheet_range.beg_auth_asym_id 
_struct_sheet_range.beg_auth_seq_id 
_struct_sheet_range.end_auth_comp_id 
_struct_sheet_range.end_auth_asym_id 
_struct_sheet_range.end_auth_seq_id 
A 1 THR A 43  ? SER A 44  ? THR A 43  SER A 44  
A 2 THR A 32  ? GLN A 40  ? THR A 32  GLN A 40  
A 3 SER A 3   ? GLN A 9   ? SER A 3   GLN A 9   
A 4 SER A 160 ? ALA A 170 ? SER A 160 ALA A 170 
A 5 GLY A 148 ? THR A 153 ? GLY A 148 THR A 153 
B 1 THR A 43  ? SER A 44  ? THR A 43  SER A 44  
B 2 THR A 32  ? GLN A 40  ? THR A 32  GLN A 40  
B 3 SER A 3   ? GLN A 9   ? SER A 3   GLN A 9   
B 4 SER A 160 ? ALA A 170 ? SER A 160 ALA A 170 
B 5 LEU A 176 ? ILE A 177 ? LEU A 176 ILE A 177 
C 1 ARG A 128 ? SER A 131 ? ARG A 128 SER A 131 
C 2 ASN A 187 ? PHE A 190 ? ASN A 187 PHE A 190 
# 
loop_
_pdbx_struct_sheet_hbond.sheet_id 
_pdbx_struct_sheet_hbond.range_id_1 
_pdbx_struct_sheet_hbond.range_id_2 
_pdbx_struct_sheet_hbond.range_1_label_atom_id 
_pdbx_struct_sheet_hbond.range_1_label_comp_id 
_pdbx_struct_sheet_hbond.range_1_label_asym_id 
_pdbx_struct_sheet_hbond.range_1_label_seq_id 
_pdbx_struct_sheet_hbond.range_1_PDB_ins_code 
_pdbx_struct_sheet_hbond.range_1_auth_atom_id 
_pdbx_struct_sheet_hbond.range_1_auth_comp_id 
_pdbx_struct_sheet_hbond.range_1_auth_asym_id 
_pdbx_struct_sheet_hbond.range_1_auth_seq_id 
_pdbx_struct_sheet_hbond.range_2_label_atom_id 
_pdbx_struct_sheet_hbond.range_2_label_comp_id 
_pdbx_struct_sheet_hbond.range_2_label_asym_id 
_pdbx_struct_sheet_hbond.range_2_label_seq_id 
_pdbx_struct_sheet_hbond.range_2_PDB_ins_code 
_pdbx_struct_sheet_hbond.range_2_auth_atom_id 
_pdbx_struct_sheet_hbond.range_2_auth_comp_id 
_pdbx_struct_sheet_hbond.range_2_auth_asym_id 
_pdbx_struct_sheet_hbond.range_2_auth_seq_id 
A 1 2 O THR A 43  ? O THR A 43  N GLN A 40  ? N GLN A 40  
A 2 3 O HIS A 34  ? O HIS A 34  N VAL A 7   ? N VAL A 7   
A 3 4 N PHE A 6   ? N PHE A 6   O ALA A 167 ? O ALA A 167 
A 4 5 O VAL A 166 ? O VAL A 166 N GLY A 148 ? N GLY A 148 
B 1 2 O THR A 43  ? O THR A 43  N GLN A 40  ? N GLN A 40  
B 2 3 O HIS A 34  ? O HIS A 34  N VAL A 7   ? N VAL A 7   
B 3 4 N PHE A 6   ? N PHE A 6   O ALA A 167 ? O ALA A 167 
B 4 5 N CYS A 168 ? N CYS A 168 O ILE A 177 ? O ILE A 177 
C 1 2 N LYS A 130 ? N LYS A 130 O PHE A 188 ? O PHE A 188 
# 
loop_
_struct_site.id 
_struct_site.pdbx_evidence_code 
_struct_site.pdbx_auth_asym_id 
_struct_site.pdbx_auth_comp_id 
_struct_site.pdbx_auth_seq_id 
_struct_site.pdbx_auth_ins_code 
_struct_site.pdbx_num_residues 
_struct_site.details 
AC1 Software A 5GP 295 ? 14 'BINDING SITE FOR RESIDUE 5GP A 295' 
AC2 Software A 5GP 296 ? 10 'BINDING SITE FOR RESIDUE 5GP A 296' 
# 
loop_
_struct_site_gen.id 
_struct_site_gen.site_id 
_struct_site_gen.pdbx_num_res 
_struct_site_gen.label_comp_id 
_struct_site_gen.label_asym_id 
_struct_site_gen.label_seq_id 
_struct_site_gen.pdbx_auth_ins_code 
_struct_site_gen.auth_comp_id 
_struct_site_gen.auth_asym_id 
_struct_site_gen.auth_seq_id 
_struct_site_gen.label_atom_id 
_struct_site_gen.label_alt_id 
_struct_site_gen.symmetry 
_struct_site_gen.details 
1  AC1 14 GLN A 9   ? GLN A 9   . ? 1_555 ? 
2  AC1 14 HIS A 34  ? HIS A 34  . ? 1_555 ? 
3  AC1 14 TRP A 37  ? TRP A 37  . ? 1_555 ? 
4  AC1 14 SER A 71  ? SER A 71  . ? 1_555 ? 
5  AC1 14 VAL A 72  ? VAL A 72  . ? 1_555 ? 
6  AC1 14 LEU A 73  ? LEU A 73  . ? 1_555 ? 
7  AC1 14 ARG A 74  ? ARG A 74  . ? 1_555 ? 
8  AC1 14 PHE A 80  ? PHE A 80  . ? 1_555 ? 
9  AC1 14 HIS A 83  ? HIS A 83  . ? 1_555 ? 
10 AC1 14 GLU A 84  ? GLU A 84  . ? 1_555 ? 
11 AC1 14 LYS A 87  ? LYS A 87  . ? 1_555 ? 
12 AC1 14 HIS A 88  ? HIS A 88  . ? 1_555 ? 
13 AC1 14 HOH D .   ? HOH A 310 . ? 1_555 ? 
14 AC1 14 HOH D .   ? HOH A 388 . ? 1_555 ? 
15 AC2 10 SER A 63  ? SER A 63  . ? 1_555 ? 
16 AC2 10 GLN A 64  ? GLN A 64  . ? 1_555 ? 
17 AC2 10 THR A 67  ? THR A 67  . ? 1_555 ? 
18 AC2 10 ASN A 110 ? ASN A 110 . ? 1_555 ? 
19 AC2 10 ALA A 122 ? ALA A 122 . ? 4_576 ? 
20 AC2 10 PRO A 125 ? PRO A 125 . ? 4_576 ? 
21 AC2 10 LYS A 140 ? LYS A 140 . ? 1_655 ? 
22 AC2 10 HOH D .   ? HOH A 364 . ? 1_655 ? 
23 AC2 10 HOH D .   ? HOH A 373 . ? 4_576 ? 
24 AC2 10 HOH D .   ? HOH A 379 . ? 4_576 ? 
# 
_pdbx_entry_details.entry_id                   1J1G 
_pdbx_entry_details.compound_details           ? 
_pdbx_entry_details.source_details             ? 
_pdbx_entry_details.nonpolymer_details         ? 
_pdbx_entry_details.sequence_details           ? 
_pdbx_entry_details.has_ligand_of_interest     ? 
_pdbx_entry_details.has_protein_modification   Y 
# 
loop_
_pdbx_validate_torsion.id 
_pdbx_validate_torsion.PDB_model_num 
_pdbx_validate_torsion.auth_comp_id 
_pdbx_validate_torsion.auth_asym_id 
_pdbx_validate_torsion.auth_seq_id 
_pdbx_validate_torsion.PDB_ins_code 
_pdbx_validate_torsion.label_alt_id 
_pdbx_validate_torsion.phi 
_pdbx_validate_torsion.psi 
1 1 CYS A 23  ? ? -165.05 95.97  
2 1 GLN A 40  ? ? -160.98 118.82 
3 1 HIS A 88  ? ? -125.30 -50.63 
4 1 ASN A 126 ? ? -147.40 18.79  
# 
loop_
_chem_comp_atom.comp_id 
_chem_comp_atom.atom_id 
_chem_comp_atom.type_symbol 
_chem_comp_atom.pdbx_aromatic_flag 
_chem_comp_atom.pdbx_stereo_config 
_chem_comp_atom.pdbx_ordinal 
5GP P      P N N 1   
5GP O1P    O N N 2   
5GP O2P    O N N 3   
5GP O3P    O N N 4   
5GP "O5'"  O N N 5   
5GP "C5'"  C N N 6   
5GP "C4'"  C N R 7   
5GP "O4'"  O N N 8   
5GP "C3'"  C N S 9   
5GP "O3'"  O N N 10  
5GP "C2'"  C N R 11  
5GP "O2'"  O N N 12  
5GP "C1'"  C N R 13  
5GP N9     N Y N 14  
5GP C8     C Y N 15  
5GP N7     N Y N 16  
5GP C5     C Y N 17  
5GP C6     C N N 18  
5GP O6     O N N 19  
5GP N1     N N N 20  
5GP C2     C N N 21  
5GP N2     N N N 22  
5GP N3     N N N 23  
5GP C4     C Y N 24  
5GP HOP2   H N N 25  
5GP HOP3   H N N 26  
5GP "H5'1" H N N 27  
5GP "H5'2" H N N 28  
5GP "H4'"  H N N 29  
5GP "H3'"  H N N 30  
5GP "HO3'" H N N 31  
5GP "H2'"  H N N 32  
5GP "HO2'" H N N 33  
5GP "H1'"  H N N 34  
5GP H8     H N N 35  
5GP HN1    H N N 36  
5GP HN21   H N N 37  
5GP HN22   H N N 38  
ALA N      N N N 39  
ALA CA     C N S 40  
ALA C      C N N 41  
ALA O      O N N 42  
ALA CB     C N N 43  
ALA OXT    O N N 44  
ALA H      H N N 45  
ALA H2     H N N 46  
ALA HA     H N N 47  
ALA HB1    H N N 48  
ALA HB2    H N N 49  
ALA HB3    H N N 50  
ALA HXT    H N N 51  
ARG N      N N N 52  
ARG CA     C N S 53  
ARG C      C N N 54  
ARG O      O N N 55  
ARG CB     C N N 56  
ARG CG     C N N 57  
ARG CD     C N N 58  
ARG NE     N N N 59  
ARG CZ     C N N 60  
ARG NH1    N N N 61  
ARG NH2    N N N 62  
ARG OXT    O N N 63  
ARG H      H N N 64  
ARG H2     H N N 65  
ARG HA     H N N 66  
ARG HB2    H N N 67  
ARG HB3    H N N 68  
ARG HG2    H N N 69  
ARG HG3    H N N 70  
ARG HD2    H N N 71  
ARG HD3    H N N 72  
ARG HE     H N N 73  
ARG HH11   H N N 74  
ARG HH12   H N N 75  
ARG HH21   H N N 76  
ARG HH22   H N N 77  
ARG HXT    H N N 78  
ASN N      N N N 79  
ASN CA     C N S 80  
ASN C      C N N 81  
ASN O      O N N 82  
ASN CB     C N N 83  
ASN CG     C N N 84  
ASN OD1    O N N 85  
ASN ND2    N N N 86  
ASN OXT    O N N 87  
ASN H      H N N 88  
ASN H2     H N N 89  
ASN HA     H N N 90  
ASN HB2    H N N 91  
ASN HB3    H N N 92  
ASN HD21   H N N 93  
ASN HD22   H N N 94  
ASN HXT    H N N 95  
ASP N      N N N 96  
ASP CA     C N S 97  
ASP C      C N N 98  
ASP O      O N N 99  
ASP CB     C N N 100 
ASP CG     C N N 101 
ASP OD1    O N N 102 
ASP OD2    O N N 103 
ASP OXT    O N N 104 
ASP H      H N N 105 
ASP H2     H N N 106 
ASP HA     H N N 107 
ASP HB2    H N N 108 
ASP HB3    H N N 109 
ASP HD2    H N N 110 
ASP HXT    H N N 111 
CYS N      N N N 112 
CYS CA     C N R 113 
CYS C      C N N 114 
CYS O      O N N 115 
CYS CB     C N N 116 
CYS SG     S N N 117 
CYS OXT    O N N 118 
CYS H      H N N 119 
CYS H2     H N N 120 
CYS HA     H N N 121 
CYS HB2    H N N 122 
CYS HB3    H N N 123 
CYS HG     H N N 124 
CYS HXT    H N N 125 
GLN N      N N N 126 
GLN CA     C N S 127 
GLN C      C N N 128 
GLN O      O N N 129 
GLN CB     C N N 130 
GLN CG     C N N 131 
GLN CD     C N N 132 
GLN OE1    O N N 133 
GLN NE2    N N N 134 
GLN OXT    O N N 135 
GLN H      H N N 136 
GLN H2     H N N 137 
GLN HA     H N N 138 
GLN HB2    H N N 139 
GLN HB3    H N N 140 
GLN HG2    H N N 141 
GLN HG3    H N N 142 
GLN HE21   H N N 143 
GLN HE22   H N N 144 
GLN HXT    H N N 145 
GLU N      N N N 146 
GLU CA     C N S 147 
GLU C      C N N 148 
GLU O      O N N 149 
GLU CB     C N N 150 
GLU CG     C N N 151 
GLU CD     C N N 152 
GLU OE1    O N N 153 
GLU OE2    O N N 154 
GLU OXT    O N N 155 
GLU H      H N N 156 
GLU H2     H N N 157 
GLU HA     H N N 158 
GLU HB2    H N N 159 
GLU HB3    H N N 160 
GLU HG2    H N N 161 
GLU HG3    H N N 162 
GLU HE2    H N N 163 
GLU HXT    H N N 164 
GLY N      N N N 165 
GLY CA     C N N 166 
GLY C      C N N 167 
GLY O      O N N 168 
GLY OXT    O N N 169 
GLY H      H N N 170 
GLY H2     H N N 171 
GLY HA2    H N N 172 
GLY HA3    H N N 173 
GLY HXT    H N N 174 
HIS N      N N N 175 
HIS CA     C N S 176 
HIS C      C N N 177 
HIS O      O N N 178 
HIS CB     C N N 179 
HIS CG     C Y N 180 
HIS ND1    N Y N 181 
HIS CD2    C Y N 182 
HIS CE1    C Y N 183 
HIS NE2    N Y N 184 
HIS OXT    O N N 185 
HIS H      H N N 186 
HIS H2     H N N 187 
HIS HA     H N N 188 
HIS HB2    H N N 189 
HIS HB3    H N N 190 
HIS HD1    H N N 191 
HIS HD2    H N N 192 
HIS HE1    H N N 193 
HIS HE2    H N N 194 
HIS HXT    H N N 195 
HOH O      O N N 196 
HOH H1     H N N 197 
HOH H2     H N N 198 
ILE N      N N N 199 
ILE CA     C N S 200 
ILE C      C N N 201 
ILE O      O N N 202 
ILE CB     C N S 203 
ILE CG1    C N N 204 
ILE CG2    C N N 205 
ILE CD1    C N N 206 
ILE OXT    O N N 207 
ILE H      H N N 208 
ILE H2     H N N 209 
ILE HA     H N N 210 
ILE HB     H N N 211 
ILE HG12   H N N 212 
ILE HG13   H N N 213 
ILE HG21   H N N 214 
ILE HG22   H N N 215 
ILE HG23   H N N 216 
ILE HD11   H N N 217 
ILE HD12   H N N 218 
ILE HD13   H N N 219 
ILE HXT    H N N 220 
LEU N      N N N 221 
LEU CA     C N S 222 
LEU C      C N N 223 
LEU O      O N N 224 
LEU CB     C N N 225 
LEU CG     C N N 226 
LEU CD1    C N N 227 
LEU CD2    C N N 228 
LEU OXT    O N N 229 
LEU H      H N N 230 
LEU H2     H N N 231 
LEU HA     H N N 232 
LEU HB2    H N N 233 
LEU HB3    H N N 234 
LEU HG     H N N 235 
LEU HD11   H N N 236 
LEU HD12   H N N 237 
LEU HD13   H N N 238 
LEU HD21   H N N 239 
LEU HD22   H N N 240 
LEU HD23   H N N 241 
LEU HXT    H N N 242 
LYS N      N N N 243 
LYS CA     C N S 244 
LYS C      C N N 245 
LYS O      O N N 246 
LYS CB     C N N 247 
LYS CG     C N N 248 
LYS CD     C N N 249 
LYS CE     C N N 250 
LYS NZ     N N N 251 
LYS OXT    O N N 252 
LYS H      H N N 253 
LYS H2     H N N 254 
LYS HA     H N N 255 
LYS HB2    H N N 256 
LYS HB3    H N N 257 
LYS HG2    H N N 258 
LYS HG3    H N N 259 
LYS HD2    H N N 260 
LYS HD3    H N N 261 
LYS HE2    H N N 262 
LYS HE3    H N N 263 
LYS HZ1    H N N 264 
LYS HZ2    H N N 265 
LYS HZ3    H N N 266 
LYS HXT    H N N 267 
MET N      N N N 268 
MET CA     C N S 269 
MET C      C N N 270 
MET O      O N N 271 
MET CB     C N N 272 
MET CG     C N N 273 
MET SD     S N N 274 
MET CE     C N N 275 
MET OXT    O N N 276 
MET H      H N N 277 
MET H2     H N N 278 
MET HA     H N N 279 
MET HB2    H N N 280 
MET HB3    H N N 281 
MET HG2    H N N 282 
MET HG3    H N N 283 
MET HE1    H N N 284 
MET HE2    H N N 285 
MET HE3    H N N 286 
MET HXT    H N N 287 
PHE N      N N N 288 
PHE CA     C N S 289 
PHE C      C N N 290 
PHE O      O N N 291 
PHE CB     C N N 292 
PHE CG     C Y N 293 
PHE CD1    C Y N 294 
PHE CD2    C Y N 295 
PHE CE1    C Y N 296 
PHE CE2    C Y N 297 
PHE CZ     C Y N 298 
PHE OXT    O N N 299 
PHE H      H N N 300 
PHE H2     H N N 301 
PHE HA     H N N 302 
PHE HB2    H N N 303 
PHE HB3    H N N 304 
PHE HD1    H N N 305 
PHE HD2    H N N 306 
PHE HE1    H N N 307 
PHE HE2    H N N 308 
PHE HZ     H N N 309 
PHE HXT    H N N 310 
PRO N      N N N 311 
PRO CA     C N S 312 
PRO C      C N N 313 
PRO O      O N N 314 
PRO CB     C N N 315 
PRO CG     C N N 316 
PRO CD     C N N 317 
PRO OXT    O N N 318 
PRO H      H N N 319 
PRO HA     H N N 320 
PRO HB2    H N N 321 
PRO HB3    H N N 322 
PRO HG2    H N N 323 
PRO HG3    H N N 324 
PRO HD2    H N N 325 
PRO HD3    H N N 326 
PRO HXT    H N N 327 
SER N      N N N 328 
SER CA     C N S 329 
SER C      C N N 330 
SER O      O N N 331 
SER CB     C N N 332 
SER OG     O N N 333 
SER OXT    O N N 334 
SER H      H N N 335 
SER H2     H N N 336 
SER HA     H N N 337 
SER HB2    H N N 338 
SER HB3    H N N 339 
SER HG     H N N 340 
SER HXT    H N N 341 
THR N      N N N 342 
THR CA     C N S 343 
THR C      C N N 344 
THR O      O N N 345 
THR CB     C N R 346 
THR OG1    O N N 347 
THR CG2    C N N 348 
THR OXT    O N N 349 
THR H      H N N 350 
THR H2     H N N 351 
THR HA     H N N 352 
THR HB     H N N 353 
THR HG1    H N N 354 
THR HG21   H N N 355 
THR HG22   H N N 356 
THR HG23   H N N 357 
THR HXT    H N N 358 
TRP N      N N N 359 
TRP CA     C N S 360 
TRP C      C N N 361 
TRP O      O N N 362 
TRP CB     C N N 363 
TRP CG     C Y N 364 
TRP CD1    C Y N 365 
TRP CD2    C Y N 366 
TRP NE1    N Y N 367 
TRP CE2    C Y N 368 
TRP CE3    C Y N 369 
TRP CZ2    C Y N 370 
TRP CZ3    C Y N 371 
TRP CH2    C Y N 372 
TRP OXT    O N N 373 
TRP H      H N N 374 
TRP H2     H N N 375 
TRP HA     H N N 376 
TRP HB2    H N N 377 
TRP HB3    H N N 378 
TRP HD1    H N N 379 
TRP HE1    H N N 380 
TRP HE3    H N N 381 
TRP HZ2    H N N 382 
TRP HZ3    H N N 383 
TRP HH2    H N N 384 
TRP HXT    H N N 385 
TYR N      N N N 386 
TYR CA     C N S 387 
TYR C      C N N 388 
TYR O      O N N 389 
TYR CB     C N N 390 
TYR CG     C Y N 391 
TYR CD1    C Y N 392 
TYR CD2    C Y N 393 
TYR CE1    C Y N 394 
TYR CE2    C Y N 395 
TYR CZ     C Y N 396 
TYR OH     O N N 397 
TYR OXT    O N N 398 
TYR H      H N N 399 
TYR H2     H N N 400 
TYR HA     H N N 401 
TYR HB2    H N N 402 
TYR HB3    H N N 403 
TYR HD1    H N N 404 
TYR HD2    H N N 405 
TYR HE1    H N N 406 
TYR HE2    H N N 407 
TYR HH     H N N 408 
TYR HXT    H N N 409 
VAL N      N N N 410 
VAL CA     C N S 411 
VAL C      C N N 412 
VAL O      O N N 413 
VAL CB     C N N 414 
VAL CG1    C N N 415 
VAL CG2    C N N 416 
VAL OXT    O N N 417 
VAL H      H N N 418 
VAL H2     H N N 419 
VAL HA     H N N 420 
VAL HB     H N N 421 
VAL HG11   H N N 422 
VAL HG12   H N N 423 
VAL HG13   H N N 424 
VAL HG21   H N N 425 
VAL HG22   H N N 426 
VAL HG23   H N N 427 
VAL HXT    H N N 428 
# 
loop_
_chem_comp_bond.comp_id 
_chem_comp_bond.atom_id_1 
_chem_comp_bond.atom_id_2 
_chem_comp_bond.value_order 
_chem_comp_bond.pdbx_aromatic_flag 
_chem_comp_bond.pdbx_stereo_config 
_chem_comp_bond.pdbx_ordinal 
5GP P     O1P    doub N N 1   
5GP P     O2P    sing N N 2   
5GP P     O3P    sing N N 3   
5GP P     "O5'"  sing N N 4   
5GP O2P   HOP2   sing N N 5   
5GP O3P   HOP3   sing N N 6   
5GP "O5'" "C5'"  sing N N 7   
5GP "C5'" "C4'"  sing N N 8   
5GP "C5'" "H5'1" sing N N 9   
5GP "C5'" "H5'2" sing N N 10  
5GP "C4'" "O4'"  sing N N 11  
5GP "C4'" "C3'"  sing N N 12  
5GP "C4'" "H4'"  sing N N 13  
5GP "O4'" "C1'"  sing N N 14  
5GP "C3'" "O3'"  sing N N 15  
5GP "C3'" "C2'"  sing N N 16  
5GP "C3'" "H3'"  sing N N 17  
5GP "O3'" "HO3'" sing N N 18  
5GP "C2'" "O2'"  sing N N 19  
5GP "C2'" "C1'"  sing N N 20  
5GP "C2'" "H2'"  sing N N 21  
5GP "O2'" "HO2'" sing N N 22  
5GP "C1'" N9     sing N N 23  
5GP "C1'" "H1'"  sing N N 24  
5GP N9    C8     sing Y N 25  
5GP N9    C4     sing Y N 26  
5GP C8    N7     doub Y N 27  
5GP C8    H8     sing N N 28  
5GP N7    C5     sing Y N 29  
5GP C5    C6     sing N N 30  
5GP C5    C4     doub Y N 31  
5GP C6    O6     doub N N 32  
5GP C6    N1     sing N N 33  
5GP N1    C2     sing N N 34  
5GP N1    HN1    sing N N 35  
5GP C2    N2     sing N N 36  
5GP C2    N3     doub N N 37  
5GP N2    HN21   sing N N 38  
5GP N2    HN22   sing N N 39  
5GP N3    C4     sing N N 40  
ALA N     CA     sing N N 41  
ALA N     H      sing N N 42  
ALA N     H2     sing N N 43  
ALA CA    C      sing N N 44  
ALA CA    CB     sing N N 45  
ALA CA    HA     sing N N 46  
ALA C     O      doub N N 47  
ALA C     OXT    sing N N 48  
ALA CB    HB1    sing N N 49  
ALA CB    HB2    sing N N 50  
ALA CB    HB3    sing N N 51  
ALA OXT   HXT    sing N N 52  
ARG N     CA     sing N N 53  
ARG N     H      sing N N 54  
ARG N     H2     sing N N 55  
ARG CA    C      sing N N 56  
ARG CA    CB     sing N N 57  
ARG CA    HA     sing N N 58  
ARG C     O      doub N N 59  
ARG C     OXT    sing N N 60  
ARG CB    CG     sing N N 61  
ARG CB    HB2    sing N N 62  
ARG CB    HB3    sing N N 63  
ARG CG    CD     sing N N 64  
ARG CG    HG2    sing N N 65  
ARG CG    HG3    sing N N 66  
ARG CD    NE     sing N N 67  
ARG CD    HD2    sing N N 68  
ARG CD    HD3    sing N N 69  
ARG NE    CZ     sing N N 70  
ARG NE    HE     sing N N 71  
ARG CZ    NH1    sing N N 72  
ARG CZ    NH2    doub N N 73  
ARG NH1   HH11   sing N N 74  
ARG NH1   HH12   sing N N 75  
ARG NH2   HH21   sing N N 76  
ARG NH2   HH22   sing N N 77  
ARG OXT   HXT    sing N N 78  
ASN N     CA     sing N N 79  
ASN N     H      sing N N 80  
ASN N     H2     sing N N 81  
ASN CA    C      sing N N 82  
ASN CA    CB     sing N N 83  
ASN CA    HA     sing N N 84  
ASN C     O      doub N N 85  
ASN C     OXT    sing N N 86  
ASN CB    CG     sing N N 87  
ASN CB    HB2    sing N N 88  
ASN CB    HB3    sing N N 89  
ASN CG    OD1    doub N N 90  
ASN CG    ND2    sing N N 91  
ASN ND2   HD21   sing N N 92  
ASN ND2   HD22   sing N N 93  
ASN OXT   HXT    sing N N 94  
ASP N     CA     sing N N 95  
ASP N     H      sing N N 96  
ASP N     H2     sing N N 97  
ASP CA    C      sing N N 98  
ASP CA    CB     sing N N 99  
ASP CA    HA     sing N N 100 
ASP C     O      doub N N 101 
ASP C     OXT    sing N N 102 
ASP CB    CG     sing N N 103 
ASP CB    HB2    sing N N 104 
ASP CB    HB3    sing N N 105 
ASP CG    OD1    doub N N 106 
ASP CG    OD2    sing N N 107 
ASP OD2   HD2    sing N N 108 
ASP OXT   HXT    sing N N 109 
CYS N     CA     sing N N 110 
CYS N     H      sing N N 111 
CYS N     H2     sing N N 112 
CYS CA    C      sing N N 113 
CYS CA    CB     sing N N 114 
CYS CA    HA     sing N N 115 
CYS C     O      doub N N 116 
CYS C     OXT    sing N N 117 
CYS CB    SG     sing N N 118 
CYS CB    HB2    sing N N 119 
CYS CB    HB3    sing N N 120 
CYS SG    HG     sing N N 121 
CYS OXT   HXT    sing N N 122 
GLN N     CA     sing N N 123 
GLN N     H      sing N N 124 
GLN N     H2     sing N N 125 
GLN CA    C      sing N N 126 
GLN CA    CB     sing N N 127 
GLN CA    HA     sing N N 128 
GLN C     O      doub N N 129 
GLN C     OXT    sing N N 130 
GLN CB    CG     sing N N 131 
GLN CB    HB2    sing N N 132 
GLN CB    HB3    sing N N 133 
GLN CG    CD     sing N N 134 
GLN CG    HG2    sing N N 135 
GLN CG    HG3    sing N N 136 
GLN CD    OE1    doub N N 137 
GLN CD    NE2    sing N N 138 
GLN NE2   HE21   sing N N 139 
GLN NE2   HE22   sing N N 140 
GLN OXT   HXT    sing N N 141 
GLU N     CA     sing N N 142 
GLU N     H      sing N N 143 
GLU N     H2     sing N N 144 
GLU CA    C      sing N N 145 
GLU CA    CB     sing N N 146 
GLU CA    HA     sing N N 147 
GLU C     O      doub N N 148 
GLU C     OXT    sing N N 149 
GLU CB    CG     sing N N 150 
GLU CB    HB2    sing N N 151 
GLU CB    HB3    sing N N 152 
GLU CG    CD     sing N N 153 
GLU CG    HG2    sing N N 154 
GLU CG    HG3    sing N N 155 
GLU CD    OE1    doub N N 156 
GLU CD    OE2    sing N N 157 
GLU OE2   HE2    sing N N 158 
GLU OXT   HXT    sing N N 159 
GLY N     CA     sing N N 160 
GLY N     H      sing N N 161 
GLY N     H2     sing N N 162 
GLY CA    C      sing N N 163 
GLY CA    HA2    sing N N 164 
GLY CA    HA3    sing N N 165 
GLY C     O      doub N N 166 
GLY C     OXT    sing N N 167 
GLY OXT   HXT    sing N N 168 
HIS N     CA     sing N N 169 
HIS N     H      sing N N 170 
HIS N     H2     sing N N 171 
HIS CA    C      sing N N 172 
HIS CA    CB     sing N N 173 
HIS CA    HA     sing N N 174 
HIS C     O      doub N N 175 
HIS C     OXT    sing N N 176 
HIS CB    CG     sing N N 177 
HIS CB    HB2    sing N N 178 
HIS CB    HB3    sing N N 179 
HIS CG    ND1    sing Y N 180 
HIS CG    CD2    doub Y N 181 
HIS ND1   CE1    doub Y N 182 
HIS ND1   HD1    sing N N 183 
HIS CD2   NE2    sing Y N 184 
HIS CD2   HD2    sing N N 185 
HIS CE1   NE2    sing Y N 186 
HIS CE1   HE1    sing N N 187 
HIS NE2   HE2    sing N N 188 
HIS OXT   HXT    sing N N 189 
HOH O     H1     sing N N 190 
HOH O     H2     sing N N 191 
ILE N     CA     sing N N 192 
ILE N     H      sing N N 193 
ILE N     H2     sing N N 194 
ILE CA    C      sing N N 195 
ILE CA    CB     sing N N 196 
ILE CA    HA     sing N N 197 
ILE C     O      doub N N 198 
ILE C     OXT    sing N N 199 
ILE CB    CG1    sing N N 200 
ILE CB    CG2    sing N N 201 
ILE CB    HB     sing N N 202 
ILE CG1   CD1    sing N N 203 
ILE CG1   HG12   sing N N 204 
ILE CG1   HG13   sing N N 205 
ILE CG2   HG21   sing N N 206 
ILE CG2   HG22   sing N N 207 
ILE CG2   HG23   sing N N 208 
ILE CD1   HD11   sing N N 209 
ILE CD1   HD12   sing N N 210 
ILE CD1   HD13   sing N N 211 
ILE OXT   HXT    sing N N 212 
LEU N     CA     sing N N 213 
LEU N     H      sing N N 214 
LEU N     H2     sing N N 215 
LEU CA    C      sing N N 216 
LEU CA    CB     sing N N 217 
LEU CA    HA     sing N N 218 
LEU C     O      doub N N 219 
LEU C     OXT    sing N N 220 
LEU CB    CG     sing N N 221 
LEU CB    HB2    sing N N 222 
LEU CB    HB3    sing N N 223 
LEU CG    CD1    sing N N 224 
LEU CG    CD2    sing N N 225 
LEU CG    HG     sing N N 226 
LEU CD1   HD11   sing N N 227 
LEU CD1   HD12   sing N N 228 
LEU CD1   HD13   sing N N 229 
LEU CD2   HD21   sing N N 230 
LEU CD2   HD22   sing N N 231 
LEU CD2   HD23   sing N N 232 
LEU OXT   HXT    sing N N 233 
LYS N     CA     sing N N 234 
LYS N     H      sing N N 235 
LYS N     H2     sing N N 236 
LYS CA    C      sing N N 237 
LYS CA    CB     sing N N 238 
LYS CA    HA     sing N N 239 
LYS C     O      doub N N 240 
LYS C     OXT    sing N N 241 
LYS CB    CG     sing N N 242 
LYS CB    HB2    sing N N 243 
LYS CB    HB3    sing N N 244 
LYS CG    CD     sing N N 245 
LYS CG    HG2    sing N N 246 
LYS CG    HG3    sing N N 247 
LYS CD    CE     sing N N 248 
LYS CD    HD2    sing N N 249 
LYS CD    HD3    sing N N 250 
LYS CE    NZ     sing N N 251 
LYS CE    HE2    sing N N 252 
LYS CE    HE3    sing N N 253 
LYS NZ    HZ1    sing N N 254 
LYS NZ    HZ2    sing N N 255 
LYS NZ    HZ3    sing N N 256 
LYS OXT   HXT    sing N N 257 
MET N     CA     sing N N 258 
MET N     H      sing N N 259 
MET N     H2     sing N N 260 
MET CA    C      sing N N 261 
MET CA    CB     sing N N 262 
MET CA    HA     sing N N 263 
MET C     O      doub N N 264 
MET C     OXT    sing N N 265 
MET CB    CG     sing N N 266 
MET CB    HB2    sing N N 267 
MET CB    HB3    sing N N 268 
MET CG    SD     sing N N 269 
MET CG    HG2    sing N N 270 
MET CG    HG3    sing N N 271 
MET SD    CE     sing N N 272 
MET CE    HE1    sing N N 273 
MET CE    HE2    sing N N 274 
MET CE    HE3    sing N N 275 
MET OXT   HXT    sing N N 276 
PHE N     CA     sing N N 277 
PHE N     H      sing N N 278 
PHE N     H2     sing N N 279 
PHE CA    C      sing N N 280 
PHE CA    CB     sing N N 281 
PHE CA    HA     sing N N 282 
PHE C     O      doub N N 283 
PHE C     OXT    sing N N 284 
PHE CB    CG     sing N N 285 
PHE CB    HB2    sing N N 286 
PHE CB    HB3    sing N N 287 
PHE CG    CD1    doub Y N 288 
PHE CG    CD2    sing Y N 289 
PHE CD1   CE1    sing Y N 290 
PHE CD1   HD1    sing N N 291 
PHE CD2   CE2    doub Y N 292 
PHE CD2   HD2    sing N N 293 
PHE CE1   CZ     doub Y N 294 
PHE CE1   HE1    sing N N 295 
PHE CE2   CZ     sing Y N 296 
PHE CE2   HE2    sing N N 297 
PHE CZ    HZ     sing N N 298 
PHE OXT   HXT    sing N N 299 
PRO N     CA     sing N N 300 
PRO N     CD     sing N N 301 
PRO N     H      sing N N 302 
PRO CA    C      sing N N 303 
PRO CA    CB     sing N N 304 
PRO CA    HA     sing N N 305 
PRO C     O      doub N N 306 
PRO C     OXT    sing N N 307 
PRO CB    CG     sing N N 308 
PRO CB    HB2    sing N N 309 
PRO CB    HB3    sing N N 310 
PRO CG    CD     sing N N 311 
PRO CG    HG2    sing N N 312 
PRO CG    HG3    sing N N 313 
PRO CD    HD2    sing N N 314 
PRO CD    HD3    sing N N 315 
PRO OXT   HXT    sing N N 316 
SER N     CA     sing N N 317 
SER N     H      sing N N 318 
SER N     H2     sing N N 319 
SER CA    C      sing N N 320 
SER CA    CB     sing N N 321 
SER CA    HA     sing N N 322 
SER C     O      doub N N 323 
SER C     OXT    sing N N 324 
SER CB    OG     sing N N 325 
SER CB    HB2    sing N N 326 
SER CB    HB3    sing N N 327 
SER OG    HG     sing N N 328 
SER OXT   HXT    sing N N 329 
THR N     CA     sing N N 330 
THR N     H      sing N N 331 
THR N     H2     sing N N 332 
THR CA    C      sing N N 333 
THR CA    CB     sing N N 334 
THR CA    HA     sing N N 335 
THR C     O      doub N N 336 
THR C     OXT    sing N N 337 
THR CB    OG1    sing N N 338 
THR CB    CG2    sing N N 339 
THR CB    HB     sing N N 340 
THR OG1   HG1    sing N N 341 
THR CG2   HG21   sing N N 342 
THR CG2   HG22   sing N N 343 
THR CG2   HG23   sing N N 344 
THR OXT   HXT    sing N N 345 
TRP N     CA     sing N N 346 
TRP N     H      sing N N 347 
TRP N     H2     sing N N 348 
TRP CA    C      sing N N 349 
TRP CA    CB     sing N N 350 
TRP CA    HA     sing N N 351 
TRP C     O      doub N N 352 
TRP C     OXT    sing N N 353 
TRP CB    CG     sing N N 354 
TRP CB    HB2    sing N N 355 
TRP CB    HB3    sing N N 356 
TRP CG    CD1    doub Y N 357 
TRP CG    CD2    sing Y N 358 
TRP CD1   NE1    sing Y N 359 
TRP CD1   HD1    sing N N 360 
TRP CD2   CE2    doub Y N 361 
TRP CD2   CE3    sing Y N 362 
TRP NE1   CE2    sing Y N 363 
TRP NE1   HE1    sing N N 364 
TRP CE2   CZ2    sing Y N 365 
TRP CE3   CZ3    doub Y N 366 
TRP CE3   HE3    sing N N 367 
TRP CZ2   CH2    doub Y N 368 
TRP CZ2   HZ2    sing N N 369 
TRP CZ3   CH2    sing Y N 370 
TRP CZ3   HZ3    sing N N 371 
TRP CH2   HH2    sing N N 372 
TRP OXT   HXT    sing N N 373 
TYR N     CA     sing N N 374 
TYR N     H      sing N N 375 
TYR N     H2     sing N N 376 
TYR CA    C      sing N N 377 
TYR CA    CB     sing N N 378 
TYR CA    HA     sing N N 379 
TYR C     O      doub N N 380 
TYR C     OXT    sing N N 381 
TYR CB    CG     sing N N 382 
TYR CB    HB2    sing N N 383 
TYR CB    HB3    sing N N 384 
TYR CG    CD1    doub Y N 385 
TYR CG    CD2    sing Y N 386 
TYR CD1   CE1    sing Y N 387 
TYR CD1   HD1    sing N N 388 
TYR CD2   CE2    doub Y N 389 
TYR CD2   HD2    sing N N 390 
TYR CE1   CZ     doub Y N 391 
TYR CE1   HE1    sing N N 392 
TYR CE2   CZ     sing Y N 393 
TYR CE2   HE2    sing N N 394 
TYR CZ    OH     sing N N 395 
TYR OH    HH     sing N N 396 
TYR OXT   HXT    sing N N 397 
VAL N     CA     sing N N 398 
VAL N     H      sing N N 399 
VAL N     H2     sing N N 400 
VAL CA    C      sing N N 401 
VAL CA    CB     sing N N 402 
VAL CA    HA     sing N N 403 
VAL C     O      doub N N 404 
VAL C     OXT    sing N N 405 
VAL CB    CG1    sing N N 406 
VAL CB    CG2    sing N N 407 
VAL CB    HB     sing N N 408 
VAL CG1   HG11   sing N N 409 
VAL CG1   HG12   sing N N 410 
VAL CG1   HG13   sing N N 411 
VAL CG2   HG21   sing N N 412 
VAL CG2   HG22   sing N N 413 
VAL CG2   HG23   sing N N 414 
VAL OXT   HXT    sing N N 415 
# 
_pdbx_initial_refinement_model.id               1 
_pdbx_initial_refinement_model.entity_id_list   ? 
_pdbx_initial_refinement_model.type             'experimental model' 
_pdbx_initial_refinement_model.source_name      PDB 
_pdbx_initial_refinement_model.accession_code   1BK7 
_pdbx_initial_refinement_model.details          'PDB ENTRY 1BK7' 
# 
_atom_sites.entry_id                    1J1G 
_atom_sites.fract_transf_matrix[1][1]   0.00207531 
_atom_sites.fract_transf_matrix[1][2]   0.01897463 
_atom_sites.fract_transf_matrix[1][3]   -0.01757417 
_atom_sites.fract_transf_matrix[2][1]   0.00976196 
_atom_sites.fract_transf_matrix[2][2]   0.00723886 
_atom_sites.fract_transf_matrix[2][3]   0.00896849 
_atom_sites.fract_transf_matrix[3][1]   0.01004663 
_atom_sites.fract_transf_matrix[3][2]   -0.00642446 
_atom_sites.fract_transf_matrix[3][3]   -0.00575002 
_atom_sites.fract_transf_vector[1]      0.545965 
_atom_sites.fract_transf_vector[2]      1.037871 
_atom_sites.fract_transf_vector[3]      0.406200 
# 
loop_
_atom_type.symbol 
C 
N 
O 
P 
S 
# 
loop_
_atom_site.group_PDB 
_atom_site.id 
_atom_site.type_symbol 
_atom_site.label_atom_id 
_atom_site.label_alt_id 
_atom_site.label_comp_id 
_atom_site.label_asym_id 
_atom_site.label_entity_id 
_atom_site.label_seq_id 
_atom_site.pdbx_PDB_ins_code 
_atom_site.Cartn_x 
_atom_site.Cartn_y 
_atom_site.Cartn_z 
_atom_site.occupancy 
_atom_site.B_iso_or_equiv 
_atom_site.pdbx_formal_charge 
_atom_site.auth_seq_id 
_atom_site.auth_comp_id 
_atom_site.auth_asym_id 
_atom_site.auth_atom_id 
_atom_site.pdbx_PDB_model_num 
ATOM   1    N N     . MET A 1 1   ? -19.179 0.814   4.770   1.00 27.09 ? 1   MET A N     1 
ATOM   2    C CA    . MET A 1 1   ? -17.778 0.405   5.082   1.00 25.23 ? 1   MET A CA    1 
ATOM   3    C C     . MET A 1 1   ? -17.516 0.498   6.578   1.00 23.73 ? 1   MET A C     1 
ATOM   4    O O     . MET A 1 1   ? -18.162 1.272   7.284   1.00 23.66 ? 1   MET A O     1 
ATOM   5    C CB    . MET A 1 1   ? -16.788 1.308   4.349   1.00 27.01 ? 1   MET A CB    1 
ATOM   6    C CG    . MET A 1 1   ? -16.815 2.747   4.827   1.00 29.40 ? 1   MET A CG    1 
ATOM   7    S SD    . MET A 1 1   ? -15.529 3.749   4.067   1.00 31.49 ? 1   MET A SD    1 
ATOM   8    C CE    . MET A 1 1   ? -14.128 3.204   4.993   1.00 30.27 ? 1   MET A CE    1 
ATOM   9    N N     . ASP A 1 2   ? -16.555 -0.282  7.058   1.00 20.20 ? 2   ASP A N     1 
ATOM   10   C CA    . ASP A 1 2   ? -16.214 -0.274  8.475   1.00 19.61 ? 2   ASP A CA    1 
ATOM   11   C C     . ASP A 1 2   ? -14.727 -0.026  8.707   1.00 15.86 ? 2   ASP A C     1 
ATOM   12   O O     . ASP A 1 2   ? -14.271 0.015   9.848   1.00 17.59 ? 2   ASP A O     1 
ATOM   13   C CB    . ASP A 1 2   ? -16.622 -1.600  9.133   1.00 19.96 ? 2   ASP A CB    1 
ATOM   14   C CG    . ASP A 1 2   ? -16.047 -2.815  8.419   1.00 22.95 ? 2   ASP A CG    1 
ATOM   15   O OD1   . ASP A 1 2   ? -14.934 -2.715  7.858   1.00 21.88 ? 2   ASP A OD1   1 
ATOM   16   O OD2   . ASP A 1 2   ? -16.704 -3.881  8.429   1.00 24.61 ? 2   ASP A OD2   1 
ATOM   17   N N     . SER A 1 3   ? -13.972 0.145   7.627   1.00 13.67 ? 3   SER A N     1 
ATOM   18   C CA    . SER A 1 3   ? -12.538 0.373   7.748   1.00 11.34 ? 3   SER A CA    1 
ATOM   19   C C     . SER A 1 3   ? -11.888 0.604   6.393   1.00 8.65  ? 3   SER A C     1 
ATOM   20   O O     . SER A 1 3   ? -12.551 0.539   5.362   1.00 7.86  ? 3   SER A O     1 
ATOM   21   C CB    . SER A 1 3   ? -11.879 -0.832  8.421   1.00 10.59 ? 3   SER A CB    1 
ATOM   22   O OG    . SER A 1 3   ? -12.201 -2.024  7.730   1.00 12.05 ? 3   SER A OG    1 
ATOM   23   N N     . PHE A 1 4   ? -10.588 0.885   6.420   1.00 7.60  ? 4   PHE A N     1 
ATOM   24   C CA    . PHE A 1 4   ? -9.787  1.115   5.222   1.00 7.71  ? 4   PHE A CA    1 
ATOM   25   C C     . PHE A 1 4   ? -8.531  0.251   5.287   1.00 5.93  ? 4   PHE A C     1 
ATOM   26   O O     . PHE A 1 4   ? -7.995  0.000   6.371   1.00 7.34  ? 4   PHE A O     1 
ATOM   27   C CB    . PHE A 1 4   ? -9.279  2.566   5.152   1.00 8.35  ? 4   PHE A CB    1 
ATOM   28   C CG    . PHE A 1 4   ? -10.301 3.584   4.732   1.00 8.11  ? 4   PHE A CG    1 
ATOM   29   C CD1   . PHE A 1 4   ? -10.650 3.733   3.393   1.00 6.96  ? 4   PHE A CD1   1 
ATOM   30   C CD2   . PHE A 1 4   ? -10.839 4.465   5.668   1.00 11.05 ? 4   PHE A CD2   1 
ATOM   31   C CE1   . PHE A 1 4   ? -11.511 4.753   2.989   1.00 10.03 ? 4   PHE A CE1   1 
ATOM   32   C CE2   . PHE A 1 4   ? -11.702 5.489   5.274   1.00 10.71 ? 4   PHE A CE2   1 
ATOM   33   C CZ    . PHE A 1 4   ? -12.036 5.634   3.933   1.00 9.75  ? 4   PHE A CZ    1 
ATOM   34   N N     . TRP A 1 5   ? -8.075  -0.193  4.121   1.00 5.72  ? 5   TRP A N     1 
ATOM   35   C CA    . TRP A 1 5   ? -6.819  -0.919  4.001   1.00 5.33  ? 5   TRP A CA    1 
ATOM   36   C C     . TRP A 1 5   ? -5.936  0.066   3.242   1.00 4.68  ? 5   TRP A C     1 
ATOM   37   O O     . TRP A 1 5   ? -6.221  0.396   2.084   1.00 4.96  ? 5   TRP A O     1 
ATOM   38   C CB    . TRP A 1 5   ? -6.966  -2.186  3.154   1.00 7.24  ? 5   TRP A CB    1 
ATOM   39   C CG    . TRP A 1 5   ? -7.212  -3.444  3.919   1.00 8.23  ? 5   TRP A CG    1 
ATOM   40   C CD1   . TRP A 1 5   ? -7.686  -3.558  5.199   1.00 8.14  ? 5   TRP A CD1   1 
ATOM   41   C CD2   . TRP A 1 5   ? -7.090  -4.780  3.417   1.00 9.14  ? 5   TRP A CD2   1 
ATOM   42   N NE1   . TRP A 1 5   ? -7.872  -4.881  5.518   1.00 8.45  ? 5   TRP A NE1   1 
ATOM   43   C CE2   . TRP A 1 5   ? -7.517  -5.652  4.443   1.00 9.07  ? 5   TRP A CE2   1 
ATOM   44   C CE3   . TRP A 1 5   ? -6.667  -5.324  2.194   1.00 12.13 ? 5   TRP A CE3   1 
ATOM   45   C CZ2   . TRP A 1 5   ? -7.535  -7.045  4.284   1.00 12.72 ? 5   TRP A CZ2   1 
ATOM   46   C CZ3   . TRP A 1 5   ? -6.685  -6.708  2.036   1.00 15.74 ? 5   TRP A CZ3   1 
ATOM   47   C CH2   . TRP A 1 5   ? -7.117  -7.552  3.078   1.00 14.65 ? 5   TRP A CH2   1 
ATOM   48   N N     . PHE A 1 6   ? -4.899  0.576   3.896   1.00 4.78  ? 6   PHE A N     1 
ATOM   49   C CA    . PHE A 1 6   ? -3.982  1.482   3.218   1.00 5.31  ? 6   PHE A CA    1 
ATOM   50   C C     . PHE A 1 6   ? -2.851  0.563   2.778   1.00 4.88  ? 6   PHE A C     1 
ATOM   51   O O     . PHE A 1 6   ? -2.041  0.123   3.595   1.00 4.38  ? 6   PHE A O     1 
ATOM   52   C CB    . PHE A 1 6   ? -3.480  2.568   4.163   1.00 5.69  ? 6   PHE A CB    1 
ATOM   53   C CG    . PHE A 1 6   ? -2.466  3.480   3.540   1.00 5.54  ? 6   PHE A CG    1 
ATOM   54   C CD1   . PHE A 1 6   ? -2.730  4.105   2.324   1.00 5.83  ? 6   PHE A CD1   1 
ATOM   55   C CD2   . PHE A 1 6   ? -1.234  3.695   4.156   1.00 6.69  ? 6   PHE A CD2   1 
ATOM   56   C CE1   . PHE A 1 6   ? -1.774  4.933   1.725   1.00 7.40  ? 6   PHE A CE1   1 
ATOM   57   C CE2   . PHE A 1 6   ? -0.278  4.519   3.569   1.00 5.73  ? 6   PHE A CE2   1 
ATOM   58   C CZ    . PHE A 1 6   ? -0.548  5.139   2.349   1.00 7.44  ? 6   PHE A CZ    1 
ATOM   59   N N     . VAL A 1 7   ? -2.814  0.277   1.479   1.00 4.63  ? 7   VAL A N     1 
ATOM   60   C CA    . VAL A 1 7   ? -1.847  -0.650  0.908   1.00 5.14  ? 7   VAL A CA    1 
ATOM   61   C C     . VAL A 1 7   ? -0.629  -0.004  0.263   1.00 5.65  ? 7   VAL A C     1 
ATOM   62   O O     . VAL A 1 7   ? -0.756  0.744   -0.707  1.00 6.64  ? 7   VAL A O     1 
ATOM   63   C CB    . VAL A 1 7   ? -2.537  -1.540  -0.161  1.00 4.84  ? 7   VAL A CB    1 
ATOM   64   C CG1   . VAL A 1 7   ? -1.616  -2.684  -0.574  1.00 6.38  ? 7   VAL A CG1   1 
ATOM   65   C CG2   . VAL A 1 7   ? -3.866  -2.068  0.386   1.00 6.32  ? 7   VAL A CG2   1 
ATOM   66   N N     . GLN A 1 8   ? 0.547   -0.300  0.810   1.00 5.23  ? 8   GLN A N     1 
ATOM   67   C CA    . GLN A 1 8   ? 1.802   0.209   0.265   1.00 5.52  ? 8   GLN A CA    1 
ATOM   68   C C     . GLN A 1 8   ? 2.554   -0.952  -0.364  1.00 5.12  ? 8   GLN A C     1 
ATOM   69   O O     . GLN A 1 8   ? 2.537   -2.072  0.151   1.00 6.51  ? 8   GLN A O     1 
ATOM   70   C CB    . GLN A 1 8   ? 2.671   0.832   1.355   1.00 6.40  ? 8   GLN A CB    1 
ATOM   71   C CG    . GLN A 1 8   ? 2.137   2.141   1.897   1.00 6.22  ? 8   GLN A CG    1 
ATOM   72   C CD    . GLN A 1 8   ? 3.146   2.809   2.800   1.00 5.60  ? 8   GLN A CD    1 
ATOM   73   O OE1   . GLN A 1 8   ? 4.206   3.246   2.346   1.00 6.95  ? 8   GLN A OE1   1 
ATOM   74   N NE2   . GLN A 1 8   ? 2.833   2.878   4.089   1.00 4.68  ? 8   GLN A NE2   1 
ATOM   75   N N     . GLN A 1 9   ? 3.219   -0.681  -1.480  1.00 6.44  ? 9   GLN A N     1 
ATOM   76   C CA    . GLN A 1 9   ? 3.963   -1.714  -2.185  1.00 7.52  ? 9   GLN A CA    1 
ATOM   77   C C     . GLN A 1 9   ? 5.462   -1.418  -2.189  1.00 7.69  ? 9   GLN A C     1 
ATOM   78   O O     . GLN A 1 9   ? 5.869   -0.259  -2.182  1.00 8.19  ? 9   GLN A O     1 
ATOM   79   C CB    . GLN A 1 9   ? 3.444   -1.821  -3.619  1.00 8.22  ? 9   GLN A CB    1 
ATOM   80   C CG    . GLN A 1 9   ? 3.594   -0.541  -4.439  1.00 7.61  ? 9   GLN A CG    1 
ATOM   81   C CD    . GLN A 1 9   ? 2.933   -0.647  -5.808  1.00 9.14  ? 9   GLN A CD    1 
ATOM   82   O OE1   . GLN A 1 9   ? 2.745   -1.744  -6.335  1.00 11.06 ? 9   GLN A OE1   1 
ATOM   83   N NE2   . GLN A 1 9   ? 2.587   0.499   -6.393  1.00 9.14  ? 9   GLN A NE2   1 
ATOM   84   N N     . TRP A 1 10  ? 6.271   -2.478  -2.180  1.00 8.64  ? 10  TRP A N     1 
ATOM   85   C CA    . TRP A 1 10  ? 7.737   -2.382  -2.204  1.00 9.62  ? 10  TRP A CA    1 
ATOM   86   C C     . TRP A 1 10  ? 8.066   -2.608  -3.683  1.00 10.37 ? 10  TRP A C     1 
ATOM   87   O O     . TRP A 1 10  ? 8.123   -3.743  -4.145  1.00 9.82  ? 10  TRP A O     1 
ATOM   88   C CB    . TRP A 1 10  ? 8.331   -3.499  -1.335  1.00 11.17 ? 10  TRP A CB    1 
ATOM   89   C CG    . TRP A 1 10  ? 9.831   -3.504  -1.227  1.00 12.95 ? 10  TRP A CG    1 
ATOM   90   C CD1   . TRP A 1 10  ? 10.651  -4.593  -1.331  1.00 16.17 ? 10  TRP A CD1   1 
ATOM   91   C CD2   . TRP A 1 10  ? 10.687  -2.382  -0.967  1.00 13.77 ? 10  TRP A CD2   1 
ATOM   92   N NE1   . TRP A 1 10  ? 11.963  -4.220  -1.156  1.00 16.57 ? 10  TRP A NE1   1 
ATOM   93   C CE2   . TRP A 1 10  ? 12.014  -2.869  -0.931  1.00 16.67 ? 10  TRP A CE2   1 
ATOM   94   C CE3   . TRP A 1 10  ? 10.463  -1.015  -0.760  1.00 14.26 ? 10  TRP A CE3   1 
ATOM   95   C CZ2   . TRP A 1 10  ? 13.116  -2.034  -0.700  1.00 16.15 ? 10  TRP A CZ2   1 
ATOM   96   C CZ3   . TRP A 1 10  ? 11.559  -0.184  -0.528  1.00 15.99 ? 10  TRP A CZ3   1 
ATOM   97   C CH2   . TRP A 1 10  ? 12.869  -0.699  -0.501  1.00 15.67 ? 10  TRP A CH2   1 
ATOM   98   N N     . PRO A 1 11  ? 8.287   -1.519  -4.442  1.00 10.89 ? 11  PRO A N     1 
ATOM   99   C CA    . PRO A 1 11  ? 8.590   -1.534  -5.881  1.00 10.41 ? 11  PRO A CA    1 
ATOM   100  C C     . PRO A 1 11  ? 9.522   -2.608  -6.445  1.00 11.33 ? 11  PRO A C     1 
ATOM   101  O O     . PRO A 1 11  ? 9.156   -3.317  -7.386  1.00 11.28 ? 11  PRO A O     1 
ATOM   102  C CB    . PRO A 1 11  ? 9.103   -0.116  -6.144  1.00 10.81 ? 11  PRO A CB    1 
ATOM   103  C CG    . PRO A 1 11  ? 8.378   0.701   -5.109  1.00 8.63  ? 11  PRO A CG    1 
ATOM   104  C CD    . PRO A 1 11  ? 8.506   -0.170  -3.885  1.00 10.47 ? 11  PRO A CD    1 
ATOM   105  N N     . PRO A 1 12  ? 10.730  -2.748  -5.884  1.00 12.51 ? 12  PRO A N     1 
ATOM   106  C CA    . PRO A 1 12  ? 11.657  -3.762  -6.398  1.00 13.58 ? 12  PRO A CA    1 
ATOM   107  C C     . PRO A 1 12  ? 11.084  -5.168  -6.332  1.00 13.17 ? 12  PRO A C     1 
ATOM   108  O O     . PRO A 1 12  ? 11.192  -5.940  -7.285  1.00 12.88 ? 12  PRO A O     1 
ATOM   109  C CB    . PRO A 1 12  ? 12.881  -3.604  -5.498  1.00 14.66 ? 12  PRO A CB    1 
ATOM   110  C CG    . PRO A 1 12  ? 12.813  -2.181  -5.062  1.00 17.58 ? 12  PRO A CG    1 
ATOM   111  C CD    . PRO A 1 12  ? 11.345  -1.994  -4.780  1.00 13.09 ? 12  PRO A CD    1 
ATOM   112  N N     . ALA A 1 13  ? 10.473  -5.498  -5.200  1.00 12.55 ? 13  ALA A N     1 
ATOM   113  C CA    . ALA A 1 13  ? 9.895   -6.822  -5.014  1.00 12.79 ? 13  ALA A CA    1 
ATOM   114  C C     . ALA A 1 13  ? 8.753   -7.059  -5.991  1.00 12.45 ? 13  ALA A C     1 
ATOM   115  O O     . ALA A 1 13  ? 8.669   -8.114  -6.617  1.00 13.07 ? 13  ALA A O     1 
ATOM   116  C CB    . ALA A 1 13  ? 9.403   -6.982  -3.577  1.00 11.36 ? 13  ALA A CB    1 
ATOM   117  N N     . VAL A 1 14  ? 7.863   -6.080  -6.115  1.00 13.10 ? 14  VAL A N     1 
ATOM   118  C CA    . VAL A 1 14  ? 6.741   -6.212  -7.032  1.00 13.13 ? 14  VAL A CA    1 
ATOM   119  C C     . VAL A 1 14  ? 7.242   -6.452  -8.453  1.00 13.31 ? 14  VAL A C     1 
ATOM   120  O O     . VAL A 1 14  ? 6.745   -7.327  -9.161  1.00 14.45 ? 14  VAL A O     1 
ATOM   121  C CB    . VAL A 1 14  ? 5.856   -4.951  -7.011  1.00 14.07 ? 14  VAL A CB    1 
ATOM   122  C CG1   . VAL A 1 14  ? 4.798   -5.034  -8.094  1.00 14.11 ? 14  VAL A CG1   1 
ATOM   123  C CG2   . VAL A 1 14  ? 5.199   -4.812  -5.644  1.00 13.50 ? 14  VAL A CG2   1 
ATOM   124  N N     . CYS A 1 15  ? 8.234   -5.676  -8.864  1.00 13.18 ? 15  CYS A N     1 
ATOM   125  C CA    . CYS A 1 15  ? 8.778   -5.814  -10.205 1.00 14.61 ? 15  CYS A CA    1 
ATOM   126  C C     . CYS A 1 15  ? 9.614   -7.086  -10.400 1.00 14.29 ? 15  CYS A C     1 
ATOM   127  O O     . CYS A 1 15  ? 9.806   -7.539  -11.530 1.00 15.06 ? 15  CYS A O     1 
ATOM   128  C CB    . CYS A 1 15  ? 9.611   -4.582  -10.555 1.00 13.84 ? 15  CYS A CB    1 
ATOM   129  S SG    . CYS A 1 15  ? 8.654   -3.141  -11.150 1.00 15.44 ? 15  CYS A SG    1 
ATOM   130  N N     . SER A 1 16  ? 10.099  -7.672  -9.309  1.00 15.50 ? 16  SER A N     1 
ATOM   131  C CA    . SER A 1 16  ? 10.915  -8.881  -9.417  1.00 14.52 ? 16  SER A CA    1 
ATOM   132  C C     . SER A 1 16  ? 10.156  -10.035 -10.058 1.00 15.89 ? 16  SER A C     1 
ATOM   133  O O     . SER A 1 16  ? 10.764  -10.977 -10.571 1.00 16.01 ? 16  SER A O     1 
ATOM   134  C CB    . SER A 1 16  ? 11.412  -9.322  -8.043  1.00 15.97 ? 16  SER A CB    1 
ATOM   135  O OG    . SER A 1 16  ? 10.357  -9.894  -7.287  1.00 14.93 ? 16  SER A OG    1 
ATOM   136  N N     . PHE A 1 17  ? 8.829   -9.961  -10.023 1.00 16.46 ? 17  PHE A N     1 
ATOM   137  C CA    . PHE A 1 17  ? 7.982   -11.004 -10.586 1.00 16.98 ? 17  PHE A CA    1 
ATOM   138  C C     . PHE A 1 17  ? 7.705   -10.791 -12.067 1.00 17.99 ? 17  PHE A C     1 
ATOM   139  O O     . PHE A 1 17  ? 7.124   -11.650 -12.729 1.00 18.73 ? 17  PHE A O     1 
ATOM   140  C CB    . PHE A 1 17  ? 6.677   -11.086 -9.790  1.00 16.51 ? 17  PHE A CB    1 
ATOM   141  C CG    . PHE A 1 17  ? 6.877   -11.562 -8.378  1.00 16.67 ? 17  PHE A CG    1 
ATOM   142  C CD1   . PHE A 1 17  ? 7.098   -12.909 -8.110  1.00 15.57 ? 17  PHE A CD1   1 
ATOM   143  C CD2   . PHE A 1 17  ? 6.925   -10.655 -7.324  1.00 13.83 ? 17  PHE A CD2   1 
ATOM   144  C CE1   . PHE A 1 17  ? 7.369   -13.344 -6.811  1.00 16.19 ? 17  PHE A CE1   1 
ATOM   145  C CE2   . PHE A 1 17  ? 7.197   -11.080 -6.024  1.00 15.05 ? 17  PHE A CE2   1 
ATOM   146  C CZ    . PHE A 1 17  ? 7.421   -12.428 -5.766  1.00 15.11 ? 17  PHE A CZ    1 
ATOM   147  N N     . GLN A 1 18  ? 8.119   -9.636  -12.580 1.00 18.31 ? 18  GLN A N     1 
ATOM   148  C CA    . GLN A 1 18  ? 7.959   -9.327  -13.996 1.00 19.66 ? 18  GLN A CA    1 
ATOM   149  C C     . GLN A 1 18  ? 9.289   -9.753  -14.606 1.00 18.43 ? 18  GLN A C     1 
ATOM   150  O O     . GLN A 1 18  ? 10.237  -8.972  -14.652 1.00 18.30 ? 18  GLN A O     1 
ATOM   151  C CB    . GLN A 1 18  ? 7.747   -7.828  -14.201 1.00 21.18 ? 18  GLN A CB    1 
ATOM   152  C CG    . GLN A 1 18  ? 6.523   -7.268  -13.500 1.00 26.18 ? 18  GLN A CG    1 
ATOM   153  C CD    . GLN A 1 18  ? 5.246   -7.963  -13.921 1.00 29.33 ? 18  GLN A CD    1 
ATOM   154  O OE1   . GLN A 1 18  ? 4.997   -8.163  -15.112 1.00 30.45 ? 18  GLN A OE1   1 
ATOM   155  N NE2   . GLN A 1 18  ? 4.418   -8.326  -12.945 1.00 30.09 ? 18  GLN A NE2   1 
ATOM   156  N N     . LYS A 1 19  ? 9.355   -11.003 -15.054 1.00 19.49 ? 19  LYS A N     1 
ATOM   157  C CA    . LYS A 1 19  ? 10.583  -11.552 -15.617 1.00 18.86 ? 19  LYS A CA    1 
ATOM   158  C C     . LYS A 1 19  ? 10.830  -11.158 -17.067 1.00 18.94 ? 19  LYS A C     1 
ATOM   159  O O     . LYS A 1 19  ? 11.799  -11.605 -17.672 1.00 15.54 ? 19  LYS A O     1 
ATOM   160  C CB    . LYS A 1 19  ? 10.567  -13.081 -15.505 1.00 19.89 ? 19  LYS A CB    1 
ATOM   161  C CG    . LYS A 1 19  ? 10.218  -13.610 -14.115 1.00 23.49 ? 19  LYS A CG    1 
ATOM   162  C CD    . LYS A 1 19  ? 11.259  -13.225 -13.080 1.00 25.01 ? 19  LYS A CD    1 
ATOM   163  C CE    . LYS A 1 19  ? 10.889  -13.749 -11.695 1.00 26.32 ? 19  LYS A CE    1 
ATOM   164  N NZ    . LYS A 1 19  ? 10.896  -15.230 -11.625 1.00 28.15 ? 19  LYS A NZ    1 
ATOM   165  N N     . SER A 1 20  ? 9.960   -10.319 -17.617 1.00 18.03 ? 20  SER A N     1 
ATOM   166  C CA    . SER A 1 20  ? 10.096  -9.884  -19.002 1.00 19.48 ? 20  SER A CA    1 
ATOM   167  C C     . SER A 1 20  ? 9.624   -8.439  -19.162 1.00 18.73 ? 20  SER A C     1 
ATOM   168  O O     . SER A 1 20  ? 8.639   -8.035  -18.548 1.00 19.24 ? 20  SER A O     1 
ATOM   169  C CB    . SER A 1 20  ? 9.274   -10.806 -19.908 1.00 21.19 ? 20  SER A CB    1 
ATOM   170  O OG    . SER A 1 20  ? 9.394   -10.439 -21.266 1.00 27.70 ? 20  SER A OG    1 
ATOM   171  N N     . GLY A 1 21  ? 10.329  -7.665  -19.983 1.00 16.25 ? 21  GLY A N     1 
ATOM   172  C CA    . GLY A 1 21  ? 9.943   -6.282  -20.205 1.00 16.12 ? 21  GLY A CA    1 
ATOM   173  C C     . GLY A 1 21  ? 10.385  -5.330  -19.111 1.00 15.78 ? 21  GLY A C     1 
ATOM   174  O O     . GLY A 1 21  ? 10.956  -5.743  -18.102 1.00 15.98 ? 21  GLY A O     1 
ATOM   175  N N     . SER A 1 22  ? 10.110  -4.045  -19.310 1.00 16.28 ? 22  SER A N     1 
ATOM   176  C CA    . SER A 1 22  ? 10.488  -3.017  -18.350 1.00 16.44 ? 22  SER A CA    1 
ATOM   177  C C     . SER A 1 22  ? 9.554   -2.964  -17.145 1.00 16.35 ? 22  SER A C     1 
ATOM   178  O O     . SER A 1 22  ? 8.428   -3.458  -17.190 1.00 16.28 ? 22  SER A O     1 
ATOM   179  C CB    . SER A 1 22  ? 10.515  -1.648  -19.036 1.00 18.59 ? 22  SER A CB    1 
ATOM   180  O OG    . SER A 1 22  ? 9.234   -1.294  -19.530 1.00 19.63 ? 22  SER A OG    1 
ATOM   181  N N     . CYS A 1 23  ? 10.036  -2.349  -16.071 1.00 15.03 ? 23  CYS A N     1 
ATOM   182  C CA    . CYS A 1 23  ? 9.269   -2.210  -14.841 1.00 15.66 ? 23  CYS A CA    1 
ATOM   183  C C     . CYS A 1 23  ? 9.989   -1.150  -14.013 1.00 16.40 ? 23  CYS A C     1 
ATOM   184  O O     . CYS A 1 23  ? 10.960  -1.446  -13.319 1.00 16.02 ? 23  CYS A O     1 
ATOM   185  C CB    . CYS A 1 23  ? 9.244   -3.544  -14.098 1.00 15.60 ? 23  CYS A CB    1 
ATOM   186  S SG    . CYS A 1 23  ? 7.889   -3.809  -12.905 1.00 16.54 ? 23  CYS A SG    1 
ATOM   187  N N     . PRO A 1 24  ? 9.532   0.108   -14.100 1.00 17.61 ? 24  PRO A N     1 
ATOM   188  C CA    . PRO A 1 24  ? 10.116  1.237   -13.371 1.00 17.85 ? 24  PRO A CA    1 
ATOM   189  C C     . PRO A 1 24  ? 10.356  0.981   -11.882 1.00 17.27 ? 24  PRO A C     1 
ATOM   190  O O     . PRO A 1 24  ? 11.256  1.567   -11.288 1.00 18.26 ? 24  PRO A O     1 
ATOM   191  C CB    . PRO A 1 24  ? 9.109   2.357   -13.613 1.00 20.15 ? 24  PRO A CB    1 
ATOM   192  C CG    . PRO A 1 24  ? 8.620   2.057   -14.995 1.00 19.73 ? 24  PRO A CG    1 
ATOM   193  C CD    . PRO A 1 24  ? 8.407   0.556   -14.941 1.00 17.07 ? 24  PRO A CD    1 
ATOM   194  N N     . GLY A 1 25  ? 9.556   0.104   -11.282 1.00 16.94 ? 25  GLY A N     1 
ATOM   195  C CA    . GLY A 1 25  ? 9.724   -0.186  -9.868  1.00 16.24 ? 25  GLY A CA    1 
ATOM   196  C C     . GLY A 1 25  ? 11.061  -0.826  -9.526  1.00 17.68 ? 25  GLY A C     1 
ATOM   197  O O     . GLY A 1 25  ? 11.498  -0.792  -8.374  1.00 17.04 ? 25  GLY A O     1 
ATOM   198  N N     . SER A 1 26  ? 11.715  -1.416  -10.521 1.00 17.10 ? 26  SER A N     1 
ATOM   199  C CA    . SER A 1 26  ? 13.001  -2.058  -10.293 1.00 17.82 ? 26  SER A CA    1 
ATOM   200  C C     . SER A 1 26  ? 14.046  -1.049  -9.828  1.00 18.92 ? 26  SER A C     1 
ATOM   201  O O     . SER A 1 26  ? 15.096  -1.425  -9.304  1.00 20.47 ? 26  SER A O     1 
ATOM   202  C CB    . SER A 1 26  ? 13.476  -2.747  -11.573 1.00 19.93 ? 26  SER A CB    1 
ATOM   203  O OG    . SER A 1 26  ? 12.603  -3.805  -11.928 1.00 21.06 ? 26  SER A OG    1 
ATOM   204  N N     . GLY A 1 27  ? 13.750  0.235   -10.006 1.00 19.25 ? 27  GLY A N     1 
ATOM   205  C CA    . GLY A 1 27  ? 14.688  1.268   -9.609  1.00 19.36 ? 27  GLY A CA    1 
ATOM   206  C C     . GLY A 1 27  ? 14.307  2.114   -8.410  1.00 19.33 ? 27  GLY A C     1 
ATOM   207  O O     . GLY A 1 27  ? 15.023  3.059   -8.079  1.00 20.79 ? 27  GLY A O     1 
ATOM   208  N N     . LEU A 1 28  ? 13.193  1.796   -7.751  1.00 18.20 ? 28  LEU A N     1 
ATOM   209  C CA    . LEU A 1 28  ? 12.767  2.564   -6.580  1.00 16.97 ? 28  LEU A CA    1 
ATOM   210  C C     . LEU A 1 28  ? 13.234  1.902   -5.286  1.00 18.02 ? 28  LEU A C     1 
ATOM   211  O O     . LEU A 1 28  ? 13.324  0.681   -5.207  1.00 20.40 ? 28  LEU A O     1 
ATOM   212  C CB    . LEU A 1 28  ? 11.243  2.711   -6.566  1.00 18.05 ? 28  LEU A CB    1 
ATOM   213  C CG    . LEU A 1 28  ? 10.655  3.471   -7.757  1.00 17.25 ? 28  LEU A CG    1 
ATOM   214  C CD1   . LEU A 1 28  ? 9.138   3.546   -7.617  1.00 16.54 ? 28  LEU A CD1   1 
ATOM   215  C CD2   . LEU A 1 28  ? 11.258  4.871   -7.825  1.00 19.36 ? 28  LEU A CD2   1 
ATOM   216  N N     . ARG A 1 29  ? 13.520  2.707   -4.270  1.00 16.26 ? 29  ARG A N     1 
ATOM   217  C CA    . ARG A 1 29  ? 14.005  2.176   -3.004  1.00 17.39 ? 29  ARG A CA    1 
ATOM   218  C C     . ARG A 1 29  ? 13.198  2.583   -1.777  1.00 15.89 ? 29  ARG A C     1 
ATOM   219  O O     . ARG A 1 29  ? 13.731  2.620   -0.667  1.00 14.94 ? 29  ARG A O     1 
ATOM   220  C CB    . ARG A 1 29  ? 15.472  2.576   -2.798  1.00 20.20 ? 29  ARG A CB    1 
ATOM   221  C CG    . ARG A 1 29  ? 16.470  1.856   -3.688  1.00 24.79 ? 29  ARG A CG    1 
ATOM   222  C CD    . ARG A 1 29  ? 17.842  2.521   -3.596  1.00 27.92 ? 29  ARG A CD    1 
ATOM   223  N NE    . ARG A 1 29  ? 18.158  2.935   -2.228  1.00 31.24 ? 29  ARG A NE    1 
ATOM   224  C CZ    . ARG A 1 29  ? 18.387  2.100   -1.218  1.00 32.78 ? 29  ARG A CZ    1 
ATOM   225  N NH1   . ARG A 1 29  ? 18.345  0.788   -1.414  1.00 34.67 ? 29  ARG A NH1   1 
ATOM   226  N NH2   . ARG A 1 29  ? 18.644  2.578   -0.006  1.00 29.88 ? 29  ARG A NH2   1 
ATOM   227  N N     . THR A 1 30  ? 11.920  2.897   -1.968  1.00 13.63 ? 30  THR A N     1 
ATOM   228  C CA    . THR A 1 30  ? 11.065  3.260   -0.843  1.00 14.24 ? 30  THR A CA    1 
ATOM   229  C C     . THR A 1 30  ? 9.676   2.691   -1.092  1.00 10.64 ? 30  THR A C     1 
ATOM   230  O O     . THR A 1 30  ? 9.326   2.370   -2.229  1.00 10.70 ? 30  THR A O     1 
ATOM   231  C CB    . THR A 1 30  ? 10.951  4.794   -0.666  1.00 15.94 ? 30  THR A CB    1 
ATOM   232  O OG1   . THR A 1 30  ? 10.224  5.087   0.537   1.00 19.91 ? 30  THR A OG1   1 
ATOM   233  C CG2   . THR A 1 30  ? 10.228  5.414   -1.841  1.00 17.60 ? 30  THR A CG2   1 
ATOM   234  N N     . PHE A 1 31  ? 8.897   2.540   -0.026  1.00 10.52 ? 31  PHE A N     1 
ATOM   235  C CA    . PHE A 1 31  ? 7.539   2.026   -0.161  1.00 8.23  ? 31  PHE A CA    1 
ATOM   236  C C     . PHE A 1 31  ? 6.678   3.124   -0.770  1.00 7.65  ? 31  PHE A C     1 
ATOM   237  O O     . PHE A 1 31  ? 6.789   4.292   -0.392  1.00 7.79  ? 31  PHE A O     1 
ATOM   238  C CB    . PHE A 1 31  ? 6.973   1.641   1.211   1.00 8.43  ? 31  PHE A CB    1 
ATOM   239  C CG    . PHE A 1 31  ? 7.226   0.208   1.600   1.00 9.98  ? 31  PHE A CG    1 
ATOM   240  C CD1   . PHE A 1 31  ? 6.333   -0.796  1.234   1.00 11.01 ? 31  PHE A CD1   1 
ATOM   241  C CD2   . PHE A 1 31  ? 8.359   -0.137  2.337   1.00 10.95 ? 31  PHE A CD2   1 
ATOM   242  C CE1   . PHE A 1 31  ? 6.560   -2.124  1.597   1.00 11.69 ? 31  PHE A CE1   1 
ATOM   243  C CE2   . PHE A 1 31  ? 8.597   -1.467  2.705   1.00 11.03 ? 31  PHE A CE2   1 
ATOM   244  C CZ    . PHE A 1 31  ? 7.694   -2.459  2.333   1.00 10.89 ? 31  PHE A CZ    1 
ATOM   245  N N     . THR A 1 32  ? 5.829   2.751   -1.721  1.00 6.70  ? 32  THR A N     1 
ATOM   246  C CA    . THR A 1 32  ? 4.937   3.709   -2.360  1.00 6.21  ? 32  THR A CA    1 
ATOM   247  C C     . THR A 1 32  ? 3.498   3.216   -2.228  1.00 7.35  ? 32  THR A C     1 
ATOM   248  O O     . THR A 1 32  ? 3.255   2.077   -1.825  1.00 6.43  ? 32  THR A O     1 
ATOM   249  C CB    . THR A 1 32  ? 5.301   3.914   -3.851  1.00 7.76  ? 32  THR A CB    1 
ATOM   250  O OG1   . THR A 1 32  ? 5.272   2.658   -4.536  1.00 7.18  ? 32  THR A OG1   1 
ATOM   251  C CG2   . THR A 1 32  ? 6.701   4.526   -3.974  1.00 9.69  ? 32  THR A CG2   1 
ATOM   252  N N     . ILE A 1 33  ? 2.544   4.074   -2.565  1.00 6.49  ? 33  ILE A N     1 
ATOM   253  C CA    . ILE A 1 33  ? 1.131   3.731   -2.436  1.00 5.47  ? 33  ILE A CA    1 
ATOM   254  C C     . ILE A 1 33  ? 0.574   2.863   -3.556  1.00 7.19  ? 33  ILE A C     1 
ATOM   255  O O     . ILE A 1 33  ? 0.762   3.162   -4.734  1.00 9.24  ? 33  ILE A O     1 
ATOM   256  C CB    . ILE A 1 33  ? 0.253   5.017   -2.376  1.00 5.69  ? 33  ILE A CB    1 
ATOM   257  C CG1   . ILE A 1 33  ? 0.702   5.914   -1.221  1.00 5.45  ? 33  ILE A CG1   1 
ATOM   258  C CG2   . ILE A 1 33  ? -1.229  4.640   -2.194  1.00 8.66  ? 33  ILE A CG2   1 
ATOM   259  C CD1   . ILE A 1 33  ? 0.138   7.331   -1.289  1.00 6.19  ? 33  ILE A CD1   1 
ATOM   260  N N     . HIS A 1 34  ? -0.088  1.773   -3.186  1.00 7.36  ? 34  HIS A N     1 
ATOM   261  C CA    . HIS A 1 34  ? -0.747  0.937   -4.180  1.00 7.66  ? 34  HIS A CA    1 
ATOM   262  C C     . HIS A 1 34  ? -2.187  1.470   -4.187  1.00 8.08  ? 34  HIS A C     1 
ATOM   263  O O     . HIS A 1 34  ? -2.711  1.849   -5.228  1.00 7.59  ? 34  HIS A O     1 
ATOM   264  C CB    . HIS A 1 34  ? -0.714  -0.545  -3.780  1.00 8.62  ? 34  HIS A CB    1 
ATOM   265  C CG    . HIS A 1 34  ? -1.549  -1.433  -4.655  1.00 9.76  ? 34  HIS A CG    1 
ATOM   266  N ND1   . HIS A 1 34  ? -1.533  -2.807  -4.543  1.00 9.92  ? 34  HIS A ND1   1 
ATOM   267  C CD2   . HIS A 1 34  ? -2.461  -1.147  -5.615  1.00 10.39 ? 34  HIS A CD2   1 
ATOM   268  C CE1   . HIS A 1 34  ? -2.401  -3.329  -5.392  1.00 10.07 ? 34  HIS A CE1   1 
ATOM   269  N NE2   . HIS A 1 34  ? -2.980  -2.343  -6.054  1.00 11.32 ? 34  HIS A NE2   1 
ATOM   270  N N     . GLY A 1 35  ? -2.818  1.513   -3.017  1.00 7.65  ? 35  GLY A N     1 
ATOM   271  C CA    . GLY A 1 35  ? -4.175  2.030   -2.958  1.00 7.77  ? 35  GLY A CA    1 
ATOM   272  C C     . GLY A 1 35  ? -4.727  2.204   -1.556  1.00 7.28  ? 35  GLY A C     1 
ATOM   273  O O     . GLY A 1 35  ? -4.092  1.817   -0.576  1.00 6.59  ? 35  GLY A O     1 
ATOM   274  N N     . LEU A 1 36  ? -5.908  2.819   -1.473  1.00 5.60  ? 36  LEU A N     1 
ATOM   275  C CA    . LEU A 1 36  ? -6.612  3.037   -0.215  1.00 4.93  ? 36  LEU A CA    1 
ATOM   276  C C     . LEU A 1 36  ? -7.950  2.351   -0.460  1.00 5.54  ? 36  LEU A C     1 
ATOM   277  O O     . LEU A 1 36  ? -8.816  2.878   -1.161  1.00 5.60  ? 36  LEU A O     1 
ATOM   278  C CB    . LEU A 1 36  ? -6.801  4.533   0.046   1.00 4.89  ? 36  LEU A CB    1 
ATOM   279  C CG    . LEU A 1 36  ? -7.555  4.884   1.330   1.00 4.18  ? 36  LEU A CG    1 
ATOM   280  C CD1   . LEU A 1 36  ? -6.956  4.145   2.523   1.00 6.14  ? 36  LEU A CD1   1 
ATOM   281  C CD2   . LEU A 1 36  ? -7.495  6.391   1.536   1.00 7.23  ? 36  LEU A CD2   1 
ATOM   282  N N     . TRP A 1 37  ? -8.108  1.160   0.111   1.00 6.19  ? 37  TRP A N     1 
ATOM   283  C CA    . TRP A 1 37  ? -9.298  0.356   -0.128  1.00 7.06  ? 37  TRP A CA    1 
ATOM   284  C C     . TRP A 1 37  ? -10.362 0.288   0.954   1.00 6.58  ? 37  TRP A C     1 
ATOM   285  O O     . TRP A 1 37  ? -10.135 -0.272  2.022   1.00 5.53  ? 37  TRP A O     1 
ATOM   286  C CB    . TRP A 1 37  ? -8.881  -1.080  -0.449  1.00 6.66  ? 37  TRP A CB    1 
ATOM   287  C CG    . TRP A 1 37  ? -7.906  -1.228  -1.578  1.00 5.61  ? 37  TRP A CG    1 
ATOM   288  C CD1   . TRP A 1 37  ? -7.600  -0.302  -2.537  1.00 7.94  ? 37  TRP A CD1   1 
ATOM   289  C CD2   . TRP A 1 37  ? -7.150  -2.400  -1.895  1.00 8.32  ? 37  TRP A CD2   1 
ATOM   290  N NE1   . TRP A 1 37  ? -6.697  -0.829  -3.433  1.00 7.02  ? 37  TRP A NE1   1 
ATOM   291  C CE2   . TRP A 1 37  ? -6.407  -2.117  -3.062  1.00 9.39  ? 37  TRP A CE2   1 
ATOM   292  C CE3   . TRP A 1 37  ? -7.030  -3.666  -1.305  1.00 10.37 ? 37  TRP A CE3   1 
ATOM   293  C CZ2   . TRP A 1 37  ? -5.554  -3.055  -3.654  1.00 13.33 ? 37  TRP A CZ2   1 
ATOM   294  C CZ3   . TRP A 1 37  ? -6.180  -4.601  -1.894  1.00 13.58 ? 37  TRP A CZ3   1 
ATOM   295  C CH2   . TRP A 1 37  ? -5.453  -4.288  -3.059  1.00 12.18 ? 37  TRP A CH2   1 
ATOM   296  N N     . PRO A 1 38  ? -11.551 0.848   0.682   1.00 7.53  ? 38  PRO A N     1 
ATOM   297  C CA    . PRO A 1 38  ? -12.603 0.783   1.698   1.00 8.00  ? 38  PRO A CA    1 
ATOM   298  C C     . PRO A 1 38  ? -12.925 -0.692  1.960   1.00 8.32  ? 38  PRO A C     1 
ATOM   299  O O     . PRO A 1 38  ? -12.884 -1.512  1.039   1.00 10.22 ? 38  PRO A O     1 
ATOM   300  C CB    . PRO A 1 38  ? -13.762 1.519   1.033   1.00 8.32  ? 38  PRO A CB    1 
ATOM   301  C CG    . PRO A 1 38  ? -13.058 2.543   0.180   1.00 7.44  ? 38  PRO A CG    1 
ATOM   302  C CD    . PRO A 1 38  ? -11.947 1.722   -0.436  1.00 7.08  ? 38  PRO A CD    1 
ATOM   303  N N     . GLN A 1 39  ? -13.253 -1.016  3.204   1.00 9.36  ? 39  GLN A N     1 
ATOM   304  C CA    . GLN A 1 39  ? -13.554 -2.391  3.598   1.00 12.56 ? 39  GLN A CA    1 
ATOM   305  C C     . GLN A 1 39  ? -14.928 -2.520  4.235   1.00 13.98 ? 39  GLN A C     1 
ATOM   306  O O     . GLN A 1 39  ? -15.485 -1.542  4.732   1.00 13.35 ? 39  GLN A O     1 
ATOM   307  C CB    . GLN A 1 39  ? -12.520 -2.878  4.617   1.00 9.58  ? 39  GLN A CB    1 
ATOM   308  C CG    . GLN A 1 39  ? -11.081 -2.803  4.142   1.00 12.40 ? 39  GLN A CG    1 
ATOM   309  C CD    . GLN A 1 39  ? -10.767 -3.826  3.076   1.00 10.63 ? 39  GLN A CD    1 
ATOM   310  O OE1   . GLN A 1 39  ? -10.891 -5.035  3.299   1.00 11.97 ? 39  GLN A OE1   1 
ATOM   311  N NE2   . GLN A 1 39  ? -10.358 -3.350  1.908   1.00 11.15 ? 39  GLN A NE2   1 
ATOM   312  N N     . GLN A 1 40  ? -15.446 -3.746  4.236   1.00 17.89 ? 40  GLN A N     1 
ATOM   313  C CA    . GLN A 1 40  ? -16.735 -4.058  4.843   1.00 22.19 ? 40  GLN A CA    1 
ATOM   314  C C     . GLN A 1 40  ? -16.856 -5.559  5.112   1.00 24.27 ? 40  GLN A C     1 
ATOM   315  O O     . GLN A 1 40  ? -16.797 -6.370  4.191   1.00 25.13 ? 40  GLN A O     1 
ATOM   316  C CB    . GLN A 1 40  ? -17.884 -3.611  3.939   1.00 25.60 ? 40  GLN A CB    1 
ATOM   317  C CG    . GLN A 1 40  ? -19.257 -3.929  4.513   1.00 28.40 ? 40  GLN A CG    1 
ATOM   318  C CD    . GLN A 1 40  ? -19.494 -3.275  5.862   1.00 30.12 ? 40  GLN A CD    1 
ATOM   319  O OE1   . GLN A 1 40  ? -19.532 -2.050  5.974   1.00 32.48 ? 40  GLN A OE1   1 
ATOM   320  N NE2   . GLN A 1 40  ? -19.652 -4.092  6.896   1.00 33.56 ? 40  GLN A NE2   1 
ATOM   321  N N     . SER A 1 41  ? -17.014 -5.921  6.382   1.00 26.33 ? 41  SER A N     1 
ATOM   322  C CA    . SER A 1 41  ? -17.156 -7.320  6.779   1.00 28.35 ? 41  SER A CA    1 
ATOM   323  C C     . SER A 1 41  ? -15.996 -8.209  6.340   1.00 28.46 ? 41  SER A C     1 
ATOM   324  O O     . SER A 1 41  ? -16.192 -9.387  6.037   1.00 29.71 ? 41  SER A O     1 
ATOM   325  C CB    . SER A 1 41  ? -18.466 -7.890  6.228   1.00 29.34 ? 41  SER A CB    1 
ATOM   326  O OG    . SER A 1 41  ? -19.581 -7.188  6.746   1.00 30.17 ? 41  SER A OG    1 
ATOM   327  N N     . GLY A 1 42  ? -14.793 -7.646  6.301   1.00 27.84 ? 42  GLY A N     1 
ATOM   328  C CA    . GLY A 1 42  ? -13.632 -8.425  5.910   1.00 27.53 ? 42  GLY A CA    1 
ATOM   329  C C     . GLY A 1 42  ? -13.393 -8.527  4.416   1.00 27.70 ? 42  GLY A C     1 
ATOM   330  O O     . GLY A 1 42  ? -12.531 -9.286  3.972   1.00 28.60 ? 42  GLY A O     1 
ATOM   331  N N     . THR A 1 43  ? -14.150 -7.769  3.632   1.00 25.96 ? 43  THR A N     1 
ATOM   332  C CA    . THR A 1 43  ? -13.984 -7.797  2.186   1.00 25.22 ? 43  THR A CA    1 
ATOM   333  C C     . THR A 1 43  ? -13.776 -6.392  1.639   1.00 21.78 ? 43  THR A C     1 
ATOM   334  O O     . THR A 1 43  ? -14.310 -5.424  2.180   1.00 22.20 ? 43  THR A O     1 
ATOM   335  C CB    . THR A 1 43  ? -15.215 -8.422  1.492   1.00 26.72 ? 43  THR A CB    1 
ATOM   336  O OG1   . THR A 1 43  ? -14.926 -8.620  0.103   1.00 30.51 ? 43  THR A OG1   1 
ATOM   337  C CG2   . THR A 1 43  ? -16.426 -7.511  1.618   1.00 27.60 ? 43  THR A CG2   1 
ATOM   338  N N     . SER A 1 44  ? -12.986 -6.283  0.574   1.00 19.77 ? 44  SER A N     1 
ATOM   339  C CA    . SER A 1 44  ? -12.730 -4.988  -0.048  1.00 17.99 ? 44  SER A CA    1 
ATOM   340  C C     . SER A 1 44  ? -13.932 -4.609  -0.897  1.00 16.64 ? 44  SER A C     1 
ATOM   341  O O     . SER A 1 44  ? -14.374 -5.397  -1.732  1.00 15.88 ? 44  SER A O     1 
ATOM   342  C CB    . SER A 1 44  ? -11.493 -5.047  -0.947  1.00 18.54 ? 44  SER A CB    1 
ATOM   343  O OG    . SER A 1 44  ? -10.324 -5.335  -0.206  1.00 22.44 ? 44  SER A OG    1 
ATOM   344  N N     . LEU A 1 45  ? -14.458 -3.408  -0.679  1.00 14.59 ? 45  LEU A N     1 
ATOM   345  C CA    . LEU A 1 45  ? -15.601 -2.925  -1.450  1.00 15.38 ? 45  LEU A CA    1 
ATOM   346  C C     . LEU A 1 45  ? -15.055 -2.412  -2.772  1.00 15.31 ? 45  LEU A C     1 
ATOM   347  O O     . LEU A 1 45  ? -14.156 -1.572  -2.788  1.00 16.01 ? 45  LEU A O     1 
ATOM   348  C CB    . LEU A 1 45  ? -16.301 -1.786  -0.713  1.00 15.62 ? 45  LEU A CB    1 
ATOM   349  C CG    . LEU A 1 45  ? -16.877 -2.099  0.671   1.00 17.18 ? 45  LEU A CG    1 
ATOM   350  C CD1   . LEU A 1 45  ? -17.260 -0.801  1.367   1.00 18.23 ? 45  LEU A CD1   1 
ATOM   351  C CD2   . LEU A 1 45  ? -18.083 -3.021  0.531   1.00 20.01 ? 45  LEU A CD2   1 
ATOM   352  N N     . THR A 1 46  ? -15.592 -2.909  -3.879  1.00 14.90 ? 46  THR A N     1 
ATOM   353  C CA    . THR A 1 46  ? -15.112 -2.487  -5.185  1.00 15.88 ? 46  THR A CA    1 
ATOM   354  C C     . THR A 1 46  ? -16.198 -2.088  -6.176  1.00 16.87 ? 46  THR A C     1 
ATOM   355  O O     . THR A 1 46  ? -17.355 -2.506  -6.070  1.00 16.84 ? 46  THR A O     1 
ATOM   356  C CB    . THR A 1 46  ? -14.262 -3.589  -5.845  1.00 17.04 ? 46  THR A CB    1 
ATOM   357  O OG1   . THR A 1 46  ? -15.045 -4.784  -5.969  1.00 16.67 ? 46  THR A OG1   1 
ATOM   358  C CG2   . THR A 1 46  ? -13.013 -3.873  -5.014  1.00 16.31 ? 46  THR A CG2   1 
ATOM   359  N N     . ASN A 1 47  ? -15.793 -1.264  -7.136  1.00 16.09 ? 47  ASN A N     1 
ATOM   360  C CA    . ASN A 1 47  ? -16.654 -0.776  -8.205  1.00 16.27 ? 47  ASN A CA    1 
ATOM   361  C C     . ASN A 1 47  ? -17.993 -0.186  -7.772  1.00 16.89 ? 47  ASN A C     1 
ATOM   362  O O     . ASN A 1 47  ? -19.031 -0.483  -8.363  1.00 17.82 ? 47  ASN A O     1 
ATOM   363  C CB    . ASN A 1 47  ? -16.877 -1.899  -9.223  1.00 18.69 ? 47  ASN A CB    1 
ATOM   364  C CG    . ASN A 1 47  ? -15.574 -2.467  -9.749  1.00 18.99 ? 47  ASN A CG    1 
ATOM   365  O OD1   . ASN A 1 47  ? -14.714 -1.732  -10.243 1.00 20.39 ? 47  ASN A OD1   1 
ATOM   366  N ND2   . ASN A 1 47  ? -15.416 -3.782  -9.644  1.00 20.00 ? 47  ASN A ND2   1 
ATOM   367  N N     . CYS A 1 48  ? -17.968 0.660   -6.747  1.00 16.49 ? 48  CYS A N     1 
ATOM   368  C CA    . CYS A 1 48  ? -19.189 1.301   -6.277  1.00 14.66 ? 48  CYS A CA    1 
ATOM   369  C C     . CYS A 1 48  ? -19.537 2.448   -7.209  1.00 15.74 ? 48  CYS A C     1 
ATOM   370  O O     . CYS A 1 48  ? -18.661 3.199   -7.636  1.00 16.62 ? 48  CYS A O     1 
ATOM   371  C CB    . CYS A 1 48  ? -19.003 1.855   -4.862  1.00 14.98 ? 48  CYS A CB    1 
ATOM   372  S SG    . CYS A 1 48  ? -18.600 0.575   -3.636  1.00 14.61 ? 48  CYS A SG    1 
ATOM   373  N N     . PRO A 1 49  ? -20.823 2.594   -7.556  1.00 15.21 ? 49  PRO A N     1 
ATOM   374  C CA    . PRO A 1 49  ? -21.173 3.701   -8.446  1.00 14.67 ? 49  PRO A CA    1 
ATOM   375  C C     . PRO A 1 49  ? -20.736 5.005   -7.791  1.00 14.95 ? 49  PRO A C     1 
ATOM   376  O O     . PRO A 1 49  ? -20.933 5.203   -6.589  1.00 15.40 ? 49  PRO A O     1 
ATOM   377  C CB    . PRO A 1 49  ? -22.689 3.590   -8.549  1.00 16.36 ? 49  PRO A CB    1 
ATOM   378  C CG    . PRO A 1 49  ? -22.915 2.112   -8.448  1.00 16.60 ? 49  PRO A CG    1 
ATOM   379  C CD    . PRO A 1 49  ? -21.987 1.724   -7.310  1.00 16.48 ? 49  PRO A CD    1 
ATOM   380  N N     . GLY A 1 50  ? -20.136 5.889   -8.577  1.00 14.56 ? 50  GLY A N     1 
ATOM   381  C CA    . GLY A 1 50  ? -19.686 7.153   -8.031  1.00 14.87 ? 50  GLY A CA    1 
ATOM   382  C C     . GLY A 1 50  ? -19.259 8.115   -9.119  1.00 15.53 ? 50  GLY A C     1 
ATOM   383  O O     . GLY A 1 50  ? -19.413 7.827   -10.306 1.00 16.16 ? 50  GLY A O     1 
ATOM   384  N N     . SER A 1 51  ? -18.720 9.258   -8.709  1.00 15.14 ? 51  SER A N     1 
ATOM   385  C CA    . SER A 1 51  ? -18.271 10.274  -9.649  1.00 15.90 ? 51  SER A CA    1 
ATOM   386  C C     . SER A 1 51  ? -17.139 9.749   -10.521 1.00 15.98 ? 51  SER A C     1 
ATOM   387  O O     . SER A 1 51  ? -16.305 8.956   -10.072 1.00 15.43 ? 51  SER A O     1 
ATOM   388  C CB    . SER A 1 51  ? -17.778 11.513  -8.897  1.00 16.36 ? 51  SER A CB    1 
ATOM   389  O OG    . SER A 1 51  ? -18.764 12.019  -8.016  1.00 20.33 ? 51  SER A OG    1 
ATOM   390  N N     . PRO A 1 52  ? -17.105 10.167  -11.791 1.00 15.38 ? 52  PRO A N     1 
ATOM   391  C CA    . PRO A 1 52  ? -16.035 9.711   -12.679 1.00 13.86 ? 52  PRO A CA    1 
ATOM   392  C C     . PRO A 1 52  ? -14.735 10.352  -12.184 1.00 13.54 ? 52  PRO A C     1 
ATOM   393  O O     . PRO A 1 52  ? -14.769 11.421  -11.576 1.00 12.83 ? 52  PRO A O     1 
ATOM   394  C CB    . PRO A 1 52  ? -16.450 10.270  -14.040 1.00 15.07 ? 52  PRO A CB    1 
ATOM   395  C CG    . PRO A 1 52  ? -17.944 10.344  -13.941 1.00 14.61 ? 52  PRO A CG    1 
ATOM   396  C CD    . PRO A 1 52  ? -18.152 10.877  -12.546 1.00 15.44 ? 52  PRO A CD    1 
ATOM   397  N N     . PHE A 1 53  ? -13.599 9.706   -12.428 1.00 13.00 ? 53  PHE A N     1 
ATOM   398  C CA    . PHE A 1 53  ? -12.319 10.275  -12.011 1.00 11.74 ? 53  PHE A CA    1 
ATOM   399  C C     . PHE A 1 53  ? -12.133 11.634  -12.696 1.00 11.36 ? 53  PHE A C     1 
ATOM   400  O O     . PHE A 1 53  ? -12.378 11.767  -13.895 1.00 12.30 ? 53  PHE A O     1 
ATOM   401  C CB    . PHE A 1 53  ? -11.171 9.347   -12.406 1.00 11.17 ? 53  PHE A CB    1 
ATOM   402  C CG    . PHE A 1 53  ? -9.807  9.897   -12.081 1.00 8.93  ? 53  PHE A CG    1 
ATOM   403  C CD1   . PHE A 1 53  ? -9.345  9.917   -10.771 1.00 9.32  ? 53  PHE A CD1   1 
ATOM   404  C CD2   . PHE A 1 53  ? -8.991  10.405  -13.089 1.00 9.87  ? 53  PHE A CD2   1 
ATOM   405  C CE1   . PHE A 1 53  ? -8.086  10.433  -10.465 1.00 8.49  ? 53  PHE A CE1   1 
ATOM   406  C CE2   . PHE A 1 53  ? -7.731  10.924  -12.794 1.00 11.78 ? 53  PHE A CE2   1 
ATOM   407  C CZ    . PHE A 1 53  ? -7.279  10.937  -11.478 1.00 11.32 ? 53  PHE A CZ    1 
ATOM   408  N N     . ASP A 1 54  ? -11.699 12.637  -11.937 1.00 11.22 ? 54  ASP A N     1 
ATOM   409  C CA    . ASP A 1 54  ? -11.485 13.982  -12.478 1.00 11.18 ? 54  ASP A CA    1 
ATOM   410  C C     . ASP A 1 54  ? -10.142 14.504  -11.969 1.00 10.87 ? 54  ASP A C     1 
ATOM   411  O O     . ASP A 1 54  ? -10.012 14.883  -10.806 1.00 9.22  ? 54  ASP A O     1 
ATOM   412  C CB    . ASP A 1 54  ? -12.613 14.920  -12.026 1.00 12.49 ? 54  ASP A CB    1 
ATOM   413  C CG    . ASP A 1 54  ? -12.538 16.291  -12.675 1.00 13.17 ? 54  ASP A CG    1 
ATOM   414  O OD1   . ASP A 1 54  ? -11.480 16.642  -13.239 1.00 13.89 ? 54  ASP A OD1   1 
ATOM   415  O OD2   . ASP A 1 54  ? -13.545 17.028  -12.613 1.00 17.93 ? 54  ASP A OD2   1 
ATOM   416  N N     . ILE A 1 55  ? -9.147  14.517  -12.849 1.00 10.81 ? 55  ILE A N     1 
ATOM   417  C CA    . ILE A 1 55  ? -7.808  14.968  -12.487 1.00 11.11 ? 55  ILE A CA    1 
ATOM   418  C C     . ILE A 1 55  ? -7.775  16.398  -11.937 1.00 11.14 ? 55  ILE A C     1 
ATOM   419  O O     . ILE A 1 55  ? -6.917  16.733  -11.124 1.00 9.93  ? 55  ILE A O     1 
ATOM   420  C CB    . ILE A 1 55  ? -6.852  14.860  -13.706 1.00 11.44 ? 55  ILE A CB    1 
ATOM   421  C CG1   . ILE A 1 55  ? -5.406  15.084  -13.261 1.00 12.85 ? 55  ILE A CG1   1 
ATOM   422  C CG2   . ILE A 1 55  ? -7.249  15.866  -14.775 1.00 13.77 ? 55  ILE A CG2   1 
ATOM   423  C CD1   . ILE A 1 55  ? -4.860  13.970  -12.395 1.00 12.60 ? 55  ILE A CD1   1 
ATOM   424  N N     . THR A 1 56  ? -8.712  17.241  -12.362 1.00 11.94 ? 56  THR A N     1 
ATOM   425  C CA    . THR A 1 56  ? -8.723  18.622  -11.888 1.00 11.98 ? 56  THR A CA    1 
ATOM   426  C C     . THR A 1 56  ? -8.989  18.723  -10.388 1.00 11.47 ? 56  THR A C     1 
ATOM   427  O O     . THR A 1 56  ? -8.527  19.657  -9.732  1.00 12.93 ? 56  THR A O     1 
ATOM   428  C CB    . THR A 1 56  ? -9.775  19.477  -12.639 1.00 13.94 ? 56  THR A CB    1 
ATOM   429  O OG1   . THR A 1 56  ? -11.099 19.085  -12.246 1.00 17.23 ? 56  THR A OG1   1 
ATOM   430  C CG2   . THR A 1 56  ? -9.624  19.295  -14.139 1.00 14.37 ? 56  THR A CG2   1 
ATOM   431  N N     . LYS A 1 57  ? -9.720  17.757  -9.842  1.00 10.31 ? 57  LYS A N     1 
ATOM   432  C CA    . LYS A 1 57  ? -10.049 17.765  -8.423  1.00 10.70 ? 57  LYS A CA    1 
ATOM   433  C C     . LYS A 1 57  ? -8.840  17.525  -7.526  1.00 9.47  ? 57  LYS A C     1 
ATOM   434  O O     . LYS A 1 57  ? -8.884  17.817  -6.328  1.00 10.33 ? 57  LYS A O     1 
ATOM   435  C CB    . LYS A 1 57  ? -11.117 16.713  -8.116  1.00 11.75 ? 57  LYS A CB    1 
ATOM   436  C CG    . LYS A 1 57  ? -12.480 17.004  -8.729  1.00 13.32 ? 57  LYS A CG    1 
ATOM   437  C CD    . LYS A 1 57  ? -13.460 15.904  -8.357  1.00 18.81 ? 57  LYS A CD    1 
ATOM   438  C CE    . LYS A 1 57  ? -14.853 16.159  -8.914  1.00 19.67 ? 57  LYS A CE    1 
ATOM   439  N NZ    . LYS A 1 57  ? -15.785 15.070  -8.512  1.00 21.82 ? 57  LYS A NZ    1 
ATOM   440  N N     . ILE A 1 58  ? -7.768  16.988  -8.102  1.00 10.13 ? 58  ILE A N     1 
ATOM   441  C CA    . ILE A 1 58  ? -6.554  16.723  -7.340  1.00 9.79  ? 58  ILE A CA    1 
ATOM   442  C C     . ILE A 1 58  ? -5.340  17.373  -7.998  1.00 11.49 ? 58  ILE A C     1 
ATOM   443  O O     . ILE A 1 58  ? -4.209  16.912  -7.831  1.00 10.65 ? 58  ILE A O     1 
ATOM   444  C CB    . ILE A 1 58  ? -6.291  15.196  -7.182  1.00 9.45  ? 58  ILE A CB    1 
ATOM   445  C CG1   . ILE A 1 58  ? -6.293  14.505  -8.549  1.00 8.24  ? 58  ILE A CG1   1 
ATOM   446  C CG2   . ILE A 1 58  ? -7.348  14.580  -6.276  1.00 9.19  ? 58  ILE A CG2   1 
ATOM   447  C CD1   . ILE A 1 58  ? -5.853  13.041  -8.495  1.00 8.93  ? 58  ILE A CD1   1 
ATOM   448  N N     . SER A 1 59  ? -5.571  18.455  -8.737  1.00 11.10 ? 59  SER A N     1 
ATOM   449  C CA    . SER A 1 59  ? -4.471  19.140  -9.409  1.00 13.92 ? 59  SER A CA    1 
ATOM   450  C C     . SER A 1 59  ? -3.437  19.667  -8.413  1.00 14.27 ? 59  SER A C     1 
ATOM   451  O O     . SER A 1 59  ? -2.250  19.740  -8.725  1.00 15.82 ? 59  SER A O     1 
ATOM   452  C CB    . SER A 1 59  ? -5.002  20.294  -10.270 1.00 14.16 ? 59  SER A CB    1 
ATOM   453  O OG    . SER A 1 59  ? -5.504  21.355  -9.478  1.00 17.86 ? 59  SER A OG    1 
ATOM   454  N N     . HIS A 1 60  ? -3.895  20.009  -7.212  1.00 14.05 ? 60  HIS A N     1 
ATOM   455  C CA    . HIS A 1 60  ? -3.029  20.544  -6.164  1.00 15.47 ? 60  HIS A CA    1 
ATOM   456  C C     . HIS A 1 60  ? -2.196  19.479  -5.450  1.00 16.43 ? 60  HIS A C     1 
ATOM   457  O O     . HIS A 1 60  ? -1.423  19.798  -4.542  1.00 17.93 ? 60  HIS A O     1 
ATOM   458  C CB    . HIS A 1 60  ? -3.876  21.278  -5.126  1.00 15.46 ? 60  HIS A CB    1 
ATOM   459  C CG    . HIS A 1 60  ? -4.911  20.412  -4.476  1.00 15.49 ? 60  HIS A CG    1 
ATOM   460  N ND1   . HIS A 1 60  ? -5.958  19.850  -5.177  1.00 15.44 ? 60  HIS A ND1   1 
ATOM   461  C CD2   . HIS A 1 60  ? -5.057  20.007  -3.192  1.00 15.44 ? 60  HIS A CD2   1 
ATOM   462  C CE1   . HIS A 1 60  ? -6.704  19.136  -4.353  1.00 13.56 ? 60  HIS A CE1   1 
ATOM   463  N NE2   . HIS A 1 60  ? -6.179  19.214  -3.142  1.00 12.94 ? 60  HIS A NE2   1 
ATOM   464  N N     . LEU A 1 61  ? -2.361  18.224  -5.853  1.00 13.98 ? 61  LEU A N     1 
ATOM   465  C CA    . LEU A 1 61  ? -1.630  17.126  -5.226  1.00 14.19 ? 61  LEU A CA    1 
ATOM   466  C C     . LEU A 1 61  ? -0.740  16.374  -6.208  1.00 13.98 ? 61  LEU A C     1 
ATOM   467  O O     . LEU A 1 61  ? -0.203  15.321  -5.871  1.00 13.37 ? 61  LEU A O     1 
ATOM   468  C CB    . LEU A 1 61  ? -2.622  16.133  -4.602  1.00 13.80 ? 61  LEU A CB    1 
ATOM   469  C CG    . LEU A 1 61  ? -3.592  16.635  -3.527  1.00 14.37 ? 61  LEU A CG    1 
ATOM   470  C CD1   . LEU A 1 61  ? -4.643  15.565  -3.248  1.00 14.74 ? 61  LEU A CD1   1 
ATOM   471  C CD2   . LEU A 1 61  ? -2.826  16.988  -2.262  1.00 15.71 ? 61  LEU A CD2   1 
ATOM   472  N N     . GLN A 1 62  ? -0.561  16.906  -7.415  1.00 14.06 ? 62  GLN A N     1 
ATOM   473  C CA    . GLN A 1 62  ? 0.238   16.199  -8.406  1.00 16.43 ? 62  GLN A CA    1 
ATOM   474  C C     . GLN A 1 62  ? 1.694   15.961  -8.034  1.00 16.27 ? 62  GLN A C     1 
ATOM   475  O O     . GLN A 1 62  ? 2.275   14.956  -8.441  1.00 17.52 ? 62  GLN A O     1 
ATOM   476  C CB    . GLN A 1 62  ? 0.140   16.882  -9.779  1.00 18.05 ? 62  GLN A CB    1 
ATOM   477  C CG    . GLN A 1 62  ? 0.420   18.366  -9.800  1.00 22.13 ? 62  GLN A CG    1 
ATOM   478  C CD    . GLN A 1 62  ? 0.163   18.964  -11.175 1.00 23.39 ? 62  GLN A CD    1 
ATOM   479  O OE1   . GLN A 1 62  ? 0.928   18.741  -12.120 1.00 23.71 ? 62  GLN A OE1   1 
ATOM   480  N NE2   . GLN A 1 62  ? -0.930  19.712  -11.298 1.00 21.98 ? 62  GLN A NE2   1 
ATOM   481  N N     . SER A 1 63  ? 2.284   16.867  -7.261  1.00 16.78 ? 63  SER A N     1 
ATOM   482  C CA    . SER A 1 63  ? 3.675   16.697  -6.840  1.00 17.86 ? 63  SER A CA    1 
ATOM   483  C C     . SER A 1 63  ? 3.753   15.505  -5.896  1.00 16.08 ? 63  SER A C     1 
ATOM   484  O O     . SER A 1 63  ? 4.557   14.590  -6.092  1.00 17.30 ? 63  SER A O     1 
ATOM   485  C CB    . SER A 1 63  ? 4.177   17.949  -6.113  1.00 18.24 ? 63  SER A CB    1 
ATOM   486  O OG    . SER A 1 63  ? 5.493   17.752  -5.620  1.00 23.09 ? 63  SER A OG    1 
ATOM   487  N N     . GLN A 1 64  ? 2.903   15.530  -4.874  1.00 15.86 ? 64  GLN A N     1 
ATOM   488  C CA    . GLN A 1 64  ? 2.847   14.469  -3.876  1.00 14.13 ? 64  GLN A CA    1 
ATOM   489  C C     . GLN A 1 64  ? 2.475   13.126  -4.493  1.00 12.73 ? 64  GLN A C     1 
ATOM   490  O O     . GLN A 1 64  ? 3.055   12.098  -4.152  1.00 10.84 ? 64  GLN A O     1 
ATOM   491  C CB    . GLN A 1 64  ? 1.830   14.812  -2.779  1.00 16.95 ? 64  GLN A CB    1 
ATOM   492  C CG    . GLN A 1 64  ? 2.162   16.028  -1.909  1.00 20.91 ? 64  GLN A CG    1 
ATOM   493  C CD    . GLN A 1 64  ? 1.718   17.354  -2.513  1.00 24.50 ? 64  GLN A CD    1 
ATOM   494  O OE1   . GLN A 1 64  ? 1.875   18.409  -1.897  1.00 29.52 ? 64  GLN A OE1   1 
ATOM   495  N NE2   . GLN A 1 64  ? 1.163   17.307  -3.716  1.00 23.61 ? 64  GLN A NE2   1 
ATOM   496  N N     . LEU A 1 65  ? 1.506   13.132  -5.403  1.00 11.03 ? 65  LEU A N     1 
ATOM   497  C CA    . LEU A 1 65  ? 1.063   11.892  -6.031  1.00 10.37 ? 65  LEU A CA    1 
ATOM   498  C C     . LEU A 1 65  ? 2.093   11.281  -6.981  1.00 9.48  ? 65  LEU A C     1 
ATOM   499  O O     . LEU A 1 65  ? 2.273   10.060  -7.019  1.00 9.69  ? 65  LEU A O     1 
ATOM   500  C CB    . LEU A 1 65  ? -0.274  12.126  -6.749  1.00 8.08  ? 65  LEU A CB    1 
ATOM   501  C CG    . LEU A 1 65  ? -1.456  12.342  -5.795  1.00 8.96  ? 65  LEU A CG    1 
ATOM   502  C CD1   . LEU A 1 65  ? -2.708  12.720  -6.592  1.00 7.51  ? 65  LEU A CD1   1 
ATOM   503  C CD2   . LEU A 1 65  ? -1.698  11.070  -4.987  1.00 10.11 ? 65  LEU A CD2   1 
ATOM   504  N N     . ASN A 1 66  ? 2.777   12.112  -7.758  1.00 10.02 ? 66  ASN A N     1 
ATOM   505  C CA    . ASN A 1 66  ? 3.784   11.571  -8.656  1.00 10.27 ? 66  ASN A CA    1 
ATOM   506  C C     . ASN A 1 66  ? 4.969   11.018  -7.858  1.00 9.81  ? 66  ASN A C     1 
ATOM   507  O O     . ASN A 1 66  ? 5.672   10.129  -8.325  1.00 12.71 ? 66  ASN A O     1 
ATOM   508  C CB    . ASN A 1 66  ? 4.252   12.642  -9.647  1.00 11.97 ? 66  ASN A CB    1 
ATOM   509  C CG    . ASN A 1 66  ? 3.333   12.759  -10.851 1.00 9.71  ? 66  ASN A CG    1 
ATOM   510  O OD1   . ASN A 1 66  ? 3.082   11.776  -11.548 1.00 11.54 ? 66  ASN A OD1   1 
ATOM   511  N ND2   . ASN A 1 66  ? 2.829   13.962  -11.101 1.00 15.07 ? 66  ASN A ND2   1 
ATOM   512  N N     . THR A 1 67  ? 5.166   11.532  -6.650  1.00 10.50 ? 67  THR A N     1 
ATOM   513  C CA    . THR A 1 67  ? 6.264   11.082  -5.789  1.00 10.45 ? 67  THR A CA    1 
ATOM   514  C C     . THR A 1 67  ? 5.902   9.843   -4.968  1.00 9.58  ? 67  THR A C     1 
ATOM   515  O O     . THR A 1 67  ? 6.648   8.860   -4.936  1.00 8.60  ? 67  THR A O     1 
ATOM   516  C CB    . THR A 1 67  ? 6.675   12.189  -4.791  1.00 10.61 ? 67  THR A CB    1 
ATOM   517  O OG1   . THR A 1 67  ? 7.210   13.311  -5.505  1.00 16.02 ? 67  THR A OG1   1 
ATOM   518  C CG2   . THR A 1 67  ? 7.715   11.668  -3.798  1.00 12.83 ? 67  THR A CG2   1 
ATOM   519  N N     . LEU A 1 68  ? 4.748   9.898   -4.313  1.00 10.19 ? 68  LEU A N     1 
ATOM   520  C CA    . LEU A 1 68  ? 4.294   8.818   -3.442  1.00 9.00  ? 68  LEU A CA    1 
ATOM   521  C C     . LEU A 1 68  ? 3.376   7.749   -4.039  1.00 9.11  ? 68  LEU A C     1 
ATOM   522  O O     . LEU A 1 68  ? 3.261   6.658   -3.477  1.00 8.89  ? 68  LEU A O     1 
ATOM   523  C CB    . LEU A 1 68  ? 3.604   9.427   -2.219  1.00 8.88  ? 68  LEU A CB    1 
ATOM   524  C CG    . LEU A 1 68  ? 4.384   10.502  -1.453  1.00 9.04  ? 68  LEU A CG    1 
ATOM   525  C CD1   . LEU A 1 68  ? 3.531   11.051  -0.311  1.00 10.46 ? 68  LEU A CD1   1 
ATOM   526  C CD2   . LEU A 1 68  ? 5.678   9.901   -0.916  1.00 8.63  ? 68  LEU A CD2   1 
ATOM   527  N N     . TRP A 1 69  ? 2.725   8.050   -5.161  1.00 7.85  ? 69  TRP A N     1 
ATOM   528  C CA    . TRP A 1 69  ? 1.802   7.099   -5.780  1.00 7.71  ? 69  TRP A CA    1 
ATOM   529  C C     . TRP A 1 69  ? 2.113   6.842   -7.259  1.00 8.38  ? 69  TRP A C     1 
ATOM   530  O O     . TRP A 1 69  ? 1.217   6.862   -8.104  1.00 7.70  ? 69  TRP A O     1 
ATOM   531  C CB    . TRP A 1 69  ? 0.357   7.619   -5.661  1.00 6.91  ? 69  TRP A CB    1 
ATOM   532  C CG    . TRP A 1 69  ? -0.717  6.547   -5.730  1.00 6.19  ? 69  TRP A CG    1 
ATOM   533  C CD1   . TRP A 1 69  ? -0.664  5.363   -6.417  1.00 7.04  ? 69  TRP A CD1   1 
ATOM   534  C CD2   . TRP A 1 69  ? -2.010  6.588   -5.109  1.00 6.90  ? 69  TRP A CD2   1 
ATOM   535  N NE1   . TRP A 1 69  ? -1.842  4.668   -6.260  1.00 8.43  ? 69  TRP A NE1   1 
ATOM   536  C CE2   . TRP A 1 69  ? -2.684  5.397   -5.463  1.00 6.61  ? 69  TRP A CE2   1 
ATOM   537  C CE3   . TRP A 1 69  ? -2.662  7.518   -4.288  1.00 6.20  ? 69  TRP A CE3   1 
ATOM   538  C CZ2   . TRP A 1 69  ? -3.983  5.110   -5.022  1.00 5.79  ? 69  TRP A CZ2   1 
ATOM   539  C CZ3   . TRP A 1 69  ? -3.959  7.231   -3.850  1.00 5.33  ? 69  TRP A CZ3   1 
ATOM   540  C CH2   . TRP A 1 69  ? -4.600  6.037   -4.218  1.00 5.53  ? 69  TRP A CH2   1 
ATOM   541  N N     . PRO A 1 70  ? 3.387   6.599   -7.601  1.00 9.59  ? 70  PRO A N     1 
ATOM   542  C CA    . PRO A 1 70  ? 3.637   6.353   -9.021  1.00 11.15 ? 70  PRO A CA    1 
ATOM   543  C C     . PRO A 1 70  ? 3.243   4.930   -9.395  1.00 11.19 ? 70  PRO A C     1 
ATOM   544  O O     . PRO A 1 70  ? 3.090   4.070   -8.530  1.00 11.57 ? 70  PRO A O     1 
ATOM   545  C CB    . PRO A 1 70  ? 5.142   6.560   -9.136  1.00 12.48 ? 70  PRO A CB    1 
ATOM   546  C CG    . PRO A 1 70  ? 5.629   5.987   -7.827  1.00 12.90 ? 70  PRO A CG    1 
ATOM   547  C CD    . PRO A 1 70  ? 4.644   6.579   -6.830  1.00 10.86 ? 70  PRO A CD    1 
ATOM   548  N N     . SER A 1 71  ? 3.044   4.680   -10.681 1.00 12.45 ? 71  SER A N     1 
ATOM   549  C CA    . SER A 1 71  ? 2.758   3.322   -11.115 1.00 13.09 ? 71  SER A CA    1 
ATOM   550  C C     . SER A 1 71  ? 4.155   2.714   -11.178 1.00 14.60 ? 71  SER A C     1 
ATOM   551  O O     . SER A 1 71  ? 5.048   3.305   -11.783 1.00 15.32 ? 71  SER A O     1 
ATOM   552  C CB    . SER A 1 71  ? 2.136   3.308   -12.510 1.00 15.07 ? 71  SER A CB    1 
ATOM   553  O OG    . SER A 1 71  ? 2.156   1.994   -13.042 1.00 15.83 ? 71  SER A OG    1 
ATOM   554  N N     . VAL A 1 72  ? 4.366   1.567   -10.542 1.00 14.42 ? 72  VAL A N     1 
ATOM   555  C CA    . VAL A 1 72  ? 5.689   0.951   -10.584 1.00 14.93 ? 72  VAL A CA    1 
ATOM   556  C C     . VAL A 1 72  ? 5.782   -0.054  -11.726 1.00 16.36 ? 72  VAL A C     1 
ATOM   557  O O     . VAL A 1 72  ? 6.870   -0.515  -12.067 1.00 15.36 ? 72  VAL A O     1 
ATOM   558  C CB    . VAL A 1 72  ? 6.047   0.237   -9.249  1.00 15.82 ? 72  VAL A CB    1 
ATOM   559  C CG1   . VAL A 1 72  ? 5.814   1.183   -8.084  1.00 14.47 ? 72  VAL A CG1   1 
ATOM   560  C CG2   . VAL A 1 72  ? 5.235   -1.041  -9.088  1.00 15.21 ? 72  VAL A CG2   1 
ATOM   561  N N     . LEU A 1 73  ? 4.639   -0.376  -12.328 1.00 16.54 ? 73  LEU A N     1 
ATOM   562  C CA    . LEU A 1 73  ? 4.596   -1.332  -13.431 1.00 18.21 ? 73  LEU A CA    1 
ATOM   563  C C     . LEU A 1 73  ? 4.700   -0.667  -14.798 1.00 19.51 ? 73  LEU A C     1 
ATOM   564  O O     . LEU A 1 73  ? 5.323   -1.208  -15.713 1.00 19.03 ? 73  LEU A O     1 
ATOM   565  C CB    . LEU A 1 73  ? 3.298   -2.149  -13.376 1.00 18.55 ? 73  LEU A CB    1 
ATOM   566  C CG    . LEU A 1 73  ? 3.051   -3.024  -12.145 1.00 20.25 ? 73  LEU A CG    1 
ATOM   567  C CD1   . LEU A 1 73  ? 1.744   -3.782  -12.323 1.00 19.43 ? 73  LEU A CD1   1 
ATOM   568  C CD2   . LEU A 1 73  ? 4.203   -3.999  -11.957 1.00 20.04 ? 73  LEU A CD2   1 
ATOM   569  N N     . ARG A 1 74  ? 4.087   0.504   -14.935 1.00 20.92 ? 74  ARG A N     1 
ATOM   570  C CA    . ARG A 1 74  ? 4.090   1.233   -16.200 1.00 23.45 ? 74  ARG A CA    1 
ATOM   571  C C     . ARG A 1 74  ? 4.445   2.698   -15.963 1.00 23.01 ? 74  ARG A C     1 
ATOM   572  O O     . ARG A 1 74  ? 4.652   3.111   -14.824 1.00 23.09 ? 74  ARG A O     1 
ATOM   573  C CB    . ARG A 1 74  ? 2.711   1.111   -16.855 1.00 26.65 ? 74  ARG A CB    1 
ATOM   574  C CG    . ARG A 1 74  ? 2.088   -0.265  -16.639 1.00 31.44 ? 74  ARG A CG    1 
ATOM   575  C CD    . ARG A 1 74  ? 0.781   -0.460  -17.389 1.00 34.28 ? 74  ARG A CD    1 
ATOM   576  N NE    . ARG A 1 74  ? 0.014   -1.579  -16.842 1.00 37.46 ? 74  ARG A NE    1 
ATOM   577  C CZ    . ARG A 1 74  ? 0.480   -2.816  -16.702 1.00 39.08 ? 74  ARG A CZ    1 
ATOM   578  N NH1   . ARG A 1 74  ? 1.719   -3.115  -17.072 1.00 40.89 ? 74  ARG A NH1   1 
ATOM   579  N NH2   . ARG A 1 74  ? -0.294  -3.760  -16.182 1.00 41.27 ? 74  ARG A NH2   1 
ATOM   580  N N     . ALA A 1 75  ? 4.508   3.486   -17.032 1.00 23.90 ? 75  ALA A N     1 
ATOM   581  C CA    . ALA A 1 75  ? 4.876   4.894   -16.906 1.00 23.77 ? 75  ALA A CA    1 
ATOM   582  C C     . ALA A 1 75  ? 3.719   5.890   -16.914 1.00 23.65 ? 75  ALA A C     1 
ATOM   583  O O     . ALA A 1 75  ? 3.940   7.095   -17.004 1.00 25.86 ? 75  ALA A O     1 
ATOM   584  C CB    . ALA A 1 75  ? 5.878   5.260   -17.997 1.00 26.24 ? 75  ALA A CB    1 
ATOM   585  N N     . ASN A 1 76  ? 2.489   5.399   -16.815 1.00 22.85 ? 76  ASN A N     1 
ATOM   586  C CA    . ASN A 1 76  ? 1.326   6.281   -16.807 1.00 20.42 ? 76  ASN A CA    1 
ATOM   587  C C     . ASN A 1 76  ? 0.739   6.321   -15.398 1.00 18.21 ? 76  ASN A C     1 
ATOM   588  O O     . ASN A 1 76  ? -0.076  5.471   -15.032 1.00 17.35 ? 76  ASN A O     1 
ATOM   589  C CB    . ASN A 1 76  ? 0.267   5.768   -17.784 1.00 23.14 ? 76  ASN A CB    1 
ATOM   590  C CG    . ASN A 1 76  ? -0.871  6.748   -17.975 1.00 24.67 ? 76  ASN A CG    1 
ATOM   591  O OD1   . ASN A 1 76  ? -1.292  7.421   -17.036 1.00 25.18 ? 76  ASN A OD1   1 
ATOM   592  N ND2   . ASN A 1 76  ? -1.386  6.826   -19.197 1.00 28.54 ? 76  ASN A ND2   1 
ATOM   593  N N     . ASN A 1 77  ? 1.139   7.314   -14.611 1.00 14.88 ? 77  ASN A N     1 
ATOM   594  C CA    . ASN A 1 77  ? 0.645   7.414   -13.241 1.00 12.36 ? 77  ASN A CA    1 
ATOM   595  C C     . ASN A 1 77  ? -0.831  7.785   -13.141 1.00 12.48 ? 77  ASN A C     1 
ATOM   596  O O     . ASN A 1 77  ? -1.555  7.209   -12.331 1.00 12.63 ? 77  ASN A O     1 
ATOM   597  C CB    . ASN A 1 77  ? 1.478   8.415   -12.435 1.00 10.35 ? 77  ASN A CB    1 
ATOM   598  C CG    . ASN A 1 77  ? 2.937   7.996   -12.308 1.00 10.75 ? 77  ASN A CG    1 
ATOM   599  O OD1   . ASN A 1 77  ? 3.272   6.827   -12.469 1.00 13.19 ? 77  ASN A OD1   1 
ATOM   600  N ND2   . ASN A 1 77  ? 3.805   8.954   -12.007 1.00 12.32 ? 77  ASN A ND2   1 
ATOM   601  N N     . GLN A 1 78  ? -1.283  8.741   -13.949 1.00 11.72 ? 78  GLN A N     1 
ATOM   602  C CA    . GLN A 1 78  ? -2.686  9.147   -13.893 1.00 12.82 ? 78  GLN A CA    1 
ATOM   603  C C     . GLN A 1 78  ? -3.645  7.992   -14.157 1.00 12.39 ? 78  GLN A C     1 
ATOM   604  O O     . GLN A 1 78  ? -4.722  7.923   -13.568 1.00 12.29 ? 78  GLN A O     1 
ATOM   605  C CB    . GLN A 1 78  ? -2.970  10.290  -14.879 1.00 14.28 ? 78  GLN A CB    1 
ATOM   606  C CG    . GLN A 1 78  ? -2.646  11.669  -14.331 1.00 19.07 ? 78  GLN A CG    1 
ATOM   607  C CD    . GLN A 1 78  ? -3.124  12.790  -15.236 1.00 19.45 ? 78  GLN A CD    1 
ATOM   608  O OE1   . GLN A 1 78  ? -4.267  12.788  -15.697 1.00 21.44 ? 78  GLN A OE1   1 
ATOM   609  N NE2   . GLN A 1 78  ? -2.253  13.761  -15.485 1.00 21.89 ? 78  GLN A NE2   1 
ATOM   610  N N     . GLN A 1 79  ? -3.256  7.085   -15.044 1.00 11.56 ? 79  GLN A N     1 
ATOM   611  C CA    . GLN A 1 79  ? -4.103  5.943   -15.365 1.00 13.05 ? 79  GLN A CA    1 
ATOM   612  C C     . GLN A 1 79  ? -4.280  5.072   -14.122 1.00 11.82 ? 79  GLN A C     1 
ATOM   613  O O     . GLN A 1 79  ? -5.362  4.541   -13.860 1.00 12.89 ? 79  GLN A O     1 
ATOM   614  C CB    . GLN A 1 79  ? -3.463  5.133   -16.491 1.00 16.21 ? 79  GLN A CB    1 
ATOM   615  C CG    . GLN A 1 79  ? -4.312  3.998   -17.017 1.00 22.93 ? 79  GLN A CG    1 
ATOM   616  C CD    . GLN A 1 79  ? -3.664  3.317   -18.210 1.00 27.40 ? 79  GLN A CD    1 
ATOM   617  O OE1   . GLN A 1 79  ? -2.552  2.793   -18.113 1.00 30.69 ? 79  GLN A OE1   1 
ATOM   618  N NE2   . GLN A 1 79  ? -4.355  3.325   -19.344 1.00 29.63 ? 79  GLN A NE2   1 
ATOM   619  N N     . PHE A 1 80  ? -3.204  4.945   -13.355 1.00 10.53 ? 80  PHE A N     1 
ATOM   620  C CA    . PHE A 1 80  ? -3.212  4.152   -12.136 1.00 9.76  ? 80  PHE A CA    1 
ATOM   621  C C     . PHE A 1 80  ? -4.115  4.829   -11.101 1.00 8.85  ? 80  PHE A C     1 
ATOM   622  O O     . PHE A 1 80  ? -4.925  4.167   -10.449 1.00 10.16 ? 80  PHE A O     1 
ATOM   623  C CB    . PHE A 1 80  ? -1.768  4.013   -11.623 1.00 9.01  ? 80  PHE A CB    1 
ATOM   624  C CG    . PHE A 1 80  ? -1.613  3.116   -10.424 1.00 8.66  ? 80  PHE A CG    1 
ATOM   625  C CD1   . PHE A 1 80  ? -2.437  2.008   -10.238 1.00 7.62  ? 80  PHE A CD1   1 
ATOM   626  C CD2   . PHE A 1 80  ? -0.595  3.355   -9.501  1.00 9.53  ? 80  PHE A CD2   1 
ATOM   627  C CE1   . PHE A 1 80  ? -2.249  1.149   -9.148  1.00 9.92  ? 80  PHE A CE1   1 
ATOM   628  C CE2   . PHE A 1 80  ? -0.396  2.504   -8.412  1.00 8.81  ? 80  PHE A CE2   1 
ATOM   629  C CZ    . PHE A 1 80  ? -1.226  1.398   -8.236  1.00 8.76  ? 80  PHE A CZ    1 
ATOM   630  N N     . TRP A 1 81  ? -3.997  6.147   -10.962 1.00 8.88  ? 81  TRP A N     1 
ATOM   631  C CA    . TRP A 1 81  ? -4.834  6.855   -9.997  1.00 7.63  ? 81  TRP A CA    1 
ATOM   632  C C     . TRP A 1 81  ? -6.306  6.738   -10.385 1.00 9.30  ? 81  TRP A C     1 
ATOM   633  O O     . TRP A 1 81  ? -7.167  6.532   -9.535  1.00 8.56  ? 81  TRP A O     1 
ATOM   634  C CB    . TRP A 1 81  ? -4.466  8.339   -9.910  1.00 10.09 ? 81  TRP A CB    1 
ATOM   635  C CG    . TRP A 1 81  ? -3.024  8.612   -9.636  1.00 7.07  ? 81  TRP A CG    1 
ATOM   636  C CD1   . TRP A 1 81  ? -2.136  7.799   -8.987  1.00 10.58 ? 81  TRP A CD1   1 
ATOM   637  C CD2   . TRP A 1 81  ? -2.293  9.781   -10.019 1.00 9.37  ? 81  TRP A CD2   1 
ATOM   638  N NE1   . TRP A 1 81  ? -0.891  8.391   -8.950  1.00 9.26  ? 81  TRP A NE1   1 
ATOM   639  C CE2   . TRP A 1 81  ? -0.962  9.607   -9.578  1.00 9.45  ? 81  TRP A CE2   1 
ATOM   640  C CE3   . TRP A 1 81  ? -2.635  10.960  -10.695 1.00 9.81  ? 81  TRP A CE3   1 
ATOM   641  C CZ2   . TRP A 1 81  ? 0.031   10.569  -9.794  1.00 9.89  ? 81  TRP A CZ2   1 
ATOM   642  C CZ3   . TRP A 1 81  ? -1.647  11.918  -10.911 1.00 11.97 ? 81  TRP A CZ3   1 
ATOM   643  C CH2   . TRP A 1 81  ? -0.326  11.713  -10.460 1.00 11.28 ? 81  TRP A CH2   1 
ATOM   644  N N     . SER A 1 82  ? -6.591  6.883   -11.675 1.00 10.52 ? 82  SER A N     1 
ATOM   645  C CA    . SER A 1 82  ? -7.963  6.799   -12.159 1.00 9.75  ? 82  SER A CA    1 
ATOM   646  C C     . SER A 1 82  ? -8.558  5.431   -11.856 1.00 9.76  ? 82  SER A C     1 
ATOM   647  O O     . SER A 1 82  ? -9.703  5.325   -11.410 1.00 9.04  ? 82  SER A O     1 
ATOM   648  C CB    . SER A 1 82  ? -8.006  7.067   -13.667 1.00 11.26 ? 82  SER A CB    1 
ATOM   649  O OG    . SER A 1 82  ? -9.332  6.969   -14.157 1.00 12.81 ? 82  SER A OG    1 
ATOM   650  N N     . HIS A 1 83  ? -7.775  4.382   -12.093 1.00 9.83  ? 83  HIS A N     1 
ATOM   651  C CA    . HIS A 1 83  ? -8.231  3.019   -11.839 1.00 10.79 ? 83  HIS A CA    1 
ATOM   652  C C     . HIS A 1 83  ? -8.501  2.788   -10.359 1.00 9.84  ? 83  HIS A C     1 
ATOM   653  O O     . HIS A 1 83  ? -9.485  2.149   -9.987  1.00 9.87  ? 83  HIS A O     1 
ATOM   654  C CB    . HIS A 1 83  ? -7.191  2.008   -12.328 1.00 13.12 ? 83  HIS A CB    1 
ATOM   655  C CG    . HIS A 1 83  ? -7.543  0.587   -12.014 1.00 15.79 ? 83  HIS A CG    1 
ATOM   656  N ND1   . HIS A 1 83  ? -6.957  -0.118  -10.985 1.00 18.77 ? 83  HIS A ND1   1 
ATOM   657  C CD2   . HIS A 1 83  ? -8.456  -0.245  -12.567 1.00 17.22 ? 83  HIS A CD2   1 
ATOM   658  C CE1   . HIS A 1 83  ? -7.495  -1.322  -10.918 1.00 17.92 ? 83  HIS A CE1   1 
ATOM   659  N NE2   . HIS A 1 83  ? -8.408  -1.424  -11.867 1.00 19.60 ? 83  HIS A NE2   1 
ATOM   660  N N     . GLU A 1 84  ? -7.617  3.297   -9.512  1.00 8.53  ? 84  GLU A N     1 
ATOM   661  C CA    . GLU A 1 84  ? -7.791  3.122   -8.076  1.00 6.86  ? 84  GLU A CA    1 
ATOM   662  C C     . GLU A 1 84  ? -9.007  3.890   -7.560  1.00 6.75  ? 84  GLU A C     1 
ATOM   663  O O     . GLU A 1 84  ? -9.675  3.439   -6.625  1.00 8.12  ? 84  GLU A O     1 
ATOM   664  C CB    . GLU A 1 84  ? -6.521  3.544   -7.336  1.00 8.62  ? 84  GLU A CB    1 
ATOM   665  C CG    . GLU A 1 84  ? -5.346  2.595   -7.570  1.00 6.68  ? 84  GLU A CG    1 
ATOM   666  C CD    . GLU A 1 84  ? -5.623  1.186   -7.080  1.00 9.07  ? 84  GLU A CD    1 
ATOM   667  O OE1   . GLU A 1 84  ? -6.123  1.042   -5.948  1.00 7.50  ? 84  GLU A OE1   1 
ATOM   668  O OE2   . GLU A 1 84  ? -5.327  0.220   -7.815  1.00 9.86  ? 84  GLU A OE2   1 
ATOM   669  N N     . TRP A 1 85  ? -9.302  5.038   -8.165  1.00 6.55  ? 85  TRP A N     1 
ATOM   670  C CA    . TRP A 1 85  ? -10.465 5.814   -7.747  1.00 7.04  ? 85  TRP A CA    1 
ATOM   671  C C     . TRP A 1 85  ? -11.750 5.101   -8.160  1.00 8.05  ? 85  TRP A C     1 
ATOM   672  O O     . TRP A 1 85  ? -12.642 4.877   -7.348  1.00 8.58  ? 85  TRP A O     1 
ATOM   673  C CB    . TRP A 1 85  ? -10.457 7.217   -8.373  1.00 8.15  ? 85  TRP A CB    1 
ATOM   674  C CG    . TRP A 1 85  ? -11.778 7.918   -8.172  1.00 7.71  ? 85  TRP A CG    1 
ATOM   675  C CD1   . TRP A 1 85  ? -12.754 8.122   -9.110  1.00 8.76  ? 85  TRP A CD1   1 
ATOM   676  C CD2   . TRP A 1 85  ? -12.312 8.393   -6.930  1.00 8.99  ? 85  TRP A CD2   1 
ATOM   677  N NE1   . TRP A 1 85  ? -13.862 8.687   -8.527  1.00 9.23  ? 85  TRP A NE1   1 
ATOM   678  C CE2   . TRP A 1 85  ? -13.619 8.864   -7.189  1.00 9.05  ? 85  TRP A CE2   1 
ATOM   679  C CE3   . TRP A 1 85  ? -11.815 8.463   -5.621  1.00 7.94  ? 85  TRP A CE3   1 
ATOM   680  C CZ2   . TRP A 1 85  ? -14.438 9.395   -6.185  1.00 9.52  ? 85  TRP A CZ2   1 
ATOM   681  C CZ3   . TRP A 1 85  ? -12.622 8.990   -4.626  1.00 7.72  ? 85  TRP A CZ3   1 
ATOM   682  C CH2   . TRP A 1 85  ? -13.925 9.451   -4.914  1.00 8.45  ? 85  TRP A CH2   1 
ATOM   683  N N     . THR A 1 86  ? -11.836 4.739   -9.430  1.00 10.92 ? 86  THR A N     1 
ATOM   684  C CA    . THR A 1 86  ? -13.026 4.075   -9.942  1.00 11.76 ? 86  THR A CA    1 
ATOM   685  C C     . THR A 1 86  ? -13.304 2.717   -9.307  1.00 10.82 ? 86  THR A C     1 
ATOM   686  O O     . THR A 1 86  ? -14.456 2.386   -9.039  1.00 12.06 ? 86  THR A O     1 
ATOM   687  C CB    . THR A 1 86  ? -12.934 3.913   -11.468 1.00 11.27 ? 86  THR A CB    1 
ATOM   688  O OG1   . THR A 1 86  ? -12.819 5.210   -12.067 1.00 17.02 ? 86  THR A OG1   1 
ATOM   689  C CG2   . THR A 1 86  ? -14.179 3.217   -12.011 1.00 14.13 ? 86  THR A CG2   1 
ATOM   690  N N     . LYS A 1 87  ? -12.260 1.937   -9.046  1.00 11.36 ? 87  LYS A N     1 
ATOM   691  C CA    . LYS A 1 87  ? -12.456 0.617   -8.466  1.00 10.76 ? 87  LYS A CA    1 
ATOM   692  C C     . LYS A 1 87  ? -12.539 0.572   -6.945  1.00 10.85 ? 87  LYS A C     1 
ATOM   693  O O     . LYS A 1 87  ? -13.176 -0.319  -6.391  1.00 11.84 ? 87  LYS A O     1 
ATOM   694  C CB    . LYS A 1 87  ? -11.347 -0.332  -8.929  1.00 11.07 ? 87  LYS A CB    1 
ATOM   695  C CG    . LYS A 1 87  ? -11.507 -1.761  -8.417  1.00 13.50 ? 87  LYS A CG    1 
ATOM   696  C CD    . LYS A 1 87  ? -10.421 -2.677  -8.955  1.00 17.19 ? 87  LYS A CD    1 
ATOM   697  C CE    . LYS A 1 87  ? -10.547 -4.084  -8.377  1.00 18.75 ? 87  LYS A CE    1 
ATOM   698  N NZ    . LYS A 1 87  ? -9.498  -5.000  -8.912  1.00 20.82 ? 87  LYS A NZ    1 
ATOM   699  N N     . HIS A 1 88  ? -11.912 1.530   -6.268  1.00 9.59  ? 88  HIS A N     1 
ATOM   700  C CA    . HIS A 1 88  ? -11.904 1.529   -4.803  1.00 8.19  ? 88  HIS A CA    1 
ATOM   701  C C     . HIS A 1 88  ? -12.409 2.807   -4.142  1.00 7.75  ? 88  HIS A C     1 
ATOM   702  O O     . HIS A 1 88  ? -13.254 2.759   -3.247  1.00 7.94  ? 88  HIS A O     1 
ATOM   703  C CB    . HIS A 1 88  ? -10.479 1.260   -4.303  1.00 8.42  ? 88  HIS A CB    1 
ATOM   704  C CG    . HIS A 1 88  ? -9.912  -0.051  -4.757  1.00 9.69  ? 88  HIS A CG    1 
ATOM   705  N ND1   . HIS A 1 88  ? -10.174 -1.240  -4.109  1.00 10.77 ? 88  HIS A ND1   1 
ATOM   706  C CD2   . HIS A 1 88  ? -9.086  -0.358  -5.785  1.00 11.49 ? 88  HIS A CD2   1 
ATOM   707  C CE1   . HIS A 1 88  ? -9.532  -2.222  -4.718  1.00 11.90 ? 88  HIS A CE1   1 
ATOM   708  N NE2   . HIS A 1 88  ? -8.864  -1.713  -5.738  1.00 10.93 ? 88  HIS A NE2   1 
ATOM   709  N N     . GLY A 1 89  ? -11.867 3.941   -4.577  1.00 7.62  ? 89  GLY A N     1 
ATOM   710  C CA    . GLY A 1 89  ? -12.228 5.227   -4.004  1.00 7.39  ? 89  GLY A CA    1 
ATOM   711  C C     . GLY A 1 89  ? -13.702 5.576   -3.997  1.00 6.91  ? 89  GLY A C     1 
ATOM   712  O O     . GLY A 1 89  ? -14.197 6.184   -3.050  1.00 7.10  ? 89  GLY A O     1 
ATOM   713  N N     . THR A 1 90  ? -14.411 5.204   -5.054  1.00 7.96  ? 90  THR A N     1 
ATOM   714  C CA    . THR A 1 90  ? -15.839 5.494   -5.125  1.00 9.55  ? 90  THR A CA    1 
ATOM   715  C C     . THR A 1 90  ? -16.613 4.856   -3.973  1.00 9.61  ? 90  THR A C     1 
ATOM   716  O O     . THR A 1 90  ? -17.695 5.326   -3.604  1.00 10.86 ? 90  THR A O     1 
ATOM   717  C CB    . THR A 1 90  ? -16.443 4.996   -6.449  1.00 8.91  ? 90  THR A CB    1 
ATOM   718  O OG1   . THR A 1 90  ? -16.060 3.633   -6.670  1.00 11.74 ? 90  THR A OG1   1 
ATOM   719  C CG2   . THR A 1 90  ? -15.965 5.862   -7.610  1.00 12.42 ? 90  THR A CG2   1 
ATOM   720  N N     . CYS A 1 91  ? -16.059 3.797   -3.394  1.00 8.71  ? 91  CYS A N     1 
ATOM   721  C CA    . CYS A 1 91  ? -16.740 3.118   -2.298  1.00 9.09  ? 91  CYS A CA    1 
ATOM   722  C C     . CYS A 1 91  ? -16.730 3.857   -0.959  1.00 10.50 ? 91  CYS A C     1 
ATOM   723  O O     . CYS A 1 91  ? -17.399 3.435   -0.015  1.00 12.39 ? 91  CYS A O     1 
ATOM   724  C CB    . CYS A 1 91  ? -16.194 1.701   -2.133  1.00 10.11 ? 91  CYS A CB    1 
ATOM   725  S SG    . CYS A 1 91  ? -16.567 0.605   -3.548  1.00 11.73 ? 91  CYS A SG    1 
ATOM   726  N N     . SER A 1 92  ? -15.978 4.953   -0.870  1.00 9.49  ? 92  SER A N     1 
ATOM   727  C CA    . SER A 1 92  ? -15.968 5.755   0.348   1.00 9.34  ? 92  SER A CA    1 
ATOM   728  C C     . SER A 1 92  ? -16.344 7.208   0.030   1.00 10.49 ? 92  SER A C     1 
ATOM   729  O O     . SER A 1 92  ? -16.222 8.095   0.876   1.00 9.69  ? 92  SER A O     1 
ATOM   730  C CB    . SER A 1 92  ? -14.600 5.683   1.059   1.00 10.79 ? 92  SER A CB    1 
ATOM   731  O OG    . SER A 1 92  ? -13.507 5.962   0.200   1.00 8.24  ? 92  SER A OG    1 
ATOM   732  N N     . GLU A 1 93  ? -16.835 7.441   -1.186  1.00 11.39 ? 93  GLU A N     1 
ATOM   733  C CA    . GLU A 1 93  ? -17.204 8.794   -1.609  1.00 11.72 ? 93  GLU A CA    1 
ATOM   734  C C     . GLU A 1 93  ? -18.346 9.438   -0.817  1.00 13.37 ? 93  GLU A C     1 
ATOM   735  O O     . GLU A 1 93  ? -18.499 10.662  -0.835  1.00 14.28 ? 93  GLU A O     1 
ATOM   736  C CB    . GLU A 1 93  ? -17.534 8.815   -3.106  1.00 11.15 ? 93  GLU A CB    1 
ATOM   737  C CG    . GLU A 1 93  ? -17.868 10.207  -3.630  1.00 13.41 ? 93  GLU A CG    1 
ATOM   738  C CD    . GLU A 1 93  ? -17.963 10.275  -5.140  1.00 12.91 ? 93  GLU A CD    1 
ATOM   739  O OE1   . GLU A 1 93  ? -18.277 9.245   -5.772  1.00 15.02 ? 93  GLU A OE1   1 
ATOM   740  O OE2   . GLU A 1 93  ? -17.735 11.371  -5.697  1.00 15.02 ? 93  GLU A OE2   1 
ATOM   741  N N     . SER A 1 94  ? -19.147 8.639   -0.117  1.00 12.52 ? 94  SER A N     1 
ATOM   742  C CA    . SER A 1 94  ? -20.233 9.219   0.673   1.00 14.94 ? 94  SER A CA    1 
ATOM   743  C C     . SER A 1 94  ? -19.687 10.138  1.762   1.00 14.70 ? 94  SER A C     1 
ATOM   744  O O     . SER A 1 94  ? -20.371 11.068  2.199   1.00 15.68 ? 94  SER A O     1 
ATOM   745  C CB    . SER A 1 94  ? -21.092 8.121   1.304   1.00 16.94 ? 94  SER A CB    1 
ATOM   746  O OG    . SER A 1 94  ? -21.838 7.443   0.311   1.00 22.71 ? 94  SER A OG    1 
ATOM   747  N N     . THR A 1 95  ? -18.455 9.883   2.200   1.00 12.71 ? 95  THR A N     1 
ATOM   748  C CA    . THR A 1 95  ? -17.832 10.706  3.232   1.00 11.66 ? 95  THR A CA    1 
ATOM   749  C C     . THR A 1 95  ? -16.534 11.378  2.769   1.00 10.24 ? 95  THR A C     1 
ATOM   750  O O     . THR A 1 95  ? -16.120 12.384  3.344   1.00 11.08 ? 95  THR A O     1 
ATOM   751  C CB    . THR A 1 95  ? -17.544 9.886   4.524   1.00 14.22 ? 95  THR A CB    1 
ATOM   752  O OG1   . THR A 1 95  ? -16.850 8.678   4.190   1.00 15.29 ? 95  THR A OG1   1 
ATOM   753  C CG2   . THR A 1 95  ? -18.848 9.542   5.244   1.00 14.09 ? 95  THR A CG2   1 
ATOM   754  N N     . PHE A 1 96  ? -15.906 10.838  1.726   1.00 8.51  ? 96  PHE A N     1 
ATOM   755  C CA    . PHE A 1 96  ? -14.655 11.405  1.211   1.00 8.73  ? 96  PHE A CA    1 
ATOM   756  C C     . PHE A 1 96  ? -14.724 11.688  -0.288  1.00 7.61  ? 96  PHE A C     1 
ATOM   757  O O     . PHE A 1 96  ? -14.686 10.758  -1.097  1.00 7.61  ? 96  PHE A O     1 
ATOM   758  C CB    . PHE A 1 96  ? -13.488 10.443  1.481   1.00 9.39  ? 96  PHE A CB    1 
ATOM   759  C CG    . PHE A 1 96  ? -13.152 10.285  2.934   1.00 10.46 ? 96  PHE A CG    1 
ATOM   760  C CD1   . PHE A 1 96  ? -12.407 11.253  3.600   1.00 12.70 ? 96  PHE A CD1   1 
ATOM   761  C CD2   . PHE A 1 96  ? -13.590 9.173   3.643   1.00 11.11 ? 96  PHE A CD2   1 
ATOM   762  C CE1   . PHE A 1 96  ? -12.104 11.116  4.952   1.00 12.72 ? 96  PHE A CE1   1 
ATOM   763  C CE2   . PHE A 1 96  ? -13.292 9.028   4.995   1.00 13.22 ? 96  PHE A CE2   1 
ATOM   764  C CZ    . PHE A 1 96  ? -12.547 10.001  5.649   1.00 12.74 ? 96  PHE A CZ    1 
ATOM   765  N N     . ASN A 1 97  ? -14.836 12.959  -0.672  1.00 8.48  ? 97  ASN A N     1 
ATOM   766  C CA    . ASN A 1 97  ? -14.874 13.275  -2.096  1.00 8.58  ? 97  ASN A CA    1 
ATOM   767  C C     . ASN A 1 97  ? -13.496 12.946  -2.674  1.00 9.26  ? 97  ASN A C     1 
ATOM   768  O O     . ASN A 1 97  ? -12.574 12.619  -1.924  1.00 8.61  ? 97  ASN A O     1 
ATOM   769  C CB    . ASN A 1 97  ? -15.251 14.750  -2.341  1.00 7.02  ? 97  ASN A CB    1 
ATOM   770  C CG    . ASN A 1 97  ? -14.372 15.723  -1.582  1.00 9.62  ? 97  ASN A CG    1 
ATOM   771  O OD1   . ASN A 1 97  ? -13.156 15.580  -1.550  1.00 10.95 ? 97  ASN A OD1   1 
ATOM   772  N ND2   . ASN A 1 97  ? -14.994 16.741  -0.981  1.00 9.74  ? 97  ASN A ND2   1 
ATOM   773  N N     . GLN A 1 98  ? -13.351 13.020  -3.995  1.00 7.67  ? 98  GLN A N     1 
ATOM   774  C CA    . GLN A 1 98  ? -12.080 12.663  -4.624  1.00 8.46  ? 98  GLN A CA    1 
ATOM   775  C C     . GLN A 1 98  ? -10.865 13.399  -4.070  1.00 8.77  ? 98  GLN A C     1 
ATOM   776  O O     . GLN A 1 98  ? -9.823  12.786  -3.819  1.00 8.18  ? 98  GLN A O     1 
ATOM   777  C CB    . GLN A 1 98  ? -12.149 12.860  -6.139  1.00 9.74  ? 98  GLN A CB    1 
ATOM   778  C CG    . GLN A 1 98  ? -10.995 12.191  -6.877  1.00 11.57 ? 98  GLN A CG    1 
ATOM   779  C CD    . GLN A 1 98  ? -10.923 12.582  -8.337  1.00 13.87 ? 98  GLN A CD    1 
ATOM   780  O OE1   . GLN A 1 98  ? -11.896 12.446  -9.080  1.00 11.05 ? 98  GLN A OE1   1 
ATOM   781  N NE2   . GLN A 1 98  ? -9.761  13.072  -8.759  1.00 14.79 ? 98  GLN A NE2   1 
ATOM   782  N N     . ALA A 1 99  ? -10.988 14.709  -3.880  1.00 8.24  ? 99  ALA A N     1 
ATOM   783  C CA    . ALA A 1 99  ? -9.884  15.498  -3.347  1.00 8.77  ? 99  ALA A CA    1 
ATOM   784  C C     . ALA A 1 99  ? -9.457  14.992  -1.970  1.00 7.80  ? 99  ALA A C     1 
ATOM   785  O O     . ALA A 1 99  ? -8.273  14.769  -1.717  1.00 10.22 ? 99  ALA A O     1 
ATOM   786  C CB    . ALA A 1 99  ? -10.283 16.969  -3.257  1.00 8.30  ? 99  ALA A CB    1 
ATOM   787  N N     . ALA A 1 100 ? -10.434 14.807  -1.085  1.00 8.76  ? 100 ALA A N     1 
ATOM   788  C CA    . ALA A 1 100 ? -10.165 14.351  0.272   1.00 7.63  ? 100 ALA A CA    1 
ATOM   789  C C     . ALA A 1 100 ? -9.628  12.926  0.316   1.00 8.76  ? 100 ALA A C     1 
ATOM   790  O O     . ALA A 1 100 ? -8.835  12.590  1.194   1.00 8.39  ? 100 ALA A O     1 
ATOM   791  C CB    . ALA A 1 100 ? -11.436 14.463  1.117   1.00 9.12  ? 100 ALA A CB    1 
ATOM   792  N N     . TYR A 1 101 ? -10.057 12.096  -0.632  1.00 7.31  ? 101 TYR A N     1 
ATOM   793  C CA    . TYR A 1 101 ? -9.622  10.702  -0.695  1.00 6.56  ? 101 TYR A CA    1 
ATOM   794  C C     . TYR A 1 101 ? -8.134  10.610  -1.023  1.00 7.36  ? 101 TYR A C     1 
ATOM   795  O O     . TYR A 1 101 ? -7.384  9.913   -0.342  1.00 7.39  ? 101 TYR A O     1 
ATOM   796  C CB    . TYR A 1 101 ? -10.440 9.946   -1.749  1.00 7.85  ? 101 TYR A CB    1 
ATOM   797  C CG    . TYR A 1 101 ? -9.924  8.562   -2.069  1.00 6.89  ? 101 TYR A CG    1 
ATOM   798  C CD1   . TYR A 1 101 ? -10.187 7.479   -1.231  1.00 7.04  ? 101 TYR A CD1   1 
ATOM   799  C CD2   . TYR A 1 101 ? -9.181  8.336   -3.226  1.00 4.81  ? 101 TYR A CD2   1 
ATOM   800  C CE1   . TYR A 1 101 ? -9.724  6.201   -1.546  1.00 6.87  ? 101 TYR A CE1   1 
ATOM   801  C CE2   . TYR A 1 101 ? -8.716  7.073   -3.547  1.00 5.96  ? 101 TYR A CE2   1 
ATOM   802  C CZ    . TYR A 1 101 ? -8.993  6.010   -2.706  1.00 6.12  ? 101 TYR A CZ    1 
ATOM   803  O OH    . TYR A 1 101 ? -8.541  4.760   -3.050  1.00 7.25  ? 101 TYR A OH    1 
ATOM   804  N N     . PHE A 1 102 ? -7.704  11.315  -2.064  1.00 6.33  ? 102 PHE A N     1 
ATOM   805  C CA    . PHE A 1 102 ? -6.296  11.280  -2.433  1.00 7.16  ? 102 PHE A CA    1 
ATOM   806  C C     . PHE A 1 102 ? -5.433  11.979  -1.394  1.00 8.32  ? 102 PHE A C     1 
ATOM   807  O O     . PHE A 1 102 ? -4.292  11.573  -1.160  1.00 8.59  ? 102 PHE A O     1 
ATOM   808  C CB    . PHE A 1 102 ? -6.100  11.882  -3.821  1.00 7.46  ? 102 PHE A CB    1 
ATOM   809  C CG    . PHE A 1 102 ? -6.424  10.926  -4.929  1.00 7.73  ? 102 PHE A CG    1 
ATOM   810  C CD1   . PHE A 1 102 ? -5.475  10.003  -5.357  1.00 8.30  ? 102 PHE A CD1   1 
ATOM   811  C CD2   . PHE A 1 102 ? -7.691  10.903  -5.505  1.00 7.24  ? 102 PHE A CD2   1 
ATOM   812  C CE1   . PHE A 1 102 ? -5.778  9.066   -6.343  1.00 7.85  ? 102 PHE A CE1   1 
ATOM   813  C CE2   . PHE A 1 102 ? -8.006  9.969   -6.494  1.00 9.19  ? 102 PHE A CE2   1 
ATOM   814  C CZ    . PHE A 1 102 ? -7.045  9.048   -6.913  1.00 9.44  ? 102 PHE A CZ    1 
ATOM   815  N N     . LYS A 1 103 ? -5.975  13.011  -0.753  1.00 9.83  ? 103 LYS A N     1 
ATOM   816  C CA    . LYS A 1 103 ? -5.226  13.716  0.283   1.00 9.97  ? 103 LYS A CA    1 
ATOM   817  C C     . LYS A 1 103 ? -5.048  12.766  1.465   1.00 10.73 ? 103 LYS A C     1 
ATOM   818  O O     . LYS A 1 103 ? -4.017  12.775  2.137   1.00 10.86 ? 103 LYS A O     1 
ATOM   819  C CB    . LYS A 1 103 ? -5.978  14.978  0.730   1.00 13.74 ? 103 LYS A CB    1 
ATOM   820  C CG    . LYS A 1 103 ? -5.371  15.681  1.943   1.00 16.03 ? 103 LYS A CG    1 
ATOM   821  C CD    . LYS A 1 103 ? -3.929  16.102  1.691   1.00 18.20 ? 103 LYS A CD    1 
ATOM   822  C CE    . LYS A 1 103 ? -3.357  16.836  2.897   1.00 21.18 ? 103 LYS A CE    1 
ATOM   823  N NZ    . LYS A 1 103 ? -4.193  18.007  3.263   1.00 24.52 ? 103 LYS A NZ    1 
ATOM   824  N N     . LEU A 1 104 ? -6.054  11.932  1.703   1.00 9.85  ? 104 LEU A N     1 
ATOM   825  C CA    . LEU A 1 104 ? -6.006  10.974  2.800   1.00 9.42  ? 104 LEU A CA    1 
ATOM   826  C C     . LEU A 1 104 ? -4.857  9.998   2.577   1.00 10.32 ? 104 LEU A C     1 
ATOM   827  O O     . LEU A 1 104 ? -4.070  9.728   3.488   1.00 8.49  ? 104 LEU A O     1 
ATOM   828  C CB    . LEU A 1 104 ? -7.336  10.216  2.879   1.00 13.12 ? 104 LEU A CB    1 
ATOM   829  C CG    . LEU A 1 104 ? -7.702  9.432   4.138   1.00 14.93 ? 104 LEU A CG    1 
ATOM   830  C CD1   . LEU A 1 104 ? -7.620  10.333  5.363   1.00 14.89 ? 104 LEU A CD1   1 
ATOM   831  C CD2   . LEU A 1 104 ? -9.117  8.888   3.984   1.00 13.65 ? 104 LEU A CD2   1 
ATOM   832  N N     . ALA A 1 105 ? -4.750  9.490   1.354   1.00 7.84  ? 105 ALA A N     1 
ATOM   833  C CA    . ALA A 1 105 ? -3.698  8.541   1.009   1.00 8.20  ? 105 ALA A CA    1 
ATOM   834  C C     . ALA A 1 105 ? -2.319  9.177   1.166   1.00 8.95  ? 105 ALA A C     1 
ATOM   835  O O     . ALA A 1 105 ? -1.388  8.545   1.674   1.00 6.96  ? 105 ALA A O     1 
ATOM   836  C CB    . ALA A 1 105 ? -3.894  8.043   -0.423  1.00 7.86  ? 105 ALA A CB    1 
ATOM   837  N N     . VAL A 1 106 ? -2.192  10.428  0.729   1.00 7.93  ? 106 VAL A N     1 
ATOM   838  C CA    . VAL A 1 106 ? -0.925  11.151  0.835   1.00 8.57  ? 106 VAL A CA    1 
ATOM   839  C C     . VAL A 1 106 ? -0.530  11.321  2.302   1.00 8.51  ? 106 VAL A C     1 
ATOM   840  O O     . VAL A 1 106 ? 0.606   11.025  2.678   1.00 8.26  ? 106 VAL A O     1 
ATOM   841  C CB    . VAL A 1 106 ? -1.019  12.536  0.153   1.00 7.34  ? 106 VAL A CB    1 
ATOM   842  C CG1   . VAL A 1 106 ? 0.153   13.424  0.575   1.00 10.19 ? 106 VAL A CG1   1 
ATOM   843  C CG2   . VAL A 1 106 ? -1.006  12.357  -1.360  1.00 7.29  ? 106 VAL A CG2   1 
ATOM   844  N N     . ASP A 1 107 ? -1.466  11.773  3.131   1.00 10.04 ? 107 ASP A N     1 
ATOM   845  C CA    . ASP A 1 107 ? -1.185  11.954  4.551   1.00 10.30 ? 107 ASP A CA    1 
ATOM   846  C C     . ASP A 1 107 ? -0.858  10.623  5.221   1.00 10.31 ? 107 ASP A C     1 
ATOM   847  O O     . ASP A 1 107 ? 0.031   10.553  6.075   1.00 9.56  ? 107 ASP A O     1 
ATOM   848  C CB    . ASP A 1 107 ? -2.371  12.607  5.267   1.00 11.93 ? 107 ASP A CB    1 
ATOM   849  C CG    . ASP A 1 107 ? -2.570  14.057  4.866   1.00 11.13 ? 107 ASP A CG    1 
ATOM   850  O OD1   . ASP A 1 107 ? -1.652  14.640  4.256   1.00 14.20 ? 107 ASP A OD1   1 
ATOM   851  O OD2   . ASP A 1 107 ? -3.641  14.616  5.174   1.00 14.94 ? 107 ASP A OD2   1 
ATOM   852  N N     . MET A 1 108 ? -1.576  9.566   4.844   1.00 8.97  ? 108 MET A N     1 
ATOM   853  C CA    . MET A 1 108 ? -1.315  8.256   5.426   1.00 8.45  ? 108 MET A CA    1 
ATOM   854  C C     . MET A 1 108 ? 0.112   7.817   5.113   1.00 8.90  ? 108 MET A C     1 
ATOM   855  O O     . MET A 1 108 ? 0.822   7.331   5.998   1.00 9.84  ? 108 MET A O     1 
ATOM   856  C CB    . MET A 1 108 ? -2.308  7.220   4.897   1.00 6.51  ? 108 MET A CB    1 
ATOM   857  C CG    . MET A 1 108 ? -3.711  7.363   5.457   1.00 8.60  ? 108 MET A CG    1 
ATOM   858  S SD    . MET A 1 108 ? -4.861  6.207   4.680   1.00 6.65  ? 108 MET A SD    1 
ATOM   859  C CE    . MET A 1 108 ? -6.267  6.361   5.788   1.00 4.94  ? 108 MET A CE    1 
ATOM   860  N N     . ARG A 1 109 ? 0.534   7.992   3.861   1.00 7.66  ? 109 ARG A N     1 
ATOM   861  C CA    . ARG A 1 109 ? 1.885   7.612   3.465   1.00 8.53  ? 109 ARG A CA    1 
ATOM   862  C C     . ARG A 1 109 ? 2.937   8.403   4.238   1.00 9.94  ? 109 ARG A C     1 
ATOM   863  O O     . ARG A 1 109 ? 3.929   7.838   4.699   1.00 10.07 ? 109 ARG A O     1 
ATOM   864  C CB    . ARG A 1 109 ? 2.095   7.822   1.960   1.00 6.59  ? 109 ARG A CB    1 
ATOM   865  C CG    . ARG A 1 109 ? 3.545   7.591   1.496   1.00 8.57  ? 109 ARG A CG    1 
ATOM   866  C CD    . ARG A 1 109 ? 4.052   6.199   1.883   1.00 7.88  ? 109 ARG A CD    1 
ATOM   867  N NE    . ARG A 1 109 ? 5.448   5.985   1.497   1.00 8.74  ? 109 ARG A NE    1 
ATOM   868  C CZ    . ARG A 1 109 ? 6.494   6.503   2.140   1.00 10.29 ? 109 ARG A CZ    1 
ATOM   869  N NH1   . ARG A 1 109 ? 6.313   7.268   3.205   1.00 10.51 ? 109 ARG A NH1   1 
ATOM   870  N NH2   . ARG A 1 109 ? 7.726   6.254   1.714   1.00 10.94 ? 109 ARG A NH2   1 
ATOM   871  N N     . ASN A 1 110 ? 2.729   9.710   4.378   1.00 9.58  ? 110 ASN A N     1 
ATOM   872  C CA    . ASN A 1 110 ? 3.688   10.535  5.102   1.00 10.87 ? 110 ASN A CA    1 
ATOM   873  C C     . ASN A 1 110 ? 3.755   10.204  6.588   1.00 11.77 ? 110 ASN A C     1 
ATOM   874  O O     . ASN A 1 110 ? 4.780   10.436  7.227   1.00 14.64 ? 110 ASN A O     1 
ATOM   875  C CB    . ASN A 1 110 ? 3.377   12.028  4.920   1.00 11.21 ? 110 ASN A CB    1 
ATOM   876  C CG    . ASN A 1 110 ? 3.815   12.553  3.566   1.00 12.07 ? 110 ASN A CG    1 
ATOM   877  O OD1   . ASN A 1 110 ? 4.875   12.180  3.056   1.00 15.31 ? 110 ASN A OD1   1 
ATOM   878  N ND2   . ASN A 1 110 ? 3.016   13.435  2.987   1.00 13.03 ? 110 ASN A ND2   1 
ATOM   879  N N     . ASN A 1 111 ? 2.675   9.649   7.133   1.00 10.99 ? 111 ASN A N     1 
ATOM   880  C CA    . ASN A 1 111 ? 2.629   9.295   8.548   1.00 12.08 ? 111 ASN A CA    1 
ATOM   881  C C     . ASN A 1 111 ? 2.880   7.815   8.821   1.00 11.02 ? 111 ASN A C     1 
ATOM   882  O O     . ASN A 1 111 ? 2.776   7.368   9.964   1.00 12.78 ? 111 ASN A O     1 
ATOM   883  C CB    . ASN A 1 111 ? 1.283   9.678   9.159   1.00 15.02 ? 111 ASN A CB    1 
ATOM   884  C CG    . ASN A 1 111 ? 1.067   11.175  9.211   1.00 17.54 ? 111 ASN A CG    1 
ATOM   885  O OD1   . ASN A 1 111 ? 2.001   11.941  9.446   1.00 19.94 ? 111 ASN A OD1   1 
ATOM   886  N ND2   . ASN A 1 111 ? -0.176  11.600  9.015   1.00 19.70 ? 111 ASN A ND2   1 
ATOM   887  N N     . TYR A 1 112 ? 3.196   7.052   7.782   1.00 9.27  ? 112 TYR A N     1 
ATOM   888  C CA    . TYR A 1 112 ? 3.459   5.627   7.960   1.00 8.77  ? 112 TYR A CA    1 
ATOM   889  C C     . TYR A 1 112 ? 4.701   5.229   7.161   1.00 8.71  ? 112 TYR A C     1 
ATOM   890  O O     . TYR A 1 112 ? 4.624   4.553   6.130   1.00 8.23  ? 112 TYR A O     1 
ATOM   891  C CB    . TYR A 1 112 ? 2.226   4.806   7.540   1.00 9.20  ? 112 TYR A CB    1 
ATOM   892  C CG    . TYR A 1 112 ? 2.134   3.433   8.186   1.00 9.48  ? 112 TYR A CG    1 
ATOM   893  C CD1   . TYR A 1 112 ? 2.824   2.342   7.662   1.00 8.81  ? 112 TYR A CD1   1 
ATOM   894  C CD2   . TYR A 1 112 ? 1.344   3.228   9.319   1.00 8.96  ? 112 TYR A CD2   1 
ATOM   895  C CE1   . TYR A 1 112 ? 2.727   1.073   8.247   1.00 9.04  ? 112 TYR A CE1   1 
ATOM   896  C CE2   . TYR A 1 112 ? 1.242   1.964   9.913   1.00 10.37 ? 112 TYR A CE2   1 
ATOM   897  C CZ    . TYR A 1 112 ? 1.938   0.893   9.367   1.00 6.61  ? 112 TYR A CZ    1 
ATOM   898  O OH    . TYR A 1 112 ? 1.832   -0.363  9.929   1.00 8.62  ? 112 TYR A OH    1 
ATOM   899  N N     . ASP A 1 113 ? 5.852   5.668   7.662   1.00 9.24  ? 113 ASP A N     1 
ATOM   900  C CA    . ASP A 1 113 ? 7.159   5.401   7.056   1.00 9.87  ? 113 ASP A CA    1 
ATOM   901  C C     . ASP A 1 113 ? 7.638   4.027   7.524   1.00 11.07 ? 113 ASP A C     1 
ATOM   902  O O     . ASP A 1 113 ? 8.211   3.891   8.608   1.00 11.45 ? 113 ASP A O     1 
ATOM   903  C CB    . ASP A 1 113 ? 8.143   6.487   7.501   1.00 13.56 ? 113 ASP A CB    1 
ATOM   904  C CG    . ASP A 1 113 ? 9.512   6.349   6.865   1.00 15.45 ? 113 ASP A CG    1 
ATOM   905  O OD1   . ASP A 1 113 ? 9.770   5.346   6.166   1.00 14.21 ? 113 ASP A OD1   1 
ATOM   906  O OD2   . ASP A 1 113 ? 10.341  7.261   7.073   1.00 21.01 ? 113 ASP A OD2   1 
ATOM   907  N N     . ILE A 1 114 ? 7.393   3.016   6.695   1.00 9.50  ? 114 ILE A N     1 
ATOM   908  C CA    . ILE A 1 114 ? 7.751   1.636   7.003   1.00 9.45  ? 114 ILE A CA    1 
ATOM   909  C C     . ILE A 1 114 ? 9.243   1.389   7.203   1.00 12.10 ? 114 ILE A C     1 
ATOM   910  O O     . ILE A 1 114 ? 9.648   0.799   8.209   1.00 11.94 ? 114 ILE A O     1 
ATOM   911  C CB    . ILE A 1 114 ? 7.220   0.698   5.904   1.00 7.48  ? 114 ILE A CB    1 
ATOM   912  C CG1   . ILE A 1 114 ? 5.690   0.814   5.848   1.00 9.23  ? 114 ILE A CG1   1 
ATOM   913  C CG2   . ILE A 1 114 ? 7.637   -0.753  6.191   1.00 5.77  ? 114 ILE A CG2   1 
ATOM   914  C CD1   . ILE A 1 114 ? 5.058   0.200   4.618   1.00 8.58  ? 114 ILE A CD1   1 
ATOM   915  N N     . ILE A 1 115 ? 10.060  1.834   6.256   1.00 11.56 ? 115 ILE A N     1 
ATOM   916  C CA    . ILE A 1 115 ? 11.502  1.637   6.377   1.00 15.05 ? 115 ILE A CA    1 
ATOM   917  C C     . ILE A 1 115 ? 12.033  2.383   7.597   1.00 16.08 ? 115 ILE A C     1 
ATOM   918  O O     . ILE A 1 115 ? 12.891  1.876   8.323   1.00 16.08 ? 115 ILE A O     1 
ATOM   919  C CB    . ILE A 1 115 ? 12.255  2.128   5.131   1.00 16.23 ? 115 ILE A CB    1 
ATOM   920  C CG1   . ILE A 1 115 ? 11.758  1.386   3.885   1.00 19.57 ? 115 ILE A CG1   1 
ATOM   921  C CG2   . ILE A 1 115 ? 13.754  1.898   5.312   1.00 15.49 ? 115 ILE A CG2   1 
ATOM   922  C CD1   . ILE A 1 115 ? 11.888  -0.118  3.960   1.00 20.60 ? 115 ILE A CD1   1 
ATOM   923  N N     . GLY A 1 116 ? 11.514  3.587   7.820   1.00 15.12 ? 116 GLY A N     1 
ATOM   924  C CA    . GLY A 1 116 ? 11.941  4.378   8.958   1.00 17.00 ? 116 GLY A CA    1 
ATOM   925  C C     . GLY A 1 116 ? 11.657  3.683   10.275  1.00 17.78 ? 116 GLY A C     1 
ATOM   926  O O     . GLY A 1 116 ? 12.369  3.876   11.260  1.00 18.40 ? 116 GLY A O     1 
ATOM   927  N N     . ALA A 1 117 ? 10.615  2.862   10.290  1.00 16.61 ? 117 ALA A N     1 
ATOM   928  C CA    . ALA A 1 117 ? 10.230  2.143   11.492  1.00 17.17 ? 117 ALA A CA    1 
ATOM   929  C C     . ALA A 1 117 ? 11.060  0.887   11.703  1.00 16.68 ? 117 ALA A C     1 
ATOM   930  O O     . ALA A 1 117 ? 11.214  0.422   12.833  1.00 19.55 ? 117 ALA A O     1 
ATOM   931  C CB    . ALA A 1 117 ? 8.748   1.777   11.422  1.00 17.61 ? 117 ALA A CB    1 
ATOM   932  N N     . LEU A 1 118 ? 11.595  0.344   10.613  1.00 14.53 ? 118 LEU A N     1 
ATOM   933  C CA    . LEU A 1 118 ? 12.381  -0.886  10.672  1.00 13.67 ? 118 LEU A CA    1 
ATOM   934  C C     . LEU A 1 118 ? 13.892  -0.685  10.765  1.00 15.38 ? 118 LEU A C     1 
ATOM   935  O O     . LEU A 1 118 ? 14.580  -1.427  11.468  1.00 15.05 ? 118 LEU A O     1 
ATOM   936  C CB    . LEU A 1 118 ? 12.073  -1.744  9.444   1.00 12.16 ? 118 LEU A CB    1 
ATOM   937  C CG    . LEU A 1 118 ? 10.610  -2.169  9.268   1.00 10.72 ? 118 LEU A CG    1 
ATOM   938  C CD1   . LEU A 1 118 ? 10.449  -2.899  7.941   1.00 11.91 ? 118 LEU A CD1   1 
ATOM   939  C CD2   . LEU A 1 118 ? 10.186  -3.059  10.434  1.00 12.55 ? 118 LEU A CD2   1 
ATOM   940  N N     . ARG A 1 119 ? 14.393  0.313   10.047  1.00 16.10 ? 119 ARG A N     1 
ATOM   941  C CA    . ARG A 1 119 ? 15.819  0.620   9.993   1.00 19.50 ? 119 ARG A CA    1 
ATOM   942  C C     . ARG A 1 119 ? 16.596  0.561   11.314  1.00 18.77 ? 119 ARG A C     1 
ATOM   943  O O     . ARG A 1 119 ? 17.656  -0.065  11.383  1.00 20.00 ? 119 ARG A O     1 
ATOM   944  C CB    . ARG A 1 119 ? 16.027  2.000   9.349   1.00 22.39 ? 119 ARG A CB    1 
ATOM   945  C CG    . ARG A 1 119 ? 17.489  2.388   9.171   1.00 26.42 ? 119 ARG A CG    1 
ATOM   946  C CD    . ARG A 1 119 ? 17.644  3.782   8.568   1.00 28.99 ? 119 ARG A CD    1 
ATOM   947  N NE    . ARG A 1 119 ? 17.032  3.885   7.245   1.00 30.30 ? 119 ARG A NE    1 
ATOM   948  C CZ    . ARG A 1 119 ? 15.942  4.599   6.979   1.00 31.49 ? 119 ARG A CZ    1 
ATOM   949  N NH1   . ARG A 1 119 ? 15.338  5.283   7.942   1.00 30.81 ? 119 ARG A NH1   1 
ATOM   950  N NH2   . ARG A 1 119 ? 15.454  4.628   5.746   1.00 31.56 ? 119 ARG A NH2   1 
ATOM   951  N N     . PRO A 1 120 ? 16.083  1.203   12.375  1.00 18.39 ? 120 PRO A N     1 
ATOM   952  C CA    . PRO A 1 120 ? 16.767  1.208   13.671  1.00 19.02 ? 120 PRO A CA    1 
ATOM   953  C C     . PRO A 1 120 ? 16.950  -0.157  14.319  1.00 19.34 ? 120 PRO A C     1 
ATOM   954  O O     . PRO A 1 120 ? 17.943  -0.403  15.006  1.00 19.66 ? 120 PRO A O     1 
ATOM   955  C CB    . PRO A 1 120 ? 15.886  2.115   14.529  1.00 19.45 ? 120 PRO A CB    1 
ATOM   956  C CG    . PRO A 1 120 ? 15.213  3.007   13.518  1.00 19.66 ? 120 PRO A CG    1 
ATOM   957  C CD    . PRO A 1 120 ? 14.867  2.033   12.432  1.00 18.29 ? 120 PRO A CD    1 
ATOM   958  N N     . HIS A 1 121 ? 15.985  -1.037  14.100  1.00 18.88 ? 121 HIS A N     1 
ATOM   959  C CA    . HIS A 1 121 ? 16.014  -2.363  14.698  1.00 19.05 ? 121 HIS A CA    1 
ATOM   960  C C     . HIS A 1 121 ? 16.696  -3.390  13.810  1.00 17.95 ? 121 HIS A C     1 
ATOM   961  O O     . HIS A 1 121 ? 16.525  -4.592  14.002  1.00 18.72 ? 121 HIS A O     1 
ATOM   962  C CB    . HIS A 1 121 ? 14.582  -2.793  15.015  1.00 20.65 ? 121 HIS A CB    1 
ATOM   963  C CG    . HIS A 1 121 ? 13.763  -1.709  15.645  1.00 23.53 ? 121 HIS A CG    1 
ATOM   964  N ND1   . HIS A 1 121 ? 14.098  -1.131  16.852  1.00 23.77 ? 121 HIS A ND1   1 
ATOM   965  C CD2   . HIS A 1 121 ? 12.658  -1.059  15.211  1.00 23.92 ? 121 HIS A CD2   1 
ATOM   966  C CE1   . HIS A 1 121 ? 13.235  -0.169  17.132  1.00 25.54 ? 121 HIS A CE1   1 
ATOM   967  N NE2   . HIS A 1 121 ? 12.351  -0.105  16.152  1.00 25.56 ? 121 HIS A NE2   1 
ATOM   968  N N     . ALA A 1 122 ? 17.473  -2.905  12.845  1.00 17.22 ? 122 ALA A N     1 
ATOM   969  C CA    . ALA A 1 122 ? 18.201  -3.761  11.915  1.00 17.33 ? 122 ALA A CA    1 
ATOM   970  C C     . ALA A 1 122 ? 17.256  -4.660  11.128  1.00 18.45 ? 122 ALA A C     1 
ATOM   971  O O     . ALA A 1 122 ? 17.582  -5.811  10.832  1.00 18.78 ? 122 ALA A O     1 
ATOM   972  C CB    . ALA A 1 122 ? 19.223  -4.609  12.678  1.00 16.69 ? 122 ALA A CB    1 
ATOM   973  N N     . ALA A 1 123 ? 16.090  -4.122  10.775  1.00 18.79 ? 123 ALA A N     1 
ATOM   974  C CA    . ALA A 1 123 ? 15.089  -4.882  10.037  1.00 18.98 ? 123 ALA A CA    1 
ATOM   975  C C     . ALA A 1 123 ? 14.832  -4.329  8.633   1.00 20.10 ? 123 ALA A C     1 
ATOM   976  O O     . ALA A 1 123 ? 13.950  -4.810  7.919   1.00 19.00 ? 123 ALA A O     1 
ATOM   977  C CB    . ALA A 1 123 ? 13.785  -4.922  10.831  1.00 20.17 ? 123 ALA A CB    1 
ATOM   978  N N     . GLY A 1 124 ? 15.603  -3.321  8.238   1.00 19.77 ? 124 GLY A N     1 
ATOM   979  C CA    . GLY A 1 124 ? 15.428  -2.754  6.911   1.00 19.45 ? 124 GLY A CA    1 
ATOM   980  C C     . GLY A 1 124 ? 15.685  -3.785  5.824   1.00 19.75 ? 124 GLY A C     1 
ATOM   981  O O     . GLY A 1 124 ? 16.232  -4.851  6.103   1.00 20.92 ? 124 GLY A O     1 
ATOM   982  N N     . PRO A 1 125 ? 15.306  -3.499  4.569   1.00 19.78 ? 125 PRO A N     1 
ATOM   983  C CA    . PRO A 1 125 ? 15.513  -4.430  3.456   1.00 20.59 ? 125 PRO A CA    1 
ATOM   984  C C     . PRO A 1 125 ? 16.985  -4.625  3.097   1.00 22.09 ? 125 PRO A C     1 
ATOM   985  O O     . PRO A 1 125 ? 17.722  -3.656  2.914   1.00 22.84 ? 125 PRO A O     1 
ATOM   986  C CB    . PRO A 1 125 ? 14.723  -3.785  2.321   1.00 19.93 ? 125 PRO A CB    1 
ATOM   987  C CG    . PRO A 1 125 ? 14.886  -2.328  2.603   1.00 19.87 ? 125 PRO A CG    1 
ATOM   988  C CD    . PRO A 1 125 ? 14.661  -2.261  4.099   1.00 21.63 ? 125 PRO A CD    1 
ATOM   989  N N     . ASN A 1 126 ? 17.403  -5.881  2.997   1.00 22.80 ? 126 ASN A N     1 
ATOM   990  C CA    . ASN A 1 126 ? 18.782  -6.200  2.655   1.00 23.30 ? 126 ASN A CA    1 
ATOM   991  C C     . ASN A 1 126 ? 18.857  -7.493  1.850   1.00 23.91 ? 126 ASN A C     1 
ATOM   992  O O     . ASN A 1 126 ? 19.912  -8.119  1.754   1.00 24.46 ? 126 ASN A O     1 
ATOM   993  C CB    . ASN A 1 126 ? 19.629  -6.313  3.929   1.00 24.50 ? 126 ASN A CB    1 
ATOM   994  C CG    . ASN A 1 126 ? 19.269  -7.521  4.776   1.00 25.75 ? 126 ASN A CG    1 
ATOM   995  O OD1   . ASN A 1 126 ? 18.198  -8.110  4.624   1.00 23.37 ? 126 ASN A OD1   1 
ATOM   996  N ND2   . ASN A 1 126 ? 20.164  -7.886  5.687   1.00 25.93 ? 126 ASN A ND2   1 
ATOM   997  N N     . GLY A 1 127 ? 17.725  -7.885  1.274   1.00 22.88 ? 127 GLY A N     1 
ATOM   998  C CA    . GLY A 1 127 ? 17.675  -9.094  0.469   1.00 23.31 ? 127 GLY A CA    1 
ATOM   999  C C     . GLY A 1 127 ? 17.781  -10.391 1.251   1.00 22.79 ? 127 GLY A C     1 
ATOM   1000 O O     . GLY A 1 127 ? 17.959  -11.458 0.662   1.00 23.13 ? 127 GLY A O     1 
ATOM   1001 N N     . ARG A 1 128 ? 17.670  -10.316 2.574   1.00 23.15 ? 128 ARG A N     1 
ATOM   1002 C CA    . ARG A 1 128 ? 17.761  -11.518 3.394   1.00 23.76 ? 128 ARG A CA    1 
ATOM   1003 C C     . ARG A 1 128 ? 16.468  -11.841 4.149   1.00 22.52 ? 128 ARG A C     1 
ATOM   1004 O O     . ARG A 1 128 ? 15.497  -11.076 4.114   1.00 19.70 ? 128 ARG A O     1 
ATOM   1005 C CB    . ARG A 1 128 ? 18.943  -11.405 4.361   1.00 25.32 ? 128 ARG A CB    1 
ATOM   1006 C CG    . ARG A 1 128 ? 20.274  -11.179 3.641   1.00 28.78 ? 128 ARG A CG    1 
ATOM   1007 C CD    . ARG A 1 128 ? 21.471  -11.329 4.569   1.00 31.30 ? 128 ARG A CD    1 
ATOM   1008 N NE    . ARG A 1 128 ? 21.783  -12.727 4.860   1.00 35.08 ? 128 ARG A NE    1 
ATOM   1009 C CZ    . ARG A 1 128 ? 22.198  -13.610 3.952   1.00 36.73 ? 128 ARG A CZ    1 
ATOM   1010 N NH1   . ARG A 1 128 ? 22.352  -13.244 2.687   1.00 37.60 ? 128 ARG A NH1   1 
ATOM   1011 N NH2   . ARG A 1 128 ? 22.467  -14.859 4.312   1.00 37.36 ? 128 ARG A NH2   1 
ATOM   1012 N N     . THR A 1 129 ? 16.468  -12.982 4.830   1.00 21.10 ? 129 THR A N     1 
ATOM   1013 C CA    . THR A 1 129 ? 15.295  -13.450 5.559   1.00 19.78 ? 129 THR A CA    1 
ATOM   1014 C C     . THR A 1 129 ? 14.899  -12.644 6.792   1.00 19.84 ? 129 THR A C     1 
ATOM   1015 O O     . THR A 1 129 ? 15.744  -12.209 7.578   1.00 20.69 ? 129 THR A O     1 
ATOM   1016 C CB    . THR A 1 129 ? 15.464  -14.928 5.972   1.00 20.02 ? 129 THR A CB    1 
ATOM   1017 O OG1   . THR A 1 129 ? 14.266  -15.390 6.609   1.00 19.87 ? 129 THR A OG1   1 
ATOM   1018 C CG2   . THR A 1 129 ? 16.626  -15.082 6.932   1.00 20.09 ? 129 THR A CG2   1 
ATOM   1019 N N     . LYS A 1 130 ? 13.591  -12.458 6.945   1.00 17.37 ? 130 LYS A N     1 
ATOM   1020 C CA    . LYS A 1 130 ? 13.017  -11.730 8.069   1.00 15.29 ? 130 LYS A CA    1 
ATOM   1021 C C     . LYS A 1 130 ? 11.887  -12.560 8.663   1.00 14.43 ? 130 LYS A C     1 
ATOM   1022 O O     . LYS A 1 130 ? 11.273  -13.381 7.974   1.00 12.90 ? 130 LYS A O     1 
ATOM   1023 C CB    . LYS A 1 130 ? 12.441  -10.386 7.610   1.00 15.89 ? 130 LYS A CB    1 
ATOM   1024 C CG    . LYS A 1 130 ? 13.454  -9.418  7.018   1.00 16.24 ? 130 LYS A CG    1 
ATOM   1025 C CD    . LYS A 1 130 ? 14.459  -8.951  8.056   1.00 19.36 ? 130 LYS A CD    1 
ATOM   1026 C CE    . LYS A 1 130 ? 15.268  -7.773  7.532   1.00 21.12 ? 130 LYS A CE    1 
ATOM   1027 N NZ    . LYS A 1 130 ? 15.956  -8.105  6.255   1.00 22.09 ? 130 LYS A NZ    1 
ATOM   1028 N N     . SER A 1 131 ? 11.615  -12.332 9.943   1.00 12.66 ? 131 SER A N     1 
ATOM   1029 C CA    . SER A 1 131 ? 10.547  -13.024 10.649  1.00 13.02 ? 131 SER A CA    1 
ATOM   1030 C C     . SER A 1 131 ? 9.258   -12.210 10.568  1.00 13.21 ? 131 SER A C     1 
ATOM   1031 O O     . SER A 1 131 ? 9.263   -11.015 10.846  1.00 11.57 ? 131 SER A O     1 
ATOM   1032 C CB    . SER A 1 131 ? 10.922  -13.206 12.117  1.00 13.78 ? 131 SER A CB    1 
ATOM   1033 O OG    . SER A 1 131 ? 9.770   -13.433 12.907  1.00 15.55 ? 131 SER A OG    1 
ATOM   1034 N N     . ARG A 1 132 ? 8.164   -12.867 10.193  1.00 12.87 ? 132 ARG A N     1 
ATOM   1035 C CA    . ARG A 1 132 ? 6.859   -12.218 10.096  1.00 11.87 ? 132 ARG A CA    1 
ATOM   1036 C C     . ARG A 1 132 ? 6.514   -11.581 11.442  1.00 13.45 ? 132 ARG A C     1 
ATOM   1037 O O     . ARG A 1 132 ? 6.125   -10.415 11.508  1.00 12.61 ? 132 ARG A O     1 
ATOM   1038 C CB    . ARG A 1 132 ? 5.792   -13.254 9.721   1.00 10.64 ? 132 ARG A CB    1 
ATOM   1039 C CG    . ARG A 1 132 ? 4.374   -12.705 9.587   1.00 11.40 ? 132 ARG A CG    1 
ATOM   1040 C CD    . ARG A 1 132 ? 3.391   -13.842 9.315   1.00 10.76 ? 132 ARG A CD    1 
ATOM   1041 N NE    . ARG A 1 132 ? 3.347   -14.784 10.433  1.00 13.02 ? 132 ARG A NE    1 
ATOM   1042 C CZ    . ARG A 1 132 ? 2.981   -16.057 10.329  1.00 14.83 ? 132 ARG A CZ    1 
ATOM   1043 N NH1   . ARG A 1 132 ? 2.625   -16.559 9.153   1.00 15.71 ? 132 ARG A NH1   1 
ATOM   1044 N NH2   . ARG A 1 132 ? 2.979   -16.835 11.405  1.00 18.41 ? 132 ARG A NH2   1 
ATOM   1045 N N     . GLN A 1 133 ? 6.666   -12.353 12.515  1.00 13.23 ? 133 GLN A N     1 
ATOM   1046 C CA    . GLN A 1 133 ? 6.383   -11.867 13.862  1.00 14.06 ? 133 GLN A CA    1 
ATOM   1047 C C     . GLN A 1 133 ? 7.227   -10.653 14.223  1.00 13.67 ? 133 GLN A C     1 
ATOM   1048 O O     . GLN A 1 133 ? 6.722   -9.684  14.796  1.00 12.52 ? 133 GLN A O     1 
ATOM   1049 C CB    . GLN A 1 133 ? 6.650   -12.963 14.902  1.00 16.86 ? 133 GLN A CB    1 
ATOM   1050 C CG    . GLN A 1 133 ? 5.534   -13.964 15.085  1.00 23.74 ? 133 GLN A CG    1 
ATOM   1051 C CD    . GLN A 1 133 ? 5.767   -14.866 16.288  1.00 25.89 ? 133 GLN A CD    1 
ATOM   1052 O OE1   . GLN A 1 133 ? 5.832   -14.398 17.424  1.00 28.28 ? 133 GLN A OE1   1 
ATOM   1053 N NE2   . GLN A 1 133 ? 5.898   -16.162 16.038  1.00 30.40 ? 133 GLN A NE2   1 
ATOM   1054 N N     . ALA A 1 134 ? 8.518   -10.718 13.909  1.00 12.00 ? 134 ALA A N     1 
ATOM   1055 C CA    . ALA A 1 134 ? 9.435   -9.625  14.214  1.00 11.50 ? 134 ALA A CA    1 
ATOM   1056 C C     . ALA A 1 134 ? 9.060   -8.339  13.480  1.00 10.14 ? 134 ALA A C     1 
ATOM   1057 O O     . ALA A 1 134 ? 8.972   -7.272  14.088  1.00 11.25 ? 134 ALA A O     1 
ATOM   1058 C CB    . ALA A 1 134 ? 10.865  -10.031 13.860  1.00 12.52 ? 134 ALA A CB    1 
ATOM   1059 N N     . ILE A 1 135 ? 8.841   -8.445  12.171  1.00 10.66 ? 135 ILE A N     1 
ATOM   1060 C CA    . ILE A 1 135 ? 8.477   -7.281  11.363  1.00 11.32 ? 135 ILE A CA    1 
ATOM   1061 C C     . ILE A 1 135 ? 7.162   -6.654  11.816  1.00 11.01 ? 135 ILE A C     1 
ATOM   1062 O O     . ILE A 1 135 ? 7.066   -5.434  11.955  1.00 9.97  ? 135 ILE A O     1 
ATOM   1063 C CB    . ILE A 1 135 ? 8.379   -7.654  9.861   1.00 10.77 ? 135 ILE A CB    1 
ATOM   1064 C CG1   . ILE A 1 135 ? 9.762   -8.062  9.344   1.00 13.68 ? 135 ILE A CG1   1 
ATOM   1065 C CG2   . ILE A 1 135 ? 7.824   -6.474  9.051   1.00 11.53 ? 135 ILE A CG2   1 
ATOM   1066 C CD1   . ILE A 1 135 ? 10.844  -7.003  9.551   1.00 11.49 ? 135 ILE A CD1   1 
ATOM   1067 N N     . LYS A 1 136 ? 6.148   -7.480  12.052  1.00 10.71 ? 136 LYS A N     1 
ATOM   1068 C CA    . LYS A 1 136 ? 4.864   -6.959  12.502  1.00 10.01 ? 136 LYS A CA    1 
ATOM   1069 C C     . LYS A 1 136 ? 5.021   -6.324  13.882  1.00 9.54  ? 136 LYS A C     1 
ATOM   1070 O O     . LYS A 1 136 ? 4.400   -5.307  14.178  1.00 11.23 ? 136 LYS A O     1 
ATOM   1071 C CB    . LYS A 1 136 ? 3.820   -8.079  12.556  1.00 11.06 ? 136 LYS A CB    1 
ATOM   1072 C CG    . LYS A 1 136 ? 3.506   -8.682  11.198  1.00 13.38 ? 136 LYS A CG    1 
ATOM   1073 C CD    . LYS A 1 136 ? 2.513   -9.833  11.309  1.00 14.85 ? 136 LYS A CD    1 
ATOM   1074 C CE    . LYS A 1 136 ? 1.159   -9.368  11.808  1.00 17.62 ? 136 LYS A CE    1 
ATOM   1075 N NZ    . LYS A 1 136 ? 0.180   -10.493 11.864  1.00 20.25 ? 136 LYS A NZ    1 
ATOM   1076 N N     . GLY A 1 137 ? 5.864   -6.927  14.716  1.00 10.91 ? 137 GLY A N     1 
ATOM   1077 C CA    . GLY A 1 137 ? 6.090   -6.401  16.053  1.00 10.03 ? 137 GLY A CA    1 
ATOM   1078 C C     . GLY A 1 137 ? 6.745   -5.029  16.046  1.00 11.21 ? 137 GLY A C     1 
ATOM   1079 O O     . GLY A 1 137 ? 6.400   -4.167  16.853  1.00 11.97 ? 137 GLY A O     1 
ATOM   1080 N N     . PHE A 1 138 ? 7.704   -4.825  15.149  1.00 10.93 ? 138 PHE A N     1 
ATOM   1081 C CA    . PHE A 1 138 ? 8.378   -3.533  15.048  1.00 12.37 ? 138 PHE A CA    1 
ATOM   1082 C C     . PHE A 1 138 ? 7.403   -2.460  14.585  1.00 12.82 ? 138 PHE A C     1 
ATOM   1083 O O     . PHE A 1 138 ? 7.407   -1.342  15.096  1.00 12.32 ? 138 PHE A O     1 
ATOM   1084 C CB    . PHE A 1 138 ? 9.555   -3.613  14.072  1.00 13.43 ? 138 PHE A CB    1 
ATOM   1085 C CG    . PHE A 1 138 ? 10.693  -4.465  14.561  1.00 14.68 ? 138 PHE A CG    1 
ATOM   1086 C CD1   . PHE A 1 138 ? 11.202  -4.295  15.843  1.00 17.69 ? 138 PHE A CD1   1 
ATOM   1087 C CD2   . PHE A 1 138 ? 11.273  -5.418  13.730  1.00 16.46 ? 138 PHE A CD2   1 
ATOM   1088 C CE1   . PHE A 1 138 ? 12.277  -5.061  16.295  1.00 18.52 ? 138 PHE A CE1   1 
ATOM   1089 C CE2   . PHE A 1 138 ? 12.350  -6.192  14.171  1.00 18.40 ? 138 PHE A CE2   1 
ATOM   1090 C CZ    . PHE A 1 138 ? 12.851  -6.010  15.459  1.00 18.62 ? 138 PHE A CZ    1 
ATOM   1091 N N     . LEU A 1 139 ? 6.558   -2.800  13.617  1.00 12.63 ? 139 LEU A N     1 
ATOM   1092 C CA    . LEU A 1 139 ? 5.585   -1.840  13.115  1.00 12.93 ? 139 LEU A CA    1 
ATOM   1093 C C     . LEU A 1 139 ? 4.509   -1.549  14.160  1.00 13.87 ? 139 LEU A C     1 
ATOM   1094 O O     . LEU A 1 139 ? 4.019   -0.423  14.258  1.00 13.37 ? 139 LEU A O     1 
ATOM   1095 C CB    . LEU A 1 139 ? 4.969   -2.354  11.808  1.00 13.30 ? 139 LEU A CB    1 
ATOM   1096 C CG    . LEU A 1 139 ? 5.975   -2.355  10.647  1.00 11.58 ? 139 LEU A CG    1 
ATOM   1097 C CD1   . LEU A 1 139 ? 5.387   -3.025  9.412   1.00 14.94 ? 139 LEU A CD1   1 
ATOM   1098 C CD2   . LEU A 1 139 ? 6.381   -0.921  10.338  1.00 12.95 ? 139 LEU A CD2   1 
ATOM   1099 N N     . LYS A 1 140 ? 4.149   -2.558  14.952  1.00 14.10 ? 140 LYS A N     1 
ATOM   1100 C CA    . LYS A 1 140 ? 3.144   -2.381  15.995  1.00 15.79 ? 140 LYS A CA    1 
ATOM   1101 C C     . LYS A 1 140 ? 3.684   -1.433  17.060  1.00 16.70 ? 140 LYS A C     1 
ATOM   1102 O O     . LYS A 1 140 ? 2.977   -0.549  17.538  1.00 17.64 ? 140 LYS A O     1 
ATOM   1103 C CB    . LYS A 1 140 ? 2.799   -3.723  16.646  1.00 17.75 ? 140 LYS A CB    1 
ATOM   1104 C CG    . LYS A 1 140 ? 1.877   -3.609  17.856  1.00 22.22 ? 140 LYS A CG    1 
ATOM   1105 C CD    . LYS A 1 140 ? 1.899   -4.893  18.676  1.00 26.36 ? 140 LYS A CD    1 
ATOM   1106 C CE    . LYS A 1 140 ? 1.039   -4.797  19.928  1.00 30.20 ? 140 LYS A CE    1 
ATOM   1107 N NZ    . LYS A 1 140 ? 1.103   -6.053  20.741  1.00 31.32 ? 140 LYS A NZ    1 
ATOM   1108 N N     . ALA A 1 141 ? 4.944   -1.627  17.426  1.00 17.23 ? 141 ALA A N     1 
ATOM   1109 C CA    . ALA A 1 141 ? 5.579   -0.794  18.440  1.00 16.76 ? 141 ALA A CA    1 
ATOM   1110 C C     . ALA A 1 141 ? 5.649   0.660   17.989  1.00 16.73 ? 141 ALA A C     1 
ATOM   1111 O O     . ALA A 1 141 ? 5.383   1.579   18.767  1.00 16.31 ? 141 ALA A O     1 
ATOM   1112 C CB    . ALA A 1 141 ? 6.977   -1.318  18.738  1.00 16.22 ? 141 ALA A CB    1 
ATOM   1113 N N     . LYS A 1 142 ? 5.991   0.865   16.724  1.00 16.40 ? 142 LYS A N     1 
ATOM   1114 C CA    . LYS A 1 142 ? 6.108   2.215   16.188  1.00 16.89 ? 142 LYS A CA    1 
ATOM   1115 C C     . LYS A 1 142 ? 4.773   2.905   15.931  1.00 16.93 ? 142 LYS A C     1 
ATOM   1116 O O     . LYS A 1 142 ? 4.597   4.071   16.289  1.00 17.06 ? 142 LYS A O     1 
ATOM   1117 C CB    . LYS A 1 142 ? 6.929   2.188   14.891  1.00 17.60 ? 142 LYS A CB    1 
ATOM   1118 C CG    . LYS A 1 142 ? 7.070   3.539   14.195  1.00 21.52 ? 142 LYS A CG    1 
ATOM   1119 C CD    . LYS A 1 142 ? 7.797   4.551   15.071  1.00 25.14 ? 142 LYS A CD    1 
ATOM   1120 C CE    . LYS A 1 142 ? 7.903   5.901   14.381  1.00 27.57 ? 142 LYS A CE    1 
ATOM   1121 N NZ    . LYS A 1 142 ? 6.559   6.448   14.044  1.00 30.80 ? 142 LYS A NZ    1 
ATOM   1122 N N     . PHE A 1 143 ? 3.830   2.185   15.330  1.00 14.70 ? 143 PHE A N     1 
ATOM   1123 C CA    . PHE A 1 143 ? 2.534   2.765   14.996  1.00 14.44 ? 143 PHE A CA    1 
ATOM   1124 C C     . PHE A 1 143 ? 1.379   2.453   15.942  1.00 13.20 ? 143 PHE A C     1 
ATOM   1125 O O     . PHE A 1 143 ? 0.324   3.089   15.867  1.00 15.57 ? 143 PHE A O     1 
ATOM   1126 C CB    . PHE A 1 143 ? 2.183   2.380   13.558  1.00 13.18 ? 143 PHE A CB    1 
ATOM   1127 C CG    . PHE A 1 143 ? 3.205   2.845   12.557  1.00 13.24 ? 143 PHE A CG    1 
ATOM   1128 C CD1   . PHE A 1 143 ? 3.411   4.205   12.340  1.00 14.41 ? 143 PHE A CD1   1 
ATOM   1129 C CD2   . PHE A 1 143 ? 3.989   1.930   11.858  1.00 13.36 ? 143 PHE A CD2   1 
ATOM   1130 C CE1   . PHE A 1 143 ? 4.384   4.649   11.444  1.00 13.17 ? 143 PHE A CE1   1 
ATOM   1131 C CE2   . PHE A 1 143 ? 4.967   2.359   10.957  1.00 11.05 ? 143 PHE A CE2   1 
ATOM   1132 C CZ    . PHE A 1 143 ? 5.166   3.724   10.751  1.00 14.11 ? 143 PHE A CZ    1 
ATOM   1133 N N     . GLY A 1 144 ? 1.574   1.480   16.829  1.00 13.37 ? 144 GLY A N     1 
ATOM   1134 C CA    . GLY A 1 144 ? 0.549   1.145   17.805  1.00 13.51 ? 144 GLY A CA    1 
ATOM   1135 C C     . GLY A 1 144 ? -0.399  0.009   17.486  1.00 13.28 ? 144 GLY A C     1 
ATOM   1136 O O     . GLY A 1 144 ? -1.094  -0.486  18.374  1.00 13.54 ? 144 GLY A O     1 
ATOM   1137 N N     . LYS A 1 145 ? -0.444  -0.403  16.223  1.00 12.78 ? 145 LYS A N     1 
ATOM   1138 C CA    . LYS A 1 145 ? -1.333  -1.482  15.810  1.00 11.36 ? 145 LYS A CA    1 
ATOM   1139 C C     . LYS A 1 145 ? -0.612  -2.401  14.832  1.00 10.09 ? 145 LYS A C     1 
ATOM   1140 O O     . LYS A 1 145 ? 0.367   -2.005  14.204  1.00 9.90  ? 145 LYS A O     1 
ATOM   1141 C CB    . LYS A 1 145 ? -2.587  -0.913  15.136  1.00 11.19 ? 145 LYS A CB    1 
ATOM   1142 C CG    . LYS A 1 145 ? -3.426  0.012   16.009  1.00 12.51 ? 145 LYS A CG    1 
ATOM   1143 C CD    . LYS A 1 145 ? -4.088  -0.741  17.145  1.00 14.21 ? 145 LYS A CD    1 
ATOM   1144 C CE    . LYS A 1 145 ? -4.976  0.177   17.966  1.00 16.31 ? 145 LYS A CE    1 
ATOM   1145 N NZ    . LYS A 1 145 ? -5.660  -0.573  19.055  1.00 18.59 ? 145 LYS A NZ    1 
ATOM   1146 N N     . PHE A 1 146 ? -1.101  -3.631  14.714  1.00 10.28 ? 146 PHE A N     1 
ATOM   1147 C CA    . PHE A 1 146 ? -0.502  -4.604  13.808  1.00 10.20 ? 146 PHE A CA    1 
ATOM   1148 C C     . PHE A 1 146 ? -0.859  -4.340  12.357  1.00 8.97  ? 146 PHE A C     1 
ATOM   1149 O O     . PHE A 1 146 ? -2.013  -4.068  12.027  1.00 9.00  ? 146 PHE A O     1 
ATOM   1150 C CB    . PHE A 1 146 ? -0.971  -6.016  14.153  1.00 12.42 ? 146 PHE A CB    1 
ATOM   1151 C CG    . PHE A 1 146 ? -0.278  -6.615  15.337  1.00 15.88 ? 146 PHE A CG    1 
ATOM   1152 C CD1   . PHE A 1 146 ? 1.072   -6.939  15.272  1.00 16.78 ? 146 PHE A CD1   1 
ATOM   1153 C CD2   . PHE A 1 146 ? -0.975  -6.867  16.514  1.00 19.42 ? 146 PHE A CD2   1 
ATOM   1154 C CE1   . PHE A 1 146 ? 1.724   -7.509  16.366  1.00 20.00 ? 146 PHE A CE1   1 
ATOM   1155 C CE2   . PHE A 1 146 ? -0.333  -7.437  17.615  1.00 18.96 ? 146 PHE A CE2   1 
ATOM   1156 C CZ    . PHE A 1 146 ? 1.018   -7.757  17.538  1.00 19.13 ? 146 PHE A CZ    1 
ATOM   1157 N N     . PRO A 1 147 ? 0.139   -4.406  11.468  1.00 8.40  ? 147 PRO A N     1 
ATOM   1158 C CA    . PRO A 1 147 ? -0.086  -4.186  10.041  1.00 8.36  ? 147 PRO A CA    1 
ATOM   1159 C C     . PRO A 1 147 ? -0.460  -5.538  9.445   1.00 7.55  ? 147 PRO A C     1 
ATOM   1160 O O     . PRO A 1 147 ? -0.467  -6.555  10.148  1.00 8.90  ? 147 PRO A O     1 
ATOM   1161 C CB    . PRO A 1 147 ? 1.279   -3.732  9.552   1.00 7.71  ? 147 PRO A CB    1 
ATOM   1162 C CG    . PRO A 1 147 ? 2.193   -4.618  10.362  1.00 9.92  ? 147 PRO A CG    1 
ATOM   1163 C CD    . PRO A 1 147 ? 1.581   -4.520  11.757  1.00 8.17  ? 147 PRO A CD    1 
ATOM   1164 N N     . GLY A 1 148 ? -0.776  -5.542  8.159   1.00 6.96  ? 148 GLY A N     1 
ATOM   1165 C CA    . GLY A 1 148 ? -1.094  -6.783  7.477   1.00 7.96  ? 148 GLY A CA    1 
ATOM   1166 C C     . GLY A 1 148 ? 0.015   -6.961  6.459   1.00 6.76  ? 148 GLY A C     1 
ATOM   1167 O O     . GLY A 1 148 ? 0.216   -6.091  5.615   1.00 7.89  ? 148 GLY A O     1 
ATOM   1168 N N     . LEU A 1 149 ? 0.763   -8.057  6.540   1.00 6.45  ? 149 LEU A N     1 
ATOM   1169 C CA    . LEU A 1 149 ? 1.843   -8.266  5.585   1.00 6.71  ? 149 LEU A CA    1 
ATOM   1170 C C     . LEU A 1 149 ? 1.373   -9.069  4.384   1.00 6.55  ? 149 LEU A C     1 
ATOM   1171 O O     . LEU A 1 149 ? 0.529   -9.960  4.504   1.00 9.47  ? 149 LEU A O     1 
ATOM   1172 C CB    . LEU A 1 149 ? 3.026   -8.968  6.256   1.00 6.63  ? 149 LEU A CB    1 
ATOM   1173 C CG    . LEU A 1 149 ? 3.620   -8.261  7.483   1.00 6.51  ? 149 LEU A CG    1 
ATOM   1174 C CD1   . LEU A 1 149 ? 4.884   -9.004  7.911   1.00 9.02  ? 149 LEU A CD1   1 
ATOM   1175 C CD2   . LEU A 1 149 ? 3.958   -6.809  7.163   1.00 7.41  ? 149 LEU A CD2   1 
ATOM   1176 N N     . ARG A 1 150 ? 1.917   -8.740  3.220   1.00 6.22  ? 150 ARG A N     1 
ATOM   1177 C CA    . ARG A 1 150 ? 1.556   -9.430  1.991   1.00 9.15  ? 150 ARG A CA    1 
ATOM   1178 C C     . ARG A 1 150 ? 2.811   -9.942  1.314   1.00 9.19  ? 150 ARG A C     1 
ATOM   1179 O O     . ARG A 1 150 ? 3.729   -9.174  1.042   1.00 8.85  ? 150 ARG A O     1 
ATOM   1180 C CB    . ARG A 1 150 ? 0.823   -8.480  1.049   1.00 9.33  ? 150 ARG A CB    1 
ATOM   1181 C CG    . ARG A 1 150 ? -0.492  -7.948  1.605   1.00 12.79 ? 150 ARG A CG    1 
ATOM   1182 C CD    . ARG A 1 150 ? -1.583  -9.009  1.602   1.00 13.53 ? 150 ARG A CD    1 
ATOM   1183 N NE    . ARG A 1 150 ? -2.843  -8.488  2.134   1.00 18.11 ? 150 ARG A NE    1 
ATOM   1184 C CZ    . ARG A 1 150 ? -3.100  -8.313  3.428   1.00 18.98 ? 150 ARG A CZ    1 
ATOM   1185 N NH1   . ARG A 1 150 ? -2.192  -8.621  4.343   1.00 18.21 ? 150 ARG A NH1   1 
ATOM   1186 N NH2   . ARG A 1 150 ? -4.268  -7.816  3.810   1.00 20.80 ? 150 ARG A NH2   1 
ATOM   1187 N N     . CYS A 1 151 ? 2.833   -11.244 1.047   1.00 9.94  ? 151 CYS A N     1 
ATOM   1188 C CA    . CYS A 1 151 ? 3.967   -11.889 0.406   1.00 11.74 ? 151 CYS A CA    1 
ATOM   1189 C C     . CYS A 1 151 ? 3.565   -12.546 -0.901  1.00 11.82 ? 151 CYS A C     1 
ATOM   1190 O O     . CYS A 1 151 ? 2.386   -12.784 -1.164  1.00 12.83 ? 151 CYS A O     1 
ATOM   1191 C CB    . CYS A 1 151 ? 4.568   -12.946 1.338   1.00 10.67 ? 151 CYS A CB    1 
ATOM   1192 S SG    . CYS A 1 151 ? 5.523   -12.277 2.734   1.00 10.34 ? 151 CYS A SG    1 
ATOM   1193 N N     . ARG A 1 152 ? 4.562   -12.828 -1.726  1.00 13.05 ? 152 ARG A N     1 
ATOM   1194 C CA    . ARG A 1 152 ? 4.329   -13.477 -3.000  1.00 13.68 ? 152 ARG A CA    1 
ATOM   1195 C C     . ARG A 1 152 ? 5.461   -14.468 -3.214  1.00 13.01 ? 152 ARG A C     1 
ATOM   1196 O O     . ARG A 1 152 ? 6.611   -14.185 -2.884  1.00 12.52 ? 152 ARG A O     1 
ATOM   1197 C CB    . ARG A 1 152 ? 4.294   -12.440 -4.121  1.00 14.89 ? 152 ARG A CB    1 
ATOM   1198 C CG    . ARG A 1 152 ? 3.879   -13.002 -5.461  1.00 18.72 ? 152 ARG A CG    1 
ATOM   1199 C CD    . ARG A 1 152 ? 3.656   -11.883 -6.455  1.00 21.28 ? 152 ARG A CD    1 
ATOM   1200 N NE    . ARG A 1 152 ? 3.473   -12.390 -7.809  1.00 24.50 ? 152 ARG A NE    1 
ATOM   1201 C CZ    . ARG A 1 152 ? 3.257   -11.615 -8.866  1.00 24.45 ? 152 ARG A CZ    1 
ATOM   1202 N NH1   . ARG A 1 152 ? 3.195   -10.299 -8.719  1.00 23.24 ? 152 ARG A NH1   1 
ATOM   1203 N NH2   . ARG A 1 152 ? 3.112   -12.157 -10.067 1.00 26.27 ? 152 ARG A NH2   1 
ATOM   1204 N N     . THR A 1 153 ? 5.127   -15.629 -3.765  1.00 13.72 ? 153 THR A N     1 
ATOM   1205 C CA    . THR A 1 153 ? 6.111   -16.680 -3.991  1.00 14.35 ? 153 THR A CA    1 
ATOM   1206 C C     . THR A 1 153 ? 6.618   -16.748 -5.426  1.00 15.35 ? 153 THR A C     1 
ATOM   1207 O O     . THR A 1 153 ? 5.836   -16.778 -6.374  1.00 16.62 ? 153 THR A O     1 
ATOM   1208 C CB    . THR A 1 153 ? 5.524   -18.052 -3.614  1.00 14.82 ? 153 THR A CB    1 
ATOM   1209 O OG1   . THR A 1 153 ? 5.134   -18.035 -2.233  1.00 13.32 ? 153 THR A OG1   1 
ATOM   1210 C CG2   . THR A 1 153 ? 6.553   -19.164 -3.837  1.00 13.91 ? 153 THR A CG2   1 
ATOM   1211 N N     . ASP A 1 154 ? 7.938   -16.775 -5.567  1.00 16.34 ? 154 ASP A N     1 
ATOM   1212 C CA    . ASP A 1 154 ? 8.569   -16.861 -6.877  1.00 19.72 ? 154 ASP A CA    1 
ATOM   1213 C C     . ASP A 1 154 ? 8.236   -18.243 -7.428  1.00 21.16 ? 154 ASP A C     1 
ATOM   1214 O O     . ASP A 1 154 ? 8.520   -19.253 -6.790  1.00 20.48 ? 154 ASP A O     1 
ATOM   1215 C CB    . ASP A 1 154 ? 10.082  -16.686 -6.733  1.00 19.10 ? 154 ASP A CB    1 
ATOM   1216 C CG    . ASP A 1 154 ? 10.782  -16.544 -8.070  1.00 22.38 ? 154 ASP A CG    1 
ATOM   1217 O OD1   . ASP A 1 154 ? 11.098  -17.578 -8.697  1.00 20.77 ? 154 ASP A OD1   1 
ATOM   1218 O OD2   . ASP A 1 154 ? 11.004  -15.391 -8.494  1.00 20.79 ? 154 ASP A OD2   1 
ATOM   1219 N N     . PRO A 1 155 ? 7.608   -18.302 -8.612  1.00 22.42 ? 155 PRO A N     1 
ATOM   1220 C CA    . PRO A 1 155 ? 7.226   -19.567 -9.248  1.00 23.76 ? 155 PRO A CA    1 
ATOM   1221 C C     . PRO A 1 155 ? 8.395   -20.508 -9.545  1.00 24.62 ? 155 PRO A C     1 
ATOM   1222 O O     . PRO A 1 155 ? 8.206   -21.720 -9.650  1.00 24.95 ? 155 PRO A O     1 
ATOM   1223 C CB    . PRO A 1 155 ? 6.518   -19.111 -10.524 1.00 24.44 ? 155 PRO A CB    1 
ATOM   1224 C CG    . PRO A 1 155 ? 5.952   -17.769 -10.137 1.00 23.30 ? 155 PRO A CG    1 
ATOM   1225 C CD    . PRO A 1 155 ? 7.106   -17.156 -9.392  1.00 23.62 ? 155 PRO A CD    1 
ATOM   1226 N N     . GLN A 1 156 ? 9.594   -19.946 -9.673  1.00 24.56 ? 156 GLN A N     1 
ATOM   1227 C CA    . GLN A 1 156 ? 10.791  -20.730 -9.975  1.00 24.84 ? 156 GLN A CA    1 
ATOM   1228 C C     . GLN A 1 156 ? 11.496  -21.317 -8.755  1.00 25.22 ? 156 GLN A C     1 
ATOM   1229 O O     . GLN A 1 156 ? 11.707  -22.528 -8.667  1.00 24.06 ? 156 GLN A O     1 
ATOM   1230 C CB    . GLN A 1 156 ? 11.797  -19.877 -10.759 1.00 27.03 ? 156 GLN A CB    1 
ATOM   1231 C CG    . GLN A 1 156 ? 11.534  -19.783 -12.259 1.00 28.10 ? 156 GLN A CG    1 
ATOM   1232 C CD    . GLN A 1 156 ? 10.218  -19.115 -12.592 1.00 30.57 ? 156 GLN A CD    1 
ATOM   1233 O OE1   . GLN A 1 156 ? 9.995   -17.946 -12.261 1.00 31.05 ? 156 GLN A OE1   1 
ATOM   1234 N NE2   . GLN A 1 156 ? 9.335   -19.852 -13.257 1.00 30.57 ? 156 GLN A NE2   1 
ATOM   1235 N N     . THR A 1 157 ? 11.870  -20.447 -7.823  1.00 23.27 ? 157 THR A N     1 
ATOM   1236 C CA    . THR A 1 157 ? 12.585  -20.855 -6.620  1.00 23.37 ? 157 THR A CA    1 
ATOM   1237 C C     . THR A 1 157 ? 11.676  -21.186 -5.441  1.00 22.22 ? 157 THR A C     1 
ATOM   1238 O O     . THR A 1 157 ? 12.105  -21.826 -4.480  1.00 23.02 ? 157 THR A O     1 
ATOM   1239 C CB    . THR A 1 157 ? 13.534  -19.746 -6.171  1.00 23.68 ? 157 THR A CB    1 
ATOM   1240 O OG1   . THR A 1 157 ? 12.764  -18.589 -5.816  1.00 23.07 ? 157 THR A OG1   1 
ATOM   1241 C CG2   . THR A 1 157 ? 14.497  -19.382 -7.297  1.00 24.73 ? 157 THR A CG2   1 
ATOM   1242 N N     . LYS A 1 158 ? 10.426  -20.740 -5.520  1.00 22.19 ? 158 LYS A N     1 
ATOM   1243 C CA    . LYS A 1 158 ? 9.448   -20.953 -4.458  1.00 20.19 ? 158 LYS A CA    1 
ATOM   1244 C C     . LYS A 1 158 ? 9.819   -20.140 -3.221  1.00 19.86 ? 158 LYS A C     1 
ATOM   1245 O O     . LYS A 1 158 ? 9.303   -20.382 -2.131  1.00 18.69 ? 158 LYS A O     1 
ATOM   1246 C CB    . LYS A 1 158 ? 9.348   -22.439 -4.094  1.00 20.33 ? 158 LYS A CB    1 
ATOM   1247 C CG    . LYS A 1 158 ? 8.986   -23.341 -5.265  1.00 22.16 ? 158 LYS A CG    1 
ATOM   1248 C CD    . LYS A 1 158 ? 7.677   -22.919 -5.921  1.00 23.88 ? 158 LYS A CD    1 
ATOM   1249 C CE    . LYS A 1 158 ? 7.359   -23.797 -7.118  1.00 25.43 ? 158 LYS A CE    1 
ATOM   1250 N NZ    . LYS A 1 158 ? 6.114   -23.372 -7.813  1.00 28.42 ? 158 LYS A NZ    1 
ATOM   1251 N N     . VAL A 1 159 ? 10.721  -19.178 -3.395  1.00 18.03 ? 159 VAL A N     1 
ATOM   1252 C CA    . VAL A 1 159 ? 11.134  -18.323 -2.289  1.00 18.14 ? 159 VAL A CA    1 
ATOM   1253 C C     . VAL A 1 159 ? 10.029  -17.287 -2.086  1.00 17.05 ? 159 VAL A C     1 
ATOM   1254 O O     . VAL A 1 159 ? 9.459   -16.787 -3.054  1.00 17.07 ? 159 VAL A O     1 
ATOM   1255 C CB    . VAL A 1 159 ? 12.470  -17.606 -2.600  1.00 19.62 ? 159 VAL A CB    1 
ATOM   1256 C CG1   . VAL A 1 159 ? 12.854  -16.685 -1.454  1.00 18.46 ? 159 VAL A CG1   1 
ATOM   1257 C CG2   . VAL A 1 159 ? 13.571  -18.638 -2.830  1.00 18.88 ? 159 VAL A CG2   1 
ATOM   1258 N N     . SER A 1 160 ? 9.721   -16.983 -0.830  1.00 15.27 ? 160 SER A N     1 
ATOM   1259 C CA    . SER A 1 160 ? 8.677   -16.012 -0.505  1.00 15.03 ? 160 SER A CA    1 
ATOM   1260 C C     . SER A 1 160 ? 9.271   -14.634 -0.223  1.00 13.31 ? 160 SER A C     1 
ATOM   1261 O O     . SER A 1 160 ? 10.215  -14.498 0.561   1.00 12.83 ? 160 SER A O     1 
ATOM   1262 C CB    . SER A 1 160 ? 7.877   -16.495 0.714   1.00 15.38 ? 160 SER A CB    1 
ATOM   1263 O OG    . SER A 1 160 ? 6.821   -15.602 1.031   1.00 17.81 ? 160 SER A OG    1 
ATOM   1264 N N     . TYR A 1 161 ? 8.710   -13.617 -0.871  1.00 12.41 ? 161 TYR A N     1 
ATOM   1265 C CA    . TYR A 1 161 ? 9.165   -12.240 -0.714  1.00 12.94 ? 161 TYR A CA    1 
ATOM   1266 C C     . TYR A 1 161 ? 8.059   -11.316 -0.223  1.00 10.51 ? 161 TYR A C     1 
ATOM   1267 O O     . TYR A 1 161 ? 6.912   -11.429 -0.651  1.00 11.17 ? 161 TYR A O     1 
ATOM   1268 C CB    . TYR A 1 161 ? 9.651   -11.666 -2.050  1.00 13.60 ? 161 TYR A CB    1 
ATOM   1269 C CG    . TYR A 1 161 ? 10.873  -12.332 -2.629  1.00 16.02 ? 161 TYR A CG    1 
ATOM   1270 C CD1   . TYR A 1 161 ? 10.780  -13.561 -3.271  1.00 17.49 ? 161 TYR A CD1   1 
ATOM   1271 C CD2   . TYR A 1 161 ? 12.125  -11.726 -2.534  1.00 18.24 ? 161 TYR A CD2   1 
ATOM   1272 C CE1   . TYR A 1 161 ? 11.905  -14.176 -3.810  1.00 18.30 ? 161 TYR A CE1   1 
ATOM   1273 C CE2   . TYR A 1 161 ? 13.257  -12.331 -3.069  1.00 18.21 ? 161 TYR A CE2   1 
ATOM   1274 C CZ    . TYR A 1 161 ? 13.136  -13.555 -3.703  1.00 18.26 ? 161 TYR A CZ    1 
ATOM   1275 O OH    . TYR A 1 161 ? 14.251  -14.161 -4.230  1.00 19.90 ? 161 TYR A OH    1 
ATOM   1276 N N     . LEU A 1 162 ? 8.419   -10.393 0.663   1.00 10.76 ? 162 LEU A N     1 
ATOM   1277 C CA    . LEU A 1 162 ? 7.461   -9.413  1.154   1.00 8.18  ? 162 LEU A CA    1 
ATOM   1278 C C     . LEU A 1 162 ? 7.236   -8.450  -0.015  1.00 9.76  ? 162 LEU A C     1 
ATOM   1279 O O     . LEU A 1 162 ? 8.199   -7.934  -0.590  1.00 9.34  ? 162 LEU A O     1 
ATOM   1280 C CB    . LEU A 1 162 ? 8.037   -8.648  2.345   1.00 10.01 ? 162 LEU A CB    1 
ATOM   1281 C CG    . LEU A 1 162 ? 7.142   -7.533  2.894   1.00 8.92  ? 162 LEU A CG    1 
ATOM   1282 C CD1   . LEU A 1 162 ? 5.918   -8.151  3.547   1.00 8.33  ? 162 LEU A CD1   1 
ATOM   1283 C CD2   . LEU A 1 162 ? 7.900   -6.688  3.904   1.00 11.72 ? 162 LEU A CD2   1 
ATOM   1284 N N     . VAL A 1 163 ? 5.977   -8.216  -0.380  1.00 8.49  ? 163 VAL A N     1 
ATOM   1285 C CA    . VAL A 1 163 ? 5.679   -7.311  -1.485  1.00 7.46  ? 163 VAL A CA    1 
ATOM   1286 C C     . VAL A 1 163 ? 4.843   -6.100  -1.079  1.00 8.78  ? 163 VAL A C     1 
ATOM   1287 O O     . VAL A 1 163 ? 4.986   -5.025  -1.662  1.00 6.77  ? 163 VAL A O     1 
ATOM   1288 C CB    . VAL A 1 163 ? 4.962   -8.039  -2.647  1.00 9.99  ? 163 VAL A CB    1 
ATOM   1289 C CG1   . VAL A 1 163 ? 5.922   -9.026  -3.307  1.00 11.37 ? 163 VAL A CG1   1 
ATOM   1290 C CG2   . VAL A 1 163 ? 3.732   -8.776  -2.129  1.00 10.34 ? 163 VAL A CG2   1 
ATOM   1291 N N     . GLU A 1 164 ? 3.974   -6.264  -0.087  1.00 7.71  ? 164 GLU A N     1 
ATOM   1292 C CA    . GLU A 1 164 ? 3.147   -5.145  0.358   1.00 7.07  ? 164 GLU A CA    1 
ATOM   1293 C C     . GLU A 1 164 ? 2.922   -5.138  1.858   1.00 6.75  ? 164 GLU A C     1 
ATOM   1294 O O     . GLU A 1 164 ? 2.999   -6.173  2.515   1.00 7.40  ? 164 GLU A O     1 
ATOM   1295 C CB    . GLU A 1 164 ? 1.787   -5.170  -0.340  1.00 7.19  ? 164 GLU A CB    1 
ATOM   1296 C CG    . GLU A 1 164 ? 1.861   -5.119  -1.852  1.00 7.67  ? 164 GLU A CG    1 
ATOM   1297 C CD    . GLU A 1 164 ? 0.492   -4.982  -2.483  1.00 9.91  ? 164 GLU A CD    1 
ATOM   1298 O OE1   . GLU A 1 164 ? -0.380  -5.835  -2.201  1.00 11.72 ? 164 GLU A OE1   1 
ATOM   1299 O OE2   . GLU A 1 164 ? 0.288   -4.024  -3.253  1.00 10.60 ? 164 GLU A OE2   1 
ATOM   1300 N N     . VAL A 1 165 ? 2.645   -3.955  2.391   1.00 5.71  ? 165 VAL A N     1 
ATOM   1301 C CA    . VAL A 1 165 ? 2.374   -3.791  3.812   1.00 5.86  ? 165 VAL A CA    1 
ATOM   1302 C C     . VAL A 1 165 ? 1.087   -2.992  3.908   1.00 5.52  ? 165 VAL A C     1 
ATOM   1303 O O     . VAL A 1 165 ? 0.955   -1.926  3.300   1.00 5.06  ? 165 VAL A O     1 
ATOM   1304 C CB    . VAL A 1 165 ? 3.513   -3.024  4.530   1.00 6.32  ? 165 VAL A CB    1 
ATOM   1305 C CG1   . VAL A 1 165 ? 3.117   -2.743  5.976   1.00 5.80  ? 165 VAL A CG1   1 
ATOM   1306 C CG2   . VAL A 1 165 ? 4.806   -3.845  4.492   1.00 6.67  ? 165 VAL A CG2   1 
ATOM   1307 N N     . VAL A 1 166 ? 0.131   -3.527  4.661   1.00 4.61  ? 166 VAL A N     1 
ATOM   1308 C CA    . VAL A 1 166 ? -1.165  -2.881  4.837   1.00 3.59  ? 166 VAL A CA    1 
ATOM   1309 C C     . VAL A 1 166 ? -1.296  -2.279  6.227   1.00 4.07  ? 166 VAL A C     1 
ATOM   1310 O O     . VAL A 1 166 ? -0.933  -2.904  7.218   1.00 5.92  ? 166 VAL A O     1 
ATOM   1311 C CB    . VAL A 1 166 ? -2.313  -3.897  4.664   1.00 4.70  ? 166 VAL A CB    1 
ATOM   1312 C CG1   . VAL A 1 166 ? -3.660  -3.191  4.795   1.00 5.44  ? 166 VAL A CG1   1 
ATOM   1313 C CG2   . VAL A 1 166 ? -2.188  -4.606  3.319   1.00 4.06  ? 166 VAL A CG2   1 
ATOM   1314 N N     . ALA A 1 167 ? -1.799  -1.050  6.280   1.00 5.83  ? 167 ALA A N     1 
ATOM   1315 C CA    . ALA A 1 167 ? -2.054  -0.352  7.536   1.00 5.46  ? 167 ALA A CA    1 
ATOM   1316 C C     . ALA A 1 167 ? -3.575  -0.273  7.549   1.00 5.62  ? 167 ALA A C     1 
ATOM   1317 O O     . ALA A 1 167 ? -4.182  0.220   6.599   1.00 5.69  ? 167 ALA A O     1 
ATOM   1318 C CB    . ALA A 1 167 ? -1.448  1.055   7.509   1.00 6.17  ? 167 ALA A CB    1 
ATOM   1319 N N     . CYS A 1 168 ? -4.194  -0.776  8.611   1.00 5.26  ? 168 CYS A N     1 
ATOM   1320 C CA    . CYS A 1 168 ? -5.643  -0.767  8.710   1.00 5.51  ? 168 CYS A CA    1 
ATOM   1321 C C     . CYS A 1 168 ? -6.111  0.430   9.528   1.00 6.35  ? 168 CYS A C     1 
ATOM   1322 O O     . CYS A 1 168 ? -5.543  0.729   10.577  1.00 6.55  ? 168 CYS A O     1 
ATOM   1323 C CB    . CYS A 1 168 ? -6.121  -2.096  9.329   1.00 6.60  ? 168 CYS A CB    1 
ATOM   1324 S SG    . CYS A 1 168 ? -5.712  -3.494  8.224   1.00 8.23  ? 168 CYS A SG    1 
ATOM   1325 N N     . PHE A 1 169 ? -7.131  1.118   9.020   1.00 5.96  ? 169 PHE A N     1 
ATOM   1326 C CA    . PHE A 1 169 ? -7.701  2.298   9.687   1.00 7.77  ? 169 PHE A CA    1 
ATOM   1327 C C     . PHE A 1 169 ? -9.203  2.157   9.908   1.00 8.90  ? 169 PHE A C     1 
ATOM   1328 O O     . PHE A 1 169 ? -9.891  1.452   9.168   1.00 10.01 ? 169 PHE A O     1 
ATOM   1329 C CB    . PHE A 1 169 ? -7.493  3.571   8.850   1.00 7.77  ? 169 PHE A CB    1 
ATOM   1330 C CG    . PHE A 1 169 ? -6.076  4.056   8.795   1.00 9.52  ? 169 PHE A CG    1 
ATOM   1331 C CD1   . PHE A 1 169 ? -5.188  3.538   7.861   1.00 7.04  ? 169 PHE A CD1   1 
ATOM   1332 C CD2   . PHE A 1 169 ? -5.634  5.051   9.662   1.00 8.33  ? 169 PHE A CD2   1 
ATOM   1333 C CE1   . PHE A 1 169 ? -3.875  4.006   7.786   1.00 8.36  ? 169 PHE A CE1   1 
ATOM   1334 C CE2   . PHE A 1 169 ? -4.325  5.529   9.601   1.00 9.31  ? 169 PHE A CE2   1 
ATOM   1335 C CZ    . PHE A 1 169 ? -3.442  5.005   8.658   1.00 9.40  ? 169 PHE A CZ    1 
ATOM   1336 N N     . ALA A 1 170 ? -9.715  2.848   10.922  1.00 11.40 ? 170 ALA A N     1 
ATOM   1337 C CA    . ALA A 1 170 ? -11.150 2.820   11.188  1.00 13.45 ? 170 ALA A CA    1 
ATOM   1338 C C     . ALA A 1 170 ? -11.818 3.640   10.082  1.00 14.61 ? 170 ALA A C     1 
ATOM   1339 O O     . ALA A 1 170 ? -11.136 4.288   9.284   1.00 13.38 ? 170 ALA A O     1 
ATOM   1340 C CB    . ALA A 1 170 ? -11.449 3.431   12.553  1.00 12.98 ? 170 ALA A CB    1 
ATOM   1341 N N     . GLN A 1 171 ? -13.146 3.625   10.042  1.00 17.28 ? 171 GLN A N     1 
ATOM   1342 C CA    . GLN A 1 171 ? -13.876 4.363   9.018   1.00 19.26 ? 171 GLN A CA    1 
ATOM   1343 C C     . GLN A 1 171 ? -13.606 5.867   8.990   1.00 18.46 ? 171 GLN A C     1 
ATOM   1344 O O     . GLN A 1 171 ? -13.933 6.531   8.008   1.00 16.73 ? 171 GLN A O     1 
ATOM   1345 C CB    . GLN A 1 171 ? -15.380 4.109   9.155   1.00 23.48 ? 171 GLN A CB    1 
ATOM   1346 C CG    . GLN A 1 171 ? -15.942 4.404   10.533  1.00 28.64 ? 171 GLN A CG    1 
ATOM   1347 C CD    . GLN A 1 171 ? -17.394 3.979   10.673  1.00 32.17 ? 171 GLN A CD    1 
ATOM   1348 O OE1   . GLN A 1 171 ? -17.966 4.038   11.763  1.00 34.67 ? 171 GLN A OE1   1 
ATOM   1349 N NE2   . GLN A 1 171 ? -17.996 3.550   9.569   1.00 32.59 ? 171 GLN A NE2   1 
ATOM   1350 N N     . ASP A 1 172 ? -13.010 6.407   10.053  1.00 18.43 ? 172 ASP A N     1 
ATOM   1351 C CA    . ASP A 1 172 ? -12.714 7.837   10.092  1.00 19.00 ? 172 ASP A CA    1 
ATOM   1352 C C     . ASP A 1 172 ? -11.457 8.163   9.283   1.00 19.94 ? 172 ASP A C     1 
ATOM   1353 O O     . ASP A 1 172 ? -11.098 9.330   9.100   1.00 20.71 ? 172 ASP A O     1 
ATOM   1354 C CB    . ASP A 1 172 ? -12.566 8.326   11.545  1.00 18.73 ? 172 ASP A CB    1 
ATOM   1355 C CG    . ASP A 1 172 ? -11.384 7.696   12.275  1.00 20.33 ? 172 ASP A CG    1 
ATOM   1356 O OD1   . ASP A 1 172 ? -10.640 6.895   11.668  1.00 16.30 ? 172 ASP A OD1   1 
ATOM   1357 O OD2   . ASP A 1 172 ? -11.200 8.014   13.469  1.00 19.01 ? 172 ASP A OD2   1 
ATOM   1358 N N     . GLY A 1 173 ? -10.799 7.119   8.792   1.00 18.92 ? 173 GLY A N     1 
ATOM   1359 C CA    . GLY A 1 173 ? -9.603  7.293   7.990   1.00 17.86 ? 173 GLY A CA    1 
ATOM   1360 C C     . GLY A 1 173 ? -8.396  7.897   8.681   1.00 16.51 ? 173 GLY A C     1 
ATOM   1361 O O     . GLY A 1 173 ? -7.479  8.361   8.009   1.00 18.34 ? 173 GLY A O     1 
ATOM   1362 N N     . SER A 1 174 ? -8.375  7.896   10.011  1.00 15.55 ? 174 SER A N     1 
ATOM   1363 C CA    . SER A 1 174 ? -7.240  8.462   10.733  1.00 15.11 ? 174 SER A CA    1 
ATOM   1364 C C     . SER A 1 174 ? -6.802  7.607   11.915  1.00 13.31 ? 174 SER A C     1 
ATOM   1365 O O     . SER A 1 174 ? -5.627  7.598   12.281  1.00 13.63 ? 174 SER A O     1 
ATOM   1366 C CB    . SER A 1 174 ? -7.572  9.879   11.221  1.00 16.24 ? 174 SER A CB    1 
ATOM   1367 O OG    . SER A 1 174 ? -8.696  9.875   12.085  1.00 18.65 ? 174 SER A OG    1 
ATOM   1368 N N     . THR A 1 175 ? -7.746  6.879   12.502  1.00 11.85 ? 175 THR A N     1 
ATOM   1369 C CA    . THR A 1 175 ? -7.446  6.037   13.650  1.00 11.82 ? 175 THR A CA    1 
ATOM   1370 C C     . THR A 1 175 ? -7.016  4.641   13.221  1.00 10.86 ? 175 THR A C     1 
ATOM   1371 O O     . THR A 1 175 ? -7.807  3.890   12.654  1.00 10.20 ? 175 THR A O     1 
ATOM   1372 C CB    . THR A 1 175 ? -8.670  5.911   14.573  1.00 13.29 ? 175 THR A CB    1 
ATOM   1373 O OG1   . THR A 1 175 ? -9.114  7.220   14.952  1.00 17.20 ? 175 THR A OG1   1 
ATOM   1374 C CG2   . THR A 1 175 ? -8.319  5.127   15.828  1.00 14.35 ? 175 THR A CG2   1 
ATOM   1375 N N     . LEU A 1 176 ? -5.759  4.304   13.489  1.00 10.43 ? 176 LEU A N     1 
ATOM   1376 C CA    . LEU A 1 176 ? -5.235  2.987   13.141  1.00 10.69 ? 176 LEU A CA    1 
ATOM   1377 C C     . LEU A 1 176 ? -5.885  1.904   13.988  1.00 10.22 ? 176 LEU A C     1 
ATOM   1378 O O     . LEU A 1 176 ? -6.192  2.119   15.163  1.00 11.28 ? 176 LEU A O     1 
ATOM   1379 C CB    . LEU A 1 176 ? -3.726  2.930   13.373  1.00 13.04 ? 176 LEU A CB    1 
ATOM   1380 C CG    . LEU A 1 176 ? -2.775  3.491   12.321  1.00 16.78 ? 176 LEU A CG    1 
ATOM   1381 C CD1   . LEU A 1 176 ? -1.367  3.569   12.904  1.00 17.21 ? 176 LEU A CD1   1 
ATOM   1382 C CD2   . LEU A 1 176 ? -2.799  2.592   11.083  1.00 13.45 ? 176 LEU A CD2   1 
ATOM   1383 N N     . ILE A 1 177 ? -6.091  0.739   13.381  1.00 10.98 ? 177 ILE A N     1 
ATOM   1384 C CA    . ILE A 1 177 ? -6.653  -0.408  14.084  1.00 11.42 ? 177 ILE A CA    1 
ATOM   1385 C C     . ILE A 1 177 ? -5.825  -1.619  13.671  1.00 11.28 ? 177 ILE A C     1 
ATOM   1386 O O     . ILE A 1 177 ? -5.092  -1.565  12.681  1.00 9.66  ? 177 ILE A O     1 
ATOM   1387 C CB    . ILE A 1 177 ? -8.139  -0.655  13.717  1.00 13.80 ? 177 ILE A CB    1 
ATOM   1388 C CG1   . ILE A 1 177 ? -8.275  -0.972  12.228  1.00 14.04 ? 177 ILE A CG1   1 
ATOM   1389 C CG2   . ILE A 1 177 ? -8.970  0.571   14.079  1.00 11.53 ? 177 ILE A CG2   1 
ATOM   1390 C CD1   . ILE A 1 177 ? -9.692  -1.333  11.813  1.00 15.07 ? 177 ILE A CD1   1 
ATOM   1391 N N     . ASP A 1 178 ? -5.918  -2.704  14.431  1.00 11.48 ? 178 ASP A N     1 
ATOM   1392 C CA    . ASP A 1 178 ? -5.158  -3.900  14.093  1.00 12.06 ? 178 ASP A CA    1 
ATOM   1393 C C     . ASP A 1 178 ? -5.680  -4.568  12.828  1.00 13.14 ? 178 ASP A C     1 
ATOM   1394 O O     . ASP A 1 178 ? -6.891  -4.699  12.633  1.00 13.64 ? 178 ASP A O     1 
ATOM   1395 C CB    . ASP A 1 178 ? -5.216  -4.946  15.219  1.00 13.02 ? 178 ASP A CB    1 
ATOM   1396 C CG    . ASP A 1 178 ? -4.402  -4.561  16.434  1.00 12.98 ? 178 ASP A CG    1 
ATOM   1397 O OD1   . ASP A 1 178 ? -3.245  -4.119  16.288  1.00 13.72 ? 178 ASP A OD1   1 
ATOM   1398 O OD2   . ASP A 1 178 ? -4.920  -4.727  17.557  1.00 18.52 ? 178 ASP A OD2   1 
ATOM   1399 N N     . CYS A 1 179 ? -4.760  -4.967  11.956  1.00 10.34 ? 179 CYS A N     1 
ATOM   1400 C CA    . CYS A 1 179 ? -5.143  -5.694  10.761  1.00 9.57  ? 179 CYS A CA    1 
ATOM   1401 C C     . CYS A 1 179 ? -5.263  -7.128  11.270  1.00 11.35 ? 179 CYS A C     1 
ATOM   1402 O O     . CYS A 1 179 ? -4.706  -7.456  12.321  1.00 12.32 ? 179 CYS A O     1 
ATOM   1403 C CB    . CYS A 1 179 ? -4.049  -5.636  9.704   1.00 7.75  ? 179 CYS A CB    1 
ATOM   1404 S SG    . CYS A 1 179 ? -3.839  -4.073  8.784   1.00 8.92  ? 179 CYS A SG    1 
ATOM   1405 N N     . THR A 1 180 ? -5.967  -7.981  10.532  1.00 11.24 ? 180 THR A N     1 
ATOM   1406 C CA    . THR A 1 180 ? -6.142  -9.373  10.948  1.00 15.38 ? 180 THR A CA    1 
ATOM   1407 C C     . THR A 1 180 ? -5.860  -10.377 9.838   1.00 16.84 ? 180 THR A C     1 
ATOM   1408 O O     . THR A 1 180 ? -6.294  -11.528 9.914   1.00 19.20 ? 180 THR A O     1 
ATOM   1409 C CB    . THR A 1 180 ? -7.574  -9.625  11.424  1.00 15.58 ? 180 THR A CB    1 
ATOM   1410 O OG1   . THR A 1 180 ? -8.479  -9.305  10.362  1.00 17.75 ? 180 THR A OG1   1 
ATOM   1411 C CG2   . THR A 1 180 ? -7.895  -8.769  12.638  1.00 18.91 ? 180 THR A CG2   1 
ATOM   1412 N N     . ARG A 1 181 ? -5.146  -9.950  8.805   1.00 17.69 ? 181 ARG A N     1 
ATOM   1413 C CA    . ARG A 1 181 ? -4.842  -10.841 7.697   1.00 18.55 ? 181 ARG A CA    1 
ATOM   1414 C C     . ARG A 1 181 ? -3.441  -10.636 7.137   1.00 16.66 ? 181 ARG A C     1 
ATOM   1415 O O     . ARG A 1 181 ? -3.040  -9.508  6.856   1.00 16.06 ? 181 ARG A O     1 
ATOM   1416 C CB    . ARG A 1 181 ? -5.873  -10.647 6.579   1.00 21.03 ? 181 ARG A CB    1 
ATOM   1417 C CG    . ARG A 1 181 ? -5.611  -11.474 5.333   1.00 25.67 ? 181 ARG A CG    1 
ATOM   1418 C CD    . ARG A 1 181 ? -6.759  -11.363 4.343   1.00 29.00 ? 181 ARG A CD    1 
ATOM   1419 N NE    . ARG A 1 181 ? -6.501  -12.107 3.113   1.00 32.36 ? 181 ARG A NE    1 
ATOM   1420 C CZ    . ARG A 1 181 ? -6.317  -13.422 3.056   1.00 33.28 ? 181 ARG A CZ    1 
ATOM   1421 N NH1   . ARG A 1 181 ? -6.361  -14.152 4.163   1.00 34.74 ? 181 ARG A NH1   1 
ATOM   1422 N NH2   . ARG A 1 181 ? -6.091  -14.011 1.889   1.00 34.31 ? 181 ARG A NH2   1 
ATOM   1423 N N     . ASP A 1 182 ? -2.703  -11.737 6.998   1.00 14.20 ? 182 ASP A N     1 
ATOM   1424 C CA    . ASP A 1 182 ? -1.355  -11.725 6.423   1.00 12.83 ? 182 ASP A CA    1 
ATOM   1425 C C     . ASP A 1 182 ? -1.350  -12.790 5.341   1.00 11.20 ? 182 ASP A C     1 
ATOM   1426 O O     . ASP A 1 182 ? -2.019  -13.815 5.478   1.00 12.86 ? 182 ASP A O     1 
ATOM   1427 C CB    . ASP A 1 182 ? -0.272  -12.152 7.424   1.00 15.87 ? 182 ASP A CB    1 
ATOM   1428 C CG    . ASP A 1 182 ? -0.141  -11.230 8.607   1.00 19.26 ? 182 ASP A CG    1 
ATOM   1429 O OD1   . ASP A 1 182 ? 0.083   -10.018 8.407   1.00 15.96 ? 182 ASP A OD1   1 
ATOM   1430 O OD2   . ASP A 1 182 ? -0.240  -11.737 9.747   1.00 19.54 ? 182 ASP A OD2   1 
ATOM   1431 N N     . THR A 1 183 ? -0.602  -12.559 4.271   1.00 11.03 ? 183 THR A N     1 
ATOM   1432 C CA    . THR A 1 183 ? -0.479  -13.568 3.228   1.00 12.47 ? 183 THR A CA    1 
ATOM   1433 C C     . THR A 1 183 ? 0.981   -14.013 3.220   1.00 13.63 ? 183 THR A C     1 
ATOM   1434 O O     . THR A 1 183 ? 1.509   -14.454 2.202   1.00 16.06 ? 183 THR A O     1 
ATOM   1435 C CB    . THR A 1 183 ? -0.864  -13.036 1.838   1.00 12.68 ? 183 THR A CB    1 
ATOM   1436 O OG1   . THR A 1 183 ? -0.070  -11.888 1.524   1.00 12.51 ? 183 THR A OG1   1 
ATOM   1437 C CG2   . THR A 1 183 ? -2.345  -12.673 1.803   1.00 16.90 ? 183 THR A CG2   1 
ATOM   1438 N N     . CYS A 1 184 ? 1.627   -13.876 4.375   1.00 12.83 ? 184 CYS A N     1 
ATOM   1439 C CA    . CYS A 1 184 ? 3.021   -14.273 4.540   1.00 12.66 ? 184 CYS A CA    1 
ATOM   1440 C C     . CYS A 1 184 ? 3.138   -15.451 5.494   1.00 14.26 ? 184 CYS A C     1 
ATOM   1441 O O     . CYS A 1 184 ? 2.321   -15.612 6.406   1.00 13.59 ? 184 CYS A O     1 
ATOM   1442 C CB    . CYS A 1 184 ? 3.853   -13.132 5.122   1.00 12.91 ? 184 CYS A CB    1 
ATOM   1443 S SG    . CYS A 1 184 ? 4.098   -11.678 4.061   1.00 11.89 ? 184 CYS A SG    1 
ATOM   1444 N N     . GLY A 1 185 ? 4.164   -16.269 5.279   1.00 13.37 ? 185 GLY A N     1 
ATOM   1445 C CA    . GLY A 1 185 ? 4.408   -17.395 6.158   1.00 13.78 ? 185 GLY A CA    1 
ATOM   1446 C C     . GLY A 1 185 ? 5.229   -16.863 7.317   1.00 13.67 ? 185 GLY A C     1 
ATOM   1447 O O     . GLY A 1 185 ? 5.366   -15.649 7.469   1.00 13.13 ? 185 GLY A O     1 
ATOM   1448 N N     . ALA A 1 186 ? 5.790   -17.752 8.127   1.00 14.11 ? 186 ALA A N     1 
ATOM   1449 C CA    . ALA A 1 186 ? 6.581   -17.324 9.275   1.00 14.41 ? 186 ALA A CA    1 
ATOM   1450 C C     . ALA A 1 186 ? 7.816   -16.518 8.889   1.00 14.32 ? 186 ALA A C     1 
ATOM   1451 O O     . ALA A 1 186 ? 8.280   -15.677 9.660   1.00 14.38 ? 186 ALA A O     1 
ATOM   1452 C CB    . ALA A 1 186 ? 6.989   -18.539 10.105  1.00 15.31 ? 186 ALA A CB    1 
ATOM   1453 N N     . ASN A 1 187 ? 8.347   -16.781 7.700   1.00 14.07 ? 187 ASN A N     1 
ATOM   1454 C CA    . ASN A 1 187 ? 9.539   -16.087 7.226   1.00 15.07 ? 187 ASN A CA    1 
ATOM   1455 C C     . ASN A 1 187 ? 9.421   -15.709 5.756   1.00 14.24 ? 187 ASN A C     1 
ATOM   1456 O O     . ASN A 1 187 ? 8.629   -16.288 5.020   1.00 12.58 ? 187 ASN A O     1 
ATOM   1457 C CB    . ASN A 1 187 ? 10.774  -16.972 7.426   1.00 17.21 ? 187 ASN A CB    1 
ATOM   1458 C CG    . ASN A 1 187 ? 11.043  -17.277 8.889   1.00 18.90 ? 187 ASN A CG    1 
ATOM   1459 O OD1   . ASN A 1 187 ? 11.401  -16.391 9.666   1.00 20.26 ? 187 ASN A OD1   1 
ATOM   1460 N ND2   . ASN A 1 187 ? 10.866  -18.536 9.271   1.00 20.14 ? 187 ASN A ND2   1 
ATOM   1461 N N     . PHE A 1 188 ? 10.219  -14.733 5.341   1.00 13.42 ? 188 PHE A N     1 
ATOM   1462 C CA    . PHE A 1 188 ? 10.216  -14.267 3.958   1.00 13.60 ? 188 PHE A CA    1 
ATOM   1463 C C     . PHE A 1 188 ? 11.438  -13.399 3.704   1.00 13.98 ? 188 PHE A C     1 
ATOM   1464 O O     . PHE A 1 188 ? 12.101  -12.957 4.641   1.00 15.11 ? 188 PHE A O     1 
ATOM   1465 C CB    . PHE A 1 188 ? 8.940   -13.463 3.665   1.00 12.66 ? 188 PHE A CB    1 
ATOM   1466 C CG    . PHE A 1 188 ? 8.671   -12.358 4.656   1.00 11.23 ? 188 PHE A CG    1 
ATOM   1467 C CD1   . PHE A 1 188 ? 9.458   -11.210 4.678   1.00 11.23 ? 188 PHE A CD1   1 
ATOM   1468 C CD2   . PHE A 1 188 ? 7.634   -12.474 5.577   1.00 10.87 ? 188 PHE A CD2   1 
ATOM   1469 C CE1   . PHE A 1 188 ? 9.216   -10.194 5.603   1.00 11.39 ? 188 PHE A CE1   1 
ATOM   1470 C CE2   . PHE A 1 188 ? 7.387   -11.467 6.505   1.00 11.31 ? 188 PHE A CE2   1 
ATOM   1471 C CZ    . PHE A 1 188 ? 8.178   -10.327 6.517   1.00 10.27 ? 188 PHE A CZ    1 
ATOM   1472 N N     . ILE A 1 189 ? 11.735  -13.164 2.431   1.00 14.14 ? 189 ILE A N     1 
ATOM   1473 C CA    . ILE A 1 189 ? 12.873  -12.337 2.055   1.00 16.72 ? 189 ILE A CA    1 
ATOM   1474 C C     . ILE A 1 189 ? 12.470  -10.869 1.942   1.00 16.79 ? 189 ILE A C     1 
ATOM   1475 O O     . ILE A 1 189 ? 11.432  -10.542 1.368   1.00 16.36 ? 189 ILE A O     1 
ATOM   1476 C CB    . ILE A 1 189 ? 13.473  -12.775 0.694   1.00 18.08 ? 189 ILE A CB    1 
ATOM   1477 C CG1   . ILE A 1 189 ? 14.039  -14.193 0.797   1.00 18.91 ? 189 ILE A CG1   1 
ATOM   1478 C CG2   . ILE A 1 189 ? 14.565  -11.799 0.265   1.00 19.52 ? 189 ILE A CG2   1 
ATOM   1479 C CD1   . ILE A 1 189 ? 15.126  -14.349 1.855   1.00 22.01 ? 189 ILE A CD1   1 
ATOM   1480 N N     . PHE A 1 190 ? 13.300  -9.994  2.499   1.00 17.98 ? 190 PHE A N     1 
ATOM   1481 C CA    . PHE A 1 190 ? 13.072  -8.554  2.445   1.00 18.45 ? 190 PHE A CA    1 
ATOM   1482 C C     . PHE A 1 190 ? 14.416  -7.840  2.522   1.00 18.69 ? 190 PHE A C     1 
ATOM   1483 O O     . PHE A 1 190 ? 14.980  -7.767  3.632   1.00 20.62 ? 190 PHE A O     1 
ATOM   1484 C CB    . PHE A 1 190 ? 12.176  -8.090  3.596   1.00 16.62 ? 190 PHE A CB    1 
ATOM   1485 C CG    . PHE A 1 190 ? 11.866  -6.615  3.566   1.00 15.83 ? 190 PHE A CG    1 
ATOM   1486 C CD1   . PHE A 1 190 ? 11.293  -6.036  2.437   1.00 16.74 ? 190 PHE A CD1   1 
ATOM   1487 C CD2   . PHE A 1 190 ? 12.145  -5.809  4.663   1.00 16.53 ? 190 PHE A CD2   1 
ATOM   1488 C CE1   . PHE A 1 190 ? 11.003  -4.671  2.401   1.00 16.36 ? 190 PHE A CE1   1 
ATOM   1489 C CE2   . PHE A 1 190 ? 11.857  -4.440  4.639   1.00 16.92 ? 190 PHE A CE2   1 
ATOM   1490 C CZ    . PHE A 1 190 ? 11.286  -3.873  3.504   1.00 16.24 ? 190 PHE A CZ    1 
ATOM   1491 O OXT   . PHE A 1 190 ? 14.891  -7.379  1.466   1.00 21.03 ? 190 PHE A OXT   1 
HETATM 1492 P P     . 5GP B 2 .   ? -6.105  -3.303  -7.949  1.00 21.43 ? 295 5GP A P     1 
HETATM 1493 O O1P   . 5GP B 2 .   ? -5.599  -2.171  -7.157  1.00 24.29 ? 295 5GP A O1P   1 
HETATM 1494 O O2P   . 5GP B 2 .   ? -5.576  -4.641  -7.469  1.00 24.79 ? 295 5GP A O2P   1 
HETATM 1495 O O3P   . 5GP B 2 .   ? -7.662  -3.310  -7.976  1.00 27.77 ? 295 5GP A O3P   1 
HETATM 1496 O "O5'" . 5GP B 2 .   ? -5.704  -3.181  -9.505  1.00 26.44 ? 295 5GP A "O5'" 1 
HETATM 1497 C "C5'" . 5GP B 2 .   ? -4.328  -3.175  -9.913  1.00 26.86 ? 295 5GP A "C5'" 1 
HETATM 1498 C "C4'" . 5GP B 2 .   ? -4.140  -3.055  -11.418 1.00 26.71 ? 295 5GP A "C4'" 1 
HETATM 1499 O "O4'" . 5GP B 2 .   ? -3.557  -1.709  -11.599 1.00 24.90 ? 295 5GP A "O4'" 1 
HETATM 1500 C "C3'" . 5GP B 2 .   ? -3.153  -4.011  -12.083 1.00 28.13 ? 295 5GP A "C3'" 1 
HETATM 1501 O "O3'" . 5GP B 2 .   ? -3.777  -5.124  -12.702 1.00 31.71 ? 295 5GP A "O3'" 1 
HETATM 1502 C "C2'" . 5GP B 2 .   ? -2.389  -3.189  -13.112 1.00 26.40 ? 295 5GP A "C2'" 1 
HETATM 1503 O "O2'" . 5GP B 2 .   ? -2.921  -3.346  -14.444 1.00 30.61 ? 295 5GP A "O2'" 1 
HETATM 1504 C "C1'" . 5GP B 2 .   ? -2.511  -1.761  -12.598 1.00 23.50 ? 295 5GP A "C1'" 1 
HETATM 1505 N N9    . 5GP B 2 .   ? -1.291  -1.103  -12.054 1.00 19.66 ? 295 5GP A N9    1 
HETATM 1506 C C8    . 5GP B 2 .   ? -0.571  -0.051  -12.558 1.00 17.10 ? 295 5GP A C8    1 
HETATM 1507 N N7    . 5GP B 2 .   ? 0.459   0.324   -11.839 1.00 15.35 ? 295 5GP A N7    1 
HETATM 1508 C C5    . 5GP B 2 .   ? 0.409   -0.574  -10.754 1.00 14.75 ? 295 5GP A C5    1 
HETATM 1509 C C6    . 5GP B 2 .   ? 1.293   -0.652  -9.628  1.00 15.40 ? 295 5GP A C6    1 
HETATM 1510 O O6    . 5GP B 2 .   ? 2.263   0.048   -9.387  1.00 14.05 ? 295 5GP A O6    1 
HETATM 1511 N N1    . 5GP B 2 .   ? 0.916   -1.699  -8.735  1.00 13.70 ? 295 5GP A N1    1 
HETATM 1512 C C2    . 5GP B 2 .   ? -0.179  -2.538  -8.937  1.00 15.98 ? 295 5GP A C2    1 
HETATM 1513 N N2    . 5GP B 2 .   ? -0.350  -3.458  -7.963  1.00 14.54 ? 295 5GP A N2    1 
HETATM 1514 N N3    . 5GP B 2 .   ? -1.018  -2.466  -10.001 1.00 14.40 ? 295 5GP A N3    1 
HETATM 1515 C C4    . 5GP B 2 .   ? -0.654  -1.454  -10.869 1.00 15.78 ? 295 5GP A C4    1 
HETATM 1516 P P     . 5GP C 2 .   ? 7.253   20.344  -3.458  1.00 53.14 ? 296 5GP A P     1 
HETATM 1517 O O1P   . 5GP C 2 .   ? 7.247   21.006  -2.141  1.00 53.09 ? 296 5GP A O1P   1 
HETATM 1518 O O2P   . 5GP C 2 .   ? 5.877   19.873  -3.892  1.00 52.61 ? 296 5GP A O2P   1 
HETATM 1519 O O3P   . 5GP C 2 .   ? 7.884   21.267  -4.557  1.00 52.55 ? 296 5GP A O3P   1 
HETATM 1520 O "O5'" . 5GP C 2 .   ? 8.205   19.034  -3.465  1.00 50.69 ? 296 5GP A "O5'" 1 
HETATM 1521 C "C5'" . 5GP C 2 .   ? 9.565   19.106  -2.993  1.00 47.83 ? 296 5GP A "C5'" 1 
HETATM 1522 C "C4'" . 5GP C 2 .   ? 10.330  17.780  -3.069  1.00 45.13 ? 296 5GP A "C4'" 1 
HETATM 1523 O "O4'" . 5GP C 2 .   ? 9.651   16.852  -2.134  1.00 43.49 ? 296 5GP A "O4'" 1 
HETATM 1524 C "C3'" . 5GP C 2 .   ? 10.383  17.018  -4.397  1.00 44.01 ? 296 5GP A "C3'" 1 
HETATM 1525 O "O3'" . 5GP C 2 .   ? 11.597  16.306  -4.583  1.00 44.13 ? 296 5GP A "O3'" 1 
HETATM 1526 C "C2'" . 5GP C 2 .   ? 9.195   16.057  -4.372  1.00 42.90 ? 296 5GP A "C2'" 1 
HETATM 1527 O "O2'" . 5GP C 2 .   ? 9.451   14.842  -5.111  1.00 40.82 ? 296 5GP A "O2'" 1 
HETATM 1528 C "C1'" . 5GP C 2 .   ? 8.978   15.809  -2.886  1.00 42.15 ? 296 5GP A "C1'" 1 
HETATM 1529 N N9    . 5GP C 2 .   ? 7.599   15.627  -2.366  1.00 40.60 ? 296 5GP A N9    1 
HETATM 1530 C C8    . 5GP C 2 .   ? 6.439   16.293  -2.688  1.00 39.38 ? 296 5GP A C8    1 
HETATM 1531 N N7    . 5GP C 2 .   ? 5.419   16.061  -1.899  1.00 38.74 ? 296 5GP A N7    1 
HETATM 1532 C C5    . 5GP C 2 .   ? 5.964   15.149  -0.967  1.00 38.19 ? 296 5GP A C5    1 
HETATM 1533 C C6    . 5GP C 2 .   ? 5.315   14.530  0.153   1.00 37.42 ? 296 5GP A C6    1 
HETATM 1534 O O6    . 5GP C 2 .   ? 4.155   14.669  0.522   1.00 35.81 ? 296 5GP A O6    1 
HETATM 1535 N N1    . 5GP C 2 .   ? 6.204   13.664  0.865   1.00 36.48 ? 296 5GP A N1    1 
HETATM 1536 C C2    . 5GP C 2 .   ? 7.537   13.452  0.510   1.00 37.56 ? 296 5GP A C2    1 
HETATM 1537 N N2    . 5GP C 2 .   ? 8.191   12.593  1.325   1.00 36.51 ? 296 5GP A N2    1 
HETATM 1538 N N3    . 5GP C 2 .   ? 8.154   14.034  -0.546  1.00 38.30 ? 296 5GP A N3    1 
HETATM 1539 C C4    . 5GP C 2 .   ? 7.295   14.876  -1.240  1.00 39.29 ? 296 5GP A C4    1 
HETATM 1540 O O     . HOH D 3 .   ? 0.702   0.783   4.480   1.00 7.16  ? 297 HOH A O     1 
HETATM 1541 O O     . HOH D 3 .   ? -0.047  -0.570  11.787  1.00 10.21 ? 298 HOH A O     1 
HETATM 1542 O O     . HOH D 3 .   ? 3.088   3.392   -5.996  1.00 7.98  ? 299 HOH A O     1 
HETATM 1543 O O     . HOH D 3 .   ? -7.145  2.746   -4.047  1.00 7.61  ? 300 HOH A O     1 
HETATM 1544 O O     . HOH D 3 .   ? -13.553 8.216   -1.297  1.00 8.14  ? 301 HOH A O     1 
HETATM 1545 O O     . HOH D 3 .   ? -2.768  -1.436  11.167  1.00 7.78  ? 302 HOH A O     1 
HETATM 1546 O O     . HOH D 3 .   ? 6.271   3.831   3.994   1.00 7.17  ? 303 HOH A O     1 
HETATM 1547 O O     . HOH D 3 .   ? -7.244  -7.019  8.030   1.00 8.01  ? 304 HOH A O     1 
HETATM 1548 O O     . HOH D 3 .   ? 4.497   -15.992 -0.539  1.00 12.04 ? 305 HOH A O     1 
HETATM 1549 O O     . HOH D 3 .   ? -8.455  13.939  3.574   1.00 13.23 ? 306 HOH A O     1 
HETATM 1550 O O     . HOH D 3 .   ? -11.734 -1.400  -1.866  1.00 13.39 ? 307 HOH A O     1 
HETATM 1551 O O     . HOH D 3 .   ? 2.971   -13.478 13.136  1.00 13.41 ? 308 HOH A O     1 
HETATM 1552 O O     . HOH D 3 .   ? 12.584  -4.871  -14.412 1.00 13.18 ? 309 HOH A O     1 
HETATM 1553 O O     . HOH D 3 .   ? 1.466   -4.051  -5.689  1.00 14.65 ? 310 HOH A O     1 
HETATM 1554 O O     . HOH D 3 .   ? 10.790  -8.590  -0.615  1.00 12.20 ? 311 HOH A O     1 
HETATM 1555 O O     . HOH D 3 .   ? 7.541   -15.264 12.368  1.00 14.74 ? 312 HOH A O     1 
HETATM 1556 O O     . HOH D 3 .   ? 13.451  -13.645 -17.231 1.00 16.40 ? 313 HOH A O     1 
HETATM 1557 O O     . HOH D 3 .   ? 6.285   -16.303 3.618   1.00 13.84 ? 314 HOH A O     1 
HETATM 1558 O O     . HOH D 3 .   ? 10.481  -6.462  -15.610 1.00 16.63 ? 315 HOH A O     1 
HETATM 1559 O O     . HOH D 3 .   ? 9.378   -7.233  16.814  1.00 19.46 ? 316 HOH A O     1 
HETATM 1560 O O     . HOH D 3 .   ? 13.948  -14.368 -11.335 1.00 18.10 ? 317 HOH A O     1 
HETATM 1561 O O     . HOH D 3 .   ? 4.236   -7.840  -10.195 1.00 20.01 ? 318 HOH A O     1 
HETATM 1562 O O     . HOH D 3 .   ? -2.432  -6.362  -4.134  1.00 14.09 ? 319 HOH A O     1 
HETATM 1563 O O     . HOH D 3 .   ? -13.267 16.291  -4.907  1.00 11.80 ? 320 HOH A O     1 
HETATM 1564 O O     . HOH D 3 .   ? 9.125   3.305   3.608   1.00 17.20 ? 321 HOH A O     1 
HETATM 1565 O O     . HOH D 3 .   ? -14.553 12.496  -8.767  1.00 19.70 ? 322 HOH A O     1 
HETATM 1566 O O     . HOH D 3 .   ? 0.986   14.749  4.458   1.00 18.31 ? 323 HOH A O     1 
HETATM 1567 O O     . HOH D 3 .   ? -0.649  -11.582 -1.218  1.00 22.09 ? 324 HOH A O     1 
HETATM 1568 O O     . HOH D 3 .   ? -7.359  -4.908  18.253  1.00 19.63 ? 325 HOH A O     1 
HETATM 1569 O O     . HOH D 3 .   ? 2.269   -16.223 -4.205  1.00 20.28 ? 326 HOH A O     1 
HETATM 1570 O O     . HOH D 3 .   ? 4.344   -9.611  16.059  1.00 17.42 ? 327 HOH A O     1 
HETATM 1571 O O     . HOH D 3 .   ? -6.101  13.667  5.463   1.00 16.51 ? 328 HOH A O     1 
HETATM 1572 O O     . HOH D 3 .   ? -16.966 2.485   -9.811  1.00 21.03 ? 329 HOH A O     1 
HETATM 1573 O O     . HOH D 3 .   ? 12.821  -5.905  -9.640  1.00 17.55 ? 330 HOH A O     1 
HETATM 1574 O O     . HOH D 3 .   ? -9.687  13.314  -15.502 1.00 17.34 ? 331 HOH A O     1 
HETATM 1575 O O     . HOH D 3 .   ? 13.657  -10.675 11.525  1.00 21.44 ? 332 HOH A O     1 
HETATM 1576 O O     . HOH D 3 .   ? -4.991  3.769   16.934  1.00 15.90 ? 333 HOH A O     1 
HETATM 1577 O O     . HOH D 3 .   ? 20.387  0.594   15.181  1.00 17.00 ? 334 HOH A O     1 
HETATM 1578 O O     . HOH D 3 .   ? -2.078  3.267   17.491  1.00 28.08 ? 335 HOH A O     1 
HETATM 1579 O O     . HOH D 3 .   ? -19.512 5.605   0.271   1.00 20.11 ? 336 HOH A O     1 
HETATM 1580 O O     . HOH D 3 .   ? 1.464   19.158  -5.655  1.00 20.57 ? 337 HOH A O     1 
HETATM 1581 O O     . HOH D 3 .   ? -13.838 -5.146  7.261   1.00 23.66 ? 338 HOH A O     1 
HETATM 1582 O O     . HOH D 3 .   ? -14.614 1.784   12.251  1.00 26.34 ? 339 HOH A O     1 
HETATM 1583 O O     . HOH D 3 .   ? -0.021  10.355  -15.976 1.00 21.48 ? 340 HOH A O     1 
HETATM 1584 O O     . HOH D 3 .   ? -4.349  -8.310  -0.127  1.00 20.70 ? 341 HOH A O     1 
HETATM 1585 O O     . HOH D 3 .   ? -8.941  -4.586  14.580  1.00 20.33 ? 342 HOH A O     1 
HETATM 1586 O O     . HOH D 3 .   ? -15.738 13.229  -5.706  1.00 18.04 ? 343 HOH A O     1 
HETATM 1587 O O     . HOH D 3 .   ? -16.430 13.755  -11.703 1.00 26.01 ? 344 HOH A O     1 
HETATM 1588 O O     . HOH D 3 .   ? -7.307  21.134  -7.392  1.00 24.37 ? 345 HOH A O     1 
HETATM 1589 O O     . HOH D 3 .   ? -2.033  -8.796  10.633  1.00 16.67 ? 346 HOH A O     1 
HETATM 1590 O O     . HOH D 3 .   ? 8.477   5.448   10.841  1.00 19.00 ? 347 HOH A O     1 
HETATM 1591 O O     . HOH D 3 .   ? 13.324  -11.485 -10.612 1.00 23.74 ? 348 HOH A O     1 
HETATM 1592 O O     . HOH D 3 .   ? 1.962   11.818  -13.919 1.00 24.91 ? 349 HOH A O     1 
HETATM 1593 O O     . HOH D 3 .   ? -15.894 6.307   -11.270 1.00 22.49 ? 350 HOH A O     1 
HETATM 1594 O O     . HOH D 3 .   ? 3.525   8.563   12.422  1.00 32.21 ? 351 HOH A O     1 
HETATM 1595 O O     . HOH D 3 .   ? 13.010  -23.679 -10.613 1.00 17.70 ? 352 HOH A O     1 
HETATM 1596 O O     . HOH D 3 .   ? 6.031   7.224   10.091  1.00 22.15 ? 353 HOH A O     1 
HETATM 1597 O O     . HOH D 3 .   ? 3.293   -8.783  -6.055  1.00 28.06 ? 354 HOH A O     1 
HETATM 1598 O O     . HOH D 3 .   ? -4.570  -6.769  6.277   1.00 19.53 ? 355 HOH A O     1 
HETATM 1599 O O     . HOH D 3 .   ? -23.073 4.134   -5.102  1.00 21.30 ? 356 HOH A O     1 
HETATM 1600 O O     . HOH D 3 .   ? 15.961  1.162   0.372   1.00 26.82 ? 357 HOH A O     1 
HETATM 1601 O O     . HOH D 3 .   ? -13.201 -1.840  11.690  1.00 21.66 ? 358 HOH A O     1 
HETATM 1602 O O     . HOH D 3 .   ? 8.793   -3.331  -21.830 1.00 34.22 ? 359 HOH A O     1 
HETATM 1603 O O     . HOH D 3 .   ? 3.803   -15.533 -7.907  1.00 29.57 ? 360 HOH A O     1 
HETATM 1604 O O     . HOH D 3 .   ? 0.513   6.188   11.076  1.00 25.98 ? 361 HOH A O     1 
HETATM 1605 O O     . HOH D 3 .   ? -12.253 5.978   15.370  1.00 32.38 ? 362 HOH A O     1 
HETATM 1606 O O     . HOH D 3 .   ? -11.187 -6.066  5.714   1.00 22.04 ? 363 HOH A O     1 
HETATM 1607 O O     . HOH D 3 .   ? 5.368   -4.898  19.354  1.00 24.35 ? 364 HOH A O     1 
HETATM 1608 O O     . HOH D 3 .   ? -13.709 7.767   -14.533 1.00 24.44 ? 365 HOH A O     1 
HETATM 1609 O O     . HOH D 3 .   ? 10.826  -12.822 -7.421  1.00 17.91 ? 366 HOH A O     1 
HETATM 1610 O O     . HOH D 3 .   ? 13.139  7.331   6.668   1.00 29.25 ? 367 HOH A O     1 
HETATM 1611 O O     . HOH D 3 .   ? -16.069 7.608   6.631   1.00 32.89 ? 368 HOH A O     1 
HETATM 1612 O O     . HOH D 3 .   ? 9.556   8.042   3.529   1.00 38.53 ? 369 HOH A O     1 
HETATM 1613 O O     . HOH D 3 .   ? 7.155   -12.621 -16.063 1.00 26.23 ? 370 HOH A O     1 
HETATM 1614 O O     . HOH D 3 .   ? -9.783  -10.081 4.252   1.00 32.19 ? 371 HOH A O     1 
HETATM 1615 O O     . HOH D 3 .   ? -14.174 5.550   12.847  1.00 27.08 ? 372 HOH A O     1 
HETATM 1616 O O     . HOH D 3 .   ? 18.299  -5.973  7.812   1.00 27.38 ? 373 HOH A O     1 
HETATM 1617 O O     . HOH D 3 .   ? -5.236  9.937   7.780   1.00 34.07 ? 374 HOH A O     1 
HETATM 1618 O O     . HOH D 3 .   ? 6.471   -17.163 18.708  1.00 22.57 ? 375 HOH A O     1 
HETATM 1619 O O     . HOH D 3 .   ? 16.018  -4.364  -9.352  1.00 24.62 ? 376 HOH A O     1 
HETATM 1620 O O     . HOH D 3 .   ? -18.022 -4.700  -3.420  1.00 23.47 ? 377 HOH A O     1 
HETATM 1621 O O     . HOH D 3 .   ? 14.246  -16.460 -5.564  1.00 27.29 ? 378 HOH A O     1 
HETATM 1622 O O     . HOH D 3 .   ? 17.952  -1.925  9.345   1.00 25.23 ? 379 HOH A O     1 
HETATM 1623 O O     . HOH D 3 .   ? 8.249   -17.848 16.076  1.00 42.65 ? 380 HOH A O     1 
HETATM 1624 O O     . HOH D 3 .   ? 0.721   14.745  -13.087 1.00 33.64 ? 381 HOH A O     1 
HETATM 1625 O O     . HOH D 3 .   ? -3.528  -14.276 8.317   1.00 29.44 ? 382 HOH A O     1 
HETATM 1626 O O     . HOH D 3 .   ? -2.008  -7.032  -10.728 1.00 37.18 ? 383 HOH A O     1 
HETATM 1627 O O     . HOH D 3 .   ? -17.652 -5.222  -6.542  1.00 30.57 ? 384 HOH A O     1 
HETATM 1628 O O     . HOH D 3 .   ? 7.100   -14.161 -11.619 1.00 23.80 ? 385 HOH A O     1 
HETATM 1629 O O     . HOH D 3 .   ? -18.125 6.480   3.327   1.00 26.66 ? 386 HOH A O     1 
HETATM 1630 O O     . HOH D 3 .   ? -9.631  8.558   -16.328 1.00 26.52 ? 387 HOH A O     1 
HETATM 1631 O O     . HOH D 3 .   ? -2.532  -5.559  -8.059  1.00 36.01 ? 388 HOH A O     1 
HETATM 1632 O O     . HOH D 3 .   ? -0.622  6.854   8.342   1.00 23.94 ? 389 HOH A O     1 
HETATM 1633 O O     . HOH D 3 .   ? -9.845  -3.789  7.565   1.00 23.25 ? 390 HOH A O     1 
HETATM 1634 O O     . HOH D 3 .   ? -19.730 1.598   0.065   1.00 29.88 ? 391 HOH A O     1 
HETATM 1635 O O     . HOH D 3 .   ? -11.595 10.943  -16.619 1.00 44.06 ? 392 HOH A O     1 
HETATM 1636 O O     . HOH D 3 .   ? 6.403   9.365   -10.777 1.00 28.96 ? 393 HOH A O     1 
HETATM 1637 O O     . HOH D 3 .   ? -4.330  6.285   15.181  1.00 25.54 ? 394 HOH A O     1 
HETATM 1638 O O     . HOH D 3 .   ? 5.486   -4.633  -15.584 1.00 30.84 ? 395 HOH A O     1 
HETATM 1639 O O     . HOH D 3 .   ? -6.767  11.567  -16.386 1.00 44.87 ? 396 HOH A O     1 
HETATM 1640 O O     . HOH D 3 .   ? -7.674  9.748   14.820  1.00 29.30 ? 397 HOH A O     1 
HETATM 1641 O O     . HOH D 3 .   ? 15.699  3.815   3.037   1.00 27.65 ? 398 HOH A O     1 
HETATM 1642 O O     . HOH D 3 .   ? 6.716   10.009  9.157   1.00 36.13 ? 399 HOH A O     1 
HETATM 1643 O O     . HOH D 3 .   ? 7.938   -19.407 5.969   1.00 26.98 ? 400 HOH A O     1 
HETATM 1644 O O     . HOH D 3 .   ? 5.141   -20.539 7.702   1.00 24.35 ? 401 HOH A O     1 
HETATM 1645 O O     . HOH D 3 .   ? -1.139  20.996  -2.057  1.00 31.50 ? 402 HOH A O     1 
HETATM 1646 O O     . HOH D 3 .   ? -0.157  -10.952 14.708  1.00 32.33 ? 403 HOH A O     1 
HETATM 1647 O O     . HOH D 3 .   ? 3.932   6.597   15.179  1.00 29.98 ? 404 HOH A O     1 
HETATM 1648 O O     . HOH D 3 .   ? 11.293  2.404   14.999  1.00 36.00 ? 405 HOH A O     1 
HETATM 1649 O O     . HOH D 3 .   ? -14.396 13.332  -15.514 1.00 38.16 ? 406 HOH A O     1 
HETATM 1650 O O     . HOH D 3 .   ? -4.758  14.322  -17.965 1.00 38.85 ? 407 HOH A O     1 
HETATM 1651 O O     . HOH D 3 .   ? 16.502  -8.452  10.494  1.00 46.27 ? 408 HOH A O     1 
HETATM 1652 O O     . HOH D 3 .   ? 10.885  -18.158 1.411   1.00 29.02 ? 409 HOH A O     1 
HETATM 1653 O O     . HOH D 3 .   ? -0.415  -8.558  -2.230  1.00 34.59 ? 410 HOH A O     1 
HETATM 1654 O O     . HOH D 3 .   ? -3.333  17.045  6.533   1.00 32.73 ? 411 HOH A O     1 
HETATM 1655 O O     . HOH D 3 .   ? 10.798  -16.740 12.368  1.00 32.19 ? 412 HOH A O     1 
HETATM 1656 O O     . HOH D 3 .   ? 12.217  -10.245 -13.334 1.00 45.38 ? 413 HOH A O     1 
HETATM 1657 O O     . HOH D 3 .   ? -2.043  -3.792  19.052  1.00 51.25 ? 414 HOH A O     1 
HETATM 1658 O O     . HOH D 3 .   ? 4.104   -14.663 -10.870 1.00 25.67 ? 415 HOH A O     1 
HETATM 1659 O O     . HOH D 3 .   ? 5.391   1.304   21.511  1.00 34.39 ? 416 HOH A O     1 
HETATM 1660 O O     . HOH D 3 .   ? 3.541   -20.204 -1.047  1.00 37.61 ? 417 HOH A O     1 
HETATM 1661 O O     . HOH D 3 .   ? -18.585 14.885  -8.314  1.00 31.09 ? 418 HOH A O     1 
HETATM 1662 O O     . HOH D 3 .   ? -18.690 -3.438  10.787  1.00 27.61 ? 419 HOH A O     1 
HETATM 1663 O O     . HOH D 3 .   ? -22.554 -4.707  7.593   1.00 30.63 ? 420 HOH A O     1 
HETATM 1664 O O     . HOH D 3 .   ? -11.239 5.062   -14.381 1.00 45.05 ? 421 HOH A O     1 
HETATM 1665 O O     . HOH D 3 .   ? 3.655   -12.960 18.232  1.00 38.64 ? 422 HOH A O     1 
HETATM 1666 O O     . HOH D 3 .   ? 18.631  2.311   -7.062  1.00 40.85 ? 423 HOH A O     1 
HETATM 1667 O O     . HOH D 3 .   ? 0.270   5.779   14.813  1.00 32.93 ? 424 HOH A O     1 
HETATM 1668 O O     . HOH D 3 .   ? 4.288   -21.525 -6.961  1.00 38.01 ? 425 HOH A O     1 
HETATM 1669 O O     . HOH D 3 .   ? -20.720 3.033   5.985   1.00 39.64 ? 426 HOH A O     1 
HETATM 1670 O O     . HOH D 3 .   ? 5.861   7.908   -14.928 1.00 37.62 ? 427 HOH A O     1 
HETATM 1671 O O     . HOH D 3 .   ? -0.416  -15.966 7.159   1.00 41.69 ? 428 HOH A O     1 
HETATM 1672 O O     . HOH D 3 .   ? -20.158 6.495   -4.281  1.00 26.36 ? 429 HOH A O     1 
HETATM 1673 O O     . HOH D 3 .   ? -0.509  -6.213  -13.672 1.00 38.64 ? 430 HOH A O     1 
HETATM 1674 O O     . HOH D 3 .   ? 11.482  5.532   3.849   1.00 49.34 ? 431 HOH A O     1 
HETATM 1675 O O     . HOH D 3 .   ? 10.500  -20.705 7.248   1.00 38.95 ? 432 HOH A O     1 
HETATM 1676 O O     . HOH D 3 .   ? -19.030 7.077   -13.041 1.00 30.56 ? 433 HOH A O     1 
HETATM 1677 O O     . HOH D 3 .   ? 16.403  -2.656  -3.809  1.00 39.52 ? 434 HOH A O     1 
HETATM 1678 O O     . HOH D 3 .   ? -9.889  11.884  8.289   1.00 27.11 ? 435 HOH A O     1 
HETATM 1679 O O     . HOH D 3 .   ? -7.435  3.774   -15.880 1.00 32.41 ? 436 HOH A O     1 
HETATM 1680 O O     . HOH D 3 .   ? 4.366   -16.397 13.727  1.00 55.40 ? 437 HOH A O     1 
HETATM 1681 O O     . HOH D 3 .   ? 7.272   -21.317 -0.470  1.00 29.82 ? 438 HOH A O     1 
HETATM 1682 O O     . HOH D 3 .   ? -5.013  -3.273  19.931  1.00 37.36 ? 439 HOH A O     1 
HETATM 1683 O O     . HOH D 3 .   ? 2.453   -6.834  -14.490 1.00 51.07 ? 440 HOH A O     1 
HETATM 1684 O O     . HOH D 3 .   ? -0.427  -14.425 10.003  1.00 23.39 ? 441 HOH A O     1 
HETATM 1685 O O     . HOH D 3 .   ? 6.763   9.389   13.682  1.00 47.86 ? 442 HOH A O     1 
HETATM 1686 O O     . HOH D 3 .   ? 16.368  4.543   -10.032 1.00 43.98 ? 443 HOH A O     1 
HETATM 1687 O O     . HOH D 3 .   ? -14.852 18.874  -14.173 1.00 43.88 ? 444 HOH A O     1 
HETATM 1688 O O     . HOH D 3 .   ? -2.490  9.084   9.218   1.00 18.58 ? 445 HOH A O     1 
HETATM 1689 O O     . HOH D 3 .   ? 1.023   -10.095 -4.468  1.00 28.03 ? 446 HOH A O     1 
HETATM 1690 O O     . HOH D 3 .   ? 13.779  -12.820 -7.949  1.00 22.58 ? 447 HOH A O     1 
HETATM 1691 O O     . HOH D 3 .   ? 2.477   -11.829 15.509  1.00 21.12 ? 448 HOH A O     1 
HETATM 1692 O O     . HOH D 3 .   ? 8.663   7.642   -9.505  1.00 22.19 ? 449 HOH A O     1 
HETATM 1693 O O     . HOH D 3 .   ? 13.172  7.985   10.040  1.00 32.43 ? 450 HOH A O     1 
HETATM 1694 O O     . HOH D 3 .   ? -9.723  -8.400  6.853   1.00 27.85 ? 451 HOH A O     1 
HETATM 1695 O O     . HOH D 3 .   ? -16.302 9.716   8.944   1.00 39.84 ? 452 HOH A O     1 
HETATM 1696 O O     . HOH D 3 .   ? 15.574  -0.665  -6.234  1.00 27.16 ? 453 HOH A O     1 
HETATM 1697 O O     . HOH D 3 .   ? 7.742   4.972   -11.573 1.00 31.96 ? 454 HOH A O     1 
HETATM 1698 O O     . HOH D 3 .   ? 1.536   -6.662  -7.079  1.00 21.87 ? 455 HOH A O     1 
HETATM 1699 O O     . HOH D 3 .   ? 14.983  5.311   10.863  1.00 33.90 ? 456 HOH A O     1 
HETATM 1700 O O     . HOH D 3 .   ? 7.835   -9.497  18.206  1.00 36.77 ? 457 HOH A O     1 
HETATM 1701 O O     . HOH D 3 .   ? 1.412   17.289  2.707   1.00 33.67 ? 458 HOH A O     1 
HETATM 1702 O O     . HOH D 3 .   ? -16.579 20.957  -12.481 1.00 31.97 ? 459 HOH A O     1 
HETATM 1703 O O     . HOH D 3 .   ? -5.750  8.518   -17.581 1.00 39.81 ? 460 HOH A O     1 
HETATM 1704 O O     . HOH D 3 .   ? -9.598  1.113   -15.081 1.00 46.79 ? 461 HOH A O     1 
HETATM 1705 O O     . HOH D 3 .   ? 2.810   -10.355 -12.130 1.00 50.38 ? 462 HOH A O     1 
HETATM 1706 O O     . HOH D 3 .   ? -9.203  -5.335  -3.651  1.00 32.93 ? 463 HOH A O     1 
HETATM 1707 O O     . HOH D 3 .   ? -8.344  -8.560  -0.784  1.00 37.57 ? 464 HOH A O     1 
HETATM 1708 O O     . HOH D 3 .   ? -10.814 -7.245  -6.612  1.00 41.91 ? 465 HOH A O     1 
HETATM 1709 O O     . HOH D 3 .   ? 14.661  -10.010 -6.181  1.00 32.43 ? 466 HOH A O     1 
HETATM 1710 O O     . HOH D 3 .   ? 13.955  -16.549 -9.111  1.00 37.54 ? 467 HOH A O     1 
HETATM 1711 O O     . HOH D 3 .   ? -21.791 -0.366  5.454   1.00 43.95 ? 468 HOH A O     1 
HETATM 1712 O O     . HOH D 3 .   ? 1.251   -6.892  -10.226 1.00 46.51 ? 469 HOH A O     1 
HETATM 1713 O O     . HOH D 3 .   ? -20.710 -0.340  -10.569 1.00 35.14 ? 470 HOH A O     1 
HETATM 1714 O O     . HOH D 3 .   ? -3.115  -6.760  18.966  1.00 29.80 ? 471 HOH A O     1 
HETATM 1715 O O     . HOH D 3 .   ? 10.309  7.834   11.608  1.00 44.98 ? 472 HOH A O     1 
HETATM 1716 O O     . HOH D 3 .   ? -9.594  -13.246 5.135   1.00 38.30 ? 473 HOH A O     1 
HETATM 1717 O O     . HOH D 3 .   ? -5.789  -1.472  -14.417 1.00 41.04 ? 474 HOH A O     1 
HETATM 1718 O O     . HOH D 3 .   ? -10.907 -5.606  12.382  1.00 37.77 ? 475 HOH A O     1 
HETATM 1719 O O     . HOH D 3 .   ? 17.026  -16.689 -3.853  1.00 31.01 ? 476 HOH A O     1 
HETATM 1720 O O     . HOH D 3 .   ? 9.491   -0.156  16.275  1.00 39.47 ? 477 HOH A O     1 
HETATM 1721 O O     . HOH D 3 .   ? 1.287   -19.683 5.671   1.00 35.89 ? 478 HOH A O     1 
HETATM 1722 O O     . HOH D 3 .   ? 4.736   -8.773  18.934  1.00 35.89 ? 479 HOH A O     1 
HETATM 1723 O O     . HOH D 3 .   ? -6.856  3.907   19.390  1.00 38.29 ? 480 HOH A O     1 
HETATM 1724 O O     . HOH D 3 .   ? 12.454  3.507   -12.538 1.00 33.08 ? 481 HOH A O     1 
HETATM 1725 O O     . HOH D 3 .   ? 1.181   14.393  7.548   1.00 36.32 ? 482 HOH A O     1 
# 
